data_6F95
#
_entry.id   6F95
#
_cell.length_a   1.0
_cell.length_b   1.0
_cell.length_c   1.0
_cell.angle_alpha   90.00
_cell.angle_beta   90.00
_cell.angle_gamma   90.00
#
_symmetry.space_group_name_H-M   'P 1'
#
loop_
_entity.id
_entity.type
_entity.pdbx_description
1 polymer AlfA
2 non-polymer 'MAGNESIUM ION'
3 non-polymer "ADENOSINE-5'-DIPHOSPHATE"
#
_entity_poly.entity_id   1
_entity_poly.type   'polypeptide(L)'
_entity_poly.pdbx_seq_one_letter_code
;GSHMTLTTVIDIGNFSTKYAYKDAAQIKVGSFPSILHSYKPLEDYEGMERVEYNGLDYYVGETVKNFYFGREEQMYFGNT
RKGHMEGQIRLVYALYTIFKETGAAEFNLILTCPYESMVTDKKYFVQHFEGEREVIVEGKSFKFTVHNIVMAAEGLGALN
FSDSLNCVIVDAGSKTLNVLYLINGSISKMDSHTINGGTIDNSIMDLAKTFAKTCSNIDYDYPIVCTGGKAEEMKECLEN
VGYSTVSSAELGEDKPSYYVNSVGLLLKYGRKFEEMFA
;
_entity_poly.pdbx_strand_id   A,B,C,D,E
#
loop_
_chem_comp.id
_chem_comp.type
_chem_comp.name
_chem_comp.formula
ADP non-polymer ADENOSINE-5'-DIPHOSPHATE 'C10 H15 N5 O10 P2'
MG non-polymer 'MAGNESIUM ION' 'Mg 2'
#
# COMPACT_ATOMS: atom_id res chain seq x y z
N THR A 5 35.24 35.00 -4.65
CA THR A 5 34.65 33.78 -5.19
C THR A 5 33.22 33.62 -4.72
N LEU A 6 32.30 33.53 -5.66
CA LEU A 6 30.87 33.49 -5.37
C LEU A 6 30.33 32.09 -5.59
N THR A 7 29.70 31.54 -4.55
CA THR A 7 29.06 30.23 -4.63
C THR A 7 27.58 30.44 -4.95
N THR A 8 27.15 29.95 -6.10
CA THR A 8 25.79 30.17 -6.55
C THR A 8 25.17 28.86 -7.03
N VAL A 9 23.85 28.86 -7.08
CA VAL A 9 23.06 27.69 -7.44
C VAL A 9 22.15 28.05 -8.61
N ILE A 10 22.22 27.25 -9.67
CA ILE A 10 21.57 27.56 -10.94
C ILE A 10 20.68 26.38 -11.31
N ASP A 11 19.37 26.57 -11.17
CA ASP A 11 18.37 25.53 -11.41
C ASP A 11 17.91 25.64 -12.86
N ILE A 12 18.61 24.97 -13.75
CA ILE A 12 18.25 24.95 -15.17
C ILE A 12 16.98 24.13 -15.32
N GLY A 13 15.89 24.77 -15.73
CA GLY A 13 14.65 24.09 -15.99
C GLY A 13 14.32 24.06 -17.47
N ASN A 14 13.05 23.86 -17.76
CA ASN A 14 12.55 23.88 -19.12
C ASN A 14 11.73 25.11 -19.44
N PHE A 15 10.94 25.59 -18.49
CA PHE A 15 10.22 26.84 -18.69
C PHE A 15 11.13 28.03 -18.43
N SER A 16 11.98 27.94 -17.43
CA SER A 16 12.83 29.05 -17.05
C SER A 16 14.11 28.49 -16.45
N THR A 17 15.07 29.38 -16.19
CA THR A 17 16.33 28.99 -15.57
C THR A 17 16.57 29.90 -14.38
N LYS A 18 16.54 29.34 -13.19
CA LYS A 18 16.60 30.10 -11.96
C LYS A 18 18.00 30.05 -11.38
N TYR A 19 18.54 31.21 -11.04
CA TYR A 19 19.84 31.30 -10.38
C TYR A 19 19.65 31.98 -9.04
N ALA A 20 20.41 31.54 -8.05
CA ALA A 20 20.38 32.15 -6.73
C ALA A 20 21.79 32.23 -6.18
N TYR A 21 22.07 33.32 -5.46
CA TYR A 21 23.38 33.52 -4.87
C TYR A 21 23.21 34.37 -3.63
N LYS A 22 24.26 34.40 -2.81
CA LYS A 22 24.24 35.06 -1.51
C LYS A 22 25.42 36.02 -1.44
N ASP A 23 25.17 37.31 -1.60
CA ASP A 23 26.23 38.31 -1.49
C ASP A 23 26.30 38.91 -0.09
N ALA A 24 25.22 39.54 0.35
CA ALA A 24 25.09 40.02 1.72
C ALA A 24 24.41 38.92 2.54
N ALA A 25 23.89 39.27 3.72
CA ALA A 25 23.03 38.34 4.46
C ALA A 25 21.76 37.97 3.72
N GLN A 26 21.31 38.81 2.78
CA GLN A 26 20.14 38.50 1.96
C GLN A 26 20.52 37.57 0.82
N ILE A 27 19.50 37.02 0.17
CA ILE A 27 19.69 36.20 -1.02
C ILE A 27 19.17 36.97 -2.23
N LYS A 28 20.09 37.32 -3.13
CA LYS A 28 19.70 37.94 -4.39
C LYS A 28 19.41 36.84 -5.39
N VAL A 29 18.27 36.95 -6.06
CA VAL A 29 17.75 35.86 -6.87
C VAL A 29 17.16 36.44 -8.14
N GLY A 30 17.07 35.60 -9.18
CA GLY A 30 16.51 36.03 -10.44
C GLY A 30 16.43 34.87 -11.40
N SER A 31 15.84 35.14 -12.57
CA SER A 31 15.70 34.10 -13.59
C SER A 31 15.61 34.77 -14.95
N PHE A 32 15.45 33.93 -15.97
CA PHE A 32 15.25 34.35 -17.35
C PHE A 32 14.65 33.16 -18.09
N PRO A 33 13.79 33.40 -19.08
CA PRO A 33 13.08 32.27 -19.70
C PRO A 33 13.98 31.39 -20.54
N SER A 34 13.67 30.09 -20.51
CA SER A 34 14.49 29.05 -21.10
C SER A 34 14.09 28.74 -22.53
N ILE A 35 14.00 29.77 -23.36
CA ILE A 35 13.70 29.60 -24.77
C ILE A 35 14.91 30.11 -25.54
N LEU A 36 15.53 29.23 -26.31
CA LEU A 36 16.62 29.65 -27.17
C LEU A 36 16.48 29.04 -28.55
N HIS A 37 16.97 29.78 -29.53
CA HIS A 37 16.81 29.48 -30.93
C HIS A 37 18.16 29.64 -31.61
N SER A 38 18.31 29.06 -32.80
CA SER A 38 19.55 29.18 -33.56
C SER A 38 19.73 30.61 -34.04
N TYR A 39 20.88 30.90 -34.67
CA TYR A 39 21.31 32.29 -34.77
C TYR A 39 20.46 33.15 -35.70
N LYS A 40 20.43 32.89 -37.04
CA LYS A 40 19.62 33.67 -37.99
C LYS A 40 19.83 35.18 -37.89
N PRO A 41 20.91 35.72 -38.47
CA PRO A 41 21.30 37.12 -38.27
C PRO A 41 20.20 38.14 -38.56
N LEU A 42 19.80 38.83 -37.52
CA LEU A 42 18.62 39.68 -37.51
C LEU A 42 19.07 41.13 -37.57
N GLU A 43 18.15 42.03 -37.90
CA GLU A 43 18.54 43.43 -38.13
C GLU A 43 18.80 44.17 -36.82
N ASP A 44 17.77 44.33 -35.99
CA ASP A 44 17.91 45.07 -34.73
C ASP A 44 16.97 44.45 -33.70
N TYR A 45 17.50 43.51 -32.92
CA TYR A 45 16.78 42.87 -31.86
C TYR A 45 16.87 43.69 -30.58
N GLU A 46 15.83 43.61 -29.76
CA GLU A 46 15.73 44.42 -28.56
C GLU A 46 15.74 43.60 -27.28
N GLY A 47 14.84 42.64 -27.13
CA GLY A 47 14.71 41.95 -25.86
C GLY A 47 15.34 40.58 -25.82
N MET A 48 16.34 40.36 -26.66
CA MET A 48 17.06 39.09 -26.65
C MET A 48 18.53 39.40 -26.80
N GLU A 49 19.37 38.44 -26.42
CA GLU A 49 20.80 38.65 -26.47
C GLU A 49 21.49 37.45 -27.09
N ARG A 50 22.49 37.72 -27.90
CA ARG A 50 23.26 36.67 -28.56
C ARG A 50 24.28 36.09 -27.60
N VAL A 51 24.36 34.76 -27.54
CA VAL A 51 25.31 34.07 -26.69
C VAL A 51 26.13 33.12 -27.53
N GLU A 52 27.45 33.22 -27.43
CA GLU A 52 28.37 32.31 -28.10
C GLU A 52 29.22 31.59 -27.07
N TYR A 53 29.08 30.27 -26.99
CA TYR A 53 29.93 29.46 -26.12
C TYR A 53 30.17 28.13 -26.79
N ASN A 54 31.44 27.82 -27.02
CA ASN A 54 31.92 26.49 -27.44
C ASN A 54 31.30 26.09 -28.79
N GLY A 55 31.50 26.94 -29.78
CA GLY A 55 31.01 26.64 -31.12
C GLY A 55 29.51 26.75 -31.29
N LEU A 56 28.82 27.44 -30.40
CA LEU A 56 27.39 27.62 -30.49
C LEU A 56 27.08 29.11 -30.67
N ASP A 57 25.90 29.40 -31.22
CA ASP A 57 25.52 30.78 -31.48
C ASP A 57 24.00 30.85 -31.38
N TYR A 58 23.51 31.22 -30.20
CA TYR A 58 22.10 31.14 -29.85
C TYR A 58 21.60 32.45 -29.27
N TYR A 59 20.32 32.73 -29.47
CA TYR A 59 19.67 33.86 -28.82
C TYR A 59 18.95 33.39 -27.56
N VAL A 60 19.28 34.01 -26.43
CA VAL A 60 18.60 33.77 -25.16
C VAL A 60 18.04 35.09 -24.68
N GLY A 61 16.77 35.09 -24.29
CA GLY A 61 16.17 36.29 -23.75
C GLY A 61 14.66 36.18 -23.74
N GLU A 62 14.03 37.34 -23.52
CA GLU A 62 12.58 37.38 -23.38
C GLU A 62 11.89 37.19 -24.72
N THR A 63 12.38 37.81 -25.78
CA THR A 63 11.68 37.90 -27.05
C THR A 63 12.09 36.82 -28.03
N VAL A 64 12.75 35.77 -27.55
CA VAL A 64 13.08 34.65 -28.42
C VAL A 64 11.82 33.86 -28.77
N LYS A 65 10.77 33.97 -27.97
CA LYS A 65 9.48 33.37 -28.28
C LYS A 65 8.81 33.98 -29.51
N ASN A 66 9.29 35.12 -30.02
CA ASN A 66 8.78 35.65 -31.27
C ASN A 66 9.24 34.83 -32.47
N PHE A 67 10.31 34.06 -32.32
CA PHE A 67 10.73 33.15 -33.39
C PHE A 67 9.80 31.97 -33.56
N TYR A 68 8.88 31.75 -32.63
CA TYR A 68 8.04 30.56 -32.58
C TYR A 68 6.58 30.98 -32.56
N PHE A 69 6.19 31.83 -33.51
CA PHE A 69 4.87 32.45 -33.47
C PHE A 69 3.74 31.45 -33.70
N GLY A 70 3.71 30.82 -34.87
CA GLY A 70 2.64 29.89 -35.14
C GLY A 70 2.94 28.48 -34.73
N ARG A 71 4.08 28.28 -34.06
CA ARG A 71 4.60 26.98 -33.70
C ARG A 71 5.04 26.97 -32.24
N GLU A 72 4.13 27.43 -31.37
CA GLU A 72 4.45 27.66 -29.96
C GLU A 72 4.70 26.38 -29.18
N GLU A 73 4.41 25.21 -29.73
CA GLU A 73 4.78 23.95 -29.08
C GLU A 73 6.21 23.53 -29.36
N GLN A 74 7.02 24.40 -29.95
CA GLN A 74 8.40 24.06 -30.29
C GLN A 74 9.39 24.91 -29.51
N MET A 75 8.94 25.68 -28.53
CA MET A 75 9.85 26.62 -27.89
C MET A 75 10.46 26.10 -26.59
N TYR A 76 10.12 24.89 -26.19
CA TYR A 76 10.49 24.36 -24.88
C TYR A 76 11.24 23.06 -25.03
N PHE A 77 12.41 22.98 -24.39
CA PHE A 77 13.17 21.74 -24.34
C PHE A 77 12.38 20.70 -23.56
N GLY A 78 12.08 19.59 -24.20
CA GLY A 78 11.20 18.65 -23.53
C GLY A 78 11.88 17.44 -22.97
N ASN A 79 12.12 17.46 -21.65
CA ASN A 79 12.54 16.31 -20.84
C ASN A 79 13.83 15.70 -21.36
N THR A 80 14.80 16.56 -21.69
CA THR A 80 15.92 16.14 -22.52
C THR A 80 17.23 16.56 -21.87
N ARG A 81 17.71 15.74 -20.91
CA ARG A 81 19.11 15.51 -20.55
C ARG A 81 19.98 16.76 -20.48
N LYS A 82 19.72 17.62 -19.48
CA LYS A 82 20.24 18.98 -19.36
C LYS A 82 21.75 19.06 -19.52
N GLY A 83 22.21 19.98 -20.38
CA GLY A 83 23.61 20.12 -20.66
C GLY A 83 24.06 19.46 -21.95
N HIS A 84 23.27 19.66 -23.00
CA HIS A 84 23.61 19.18 -24.34
C HIS A 84 24.59 20.08 -25.04
N MET A 85 24.66 19.91 -26.36
CA MET A 85 25.18 20.93 -27.25
C MET A 85 24.18 22.06 -27.51
N GLU A 86 23.12 22.16 -26.71
CA GLU A 86 22.23 23.30 -26.67
C GLU A 86 21.94 23.82 -25.27
N GLY A 87 22.01 22.99 -24.23
CA GLY A 87 21.69 23.36 -22.87
C GLY A 87 22.80 23.98 -22.08
N GLN A 88 24.02 24.01 -22.62
CA GLN A 88 25.11 24.75 -22.00
C GLN A 88 24.90 26.25 -22.06
N ILE A 89 24.14 26.71 -23.04
CA ILE A 89 23.95 28.14 -23.25
C ILE A 89 23.11 28.74 -22.14
N ARG A 90 22.17 27.96 -21.60
CA ARG A 90 21.35 28.45 -20.50
C ARG A 90 22.16 28.61 -19.22
N LEU A 91 23.23 27.84 -19.08
CA LEU A 91 24.04 27.94 -17.89
C LEU A 91 25.03 29.09 -17.98
N VAL A 92 25.69 29.24 -19.13
CA VAL A 92 26.70 30.27 -19.25
C VAL A 92 26.08 31.64 -19.41
N TYR A 93 24.83 31.73 -19.83
CA TYR A 93 24.14 33.01 -19.79
C TYR A 93 23.66 33.32 -18.38
N ALA A 94 23.41 32.29 -17.58
CA ALA A 94 23.10 32.51 -16.18
C ALA A 94 24.33 32.98 -15.41
N LEU A 95 25.52 32.56 -15.83
CA LEU A 95 26.74 33.08 -15.24
C LEU A 95 26.96 34.53 -15.63
N TYR A 96 26.61 34.89 -16.87
CA TYR A 96 26.75 36.26 -17.31
C TYR A 96 25.77 37.19 -16.60
N THR A 97 24.58 36.69 -16.30
CA THR A 97 23.58 37.52 -15.64
C THR A 97 23.97 37.84 -14.21
N ILE A 98 24.67 36.92 -13.55
CA ILE A 98 25.20 37.18 -12.22
C ILE A 98 26.31 38.22 -12.28
N PHE A 99 27.14 38.15 -13.33
CA PHE A 99 28.23 39.11 -13.51
C PHE A 99 27.72 40.53 -13.75
N LYS A 100 26.56 40.66 -14.38
CA LYS A 100 25.94 41.97 -14.54
C LYS A 100 25.33 42.50 -13.26
N GLU A 101 25.24 41.69 -12.21
CA GLU A 101 24.70 42.12 -10.93
C GLU A 101 25.76 42.31 -9.86
N THR A 102 26.83 41.54 -9.89
CA THR A 102 27.89 41.65 -8.89
C THR A 102 29.21 42.12 -9.48
N GLY A 103 29.68 41.45 -10.52
CA GLY A 103 31.04 41.59 -10.98
C GLY A 103 31.94 40.45 -10.58
N ALA A 104 31.38 39.27 -10.33
CA ALA A 104 32.18 38.11 -9.94
C ALA A 104 32.49 37.26 -11.16
N ALA A 105 33.73 36.78 -11.23
CA ALA A 105 34.17 35.94 -12.34
C ALA A 105 34.69 34.59 -11.88
N GLU A 106 34.57 34.27 -10.60
CA GLU A 106 34.97 32.98 -10.06
C GLU A 106 33.77 32.37 -9.36
N PHE A 107 33.28 31.27 -9.92
CA PHE A 107 32.01 30.70 -9.50
C PHE A 107 32.20 29.33 -8.88
N ASN A 108 31.37 29.02 -7.88
CA ASN A 108 31.22 27.67 -7.36
C ASN A 108 29.81 27.24 -7.68
N LEU A 109 29.66 26.37 -8.68
CA LEU A 109 28.35 26.04 -9.22
C LEU A 109 27.69 24.96 -8.40
N ILE A 110 26.46 25.21 -7.96
CA ILE A 110 25.62 24.19 -7.36
C ILE A 110 24.53 23.91 -8.40
N LEU A 111 24.79 22.93 -9.26
CA LEU A 111 23.82 22.61 -10.29
C LEU A 111 22.77 21.66 -9.74
N THR A 112 21.58 21.76 -10.31
CA THR A 112 20.52 20.83 -10.00
C THR A 112 20.31 19.90 -11.19
N CYS A 113 19.91 18.67 -10.88
CA CYS A 113 19.60 17.68 -11.91
C CYS A 113 18.59 16.72 -11.32
N PRO A 114 17.82 16.01 -12.15
CA PRO A 114 16.99 14.93 -11.64
C PRO A 114 17.86 13.84 -11.03
N TYR A 115 17.28 13.15 -10.04
CA TYR A 115 18.05 12.19 -9.26
C TYR A 115 18.40 10.96 -10.08
N GLU A 116 17.59 10.64 -11.08
CA GLU A 116 17.85 9.47 -11.92
C GLU A 116 19.11 9.68 -12.77
N SER A 117 19.36 10.91 -13.19
CA SER A 117 20.52 11.25 -14.02
C SER A 117 21.61 11.90 -13.19
N MET A 118 21.80 11.45 -11.95
CA MET A 118 22.77 12.07 -11.06
C MET A 118 24.20 11.78 -11.50
N VAL A 119 24.57 10.50 -11.56
CA VAL A 119 25.92 10.12 -11.95
C VAL A 119 26.12 10.15 -13.46
N THR A 120 25.07 10.41 -14.24
CA THR A 120 25.17 10.37 -15.68
C THR A 120 25.64 11.71 -16.25
N ASP A 121 25.20 12.82 -15.64
CA ASP A 121 25.44 14.16 -16.17
C ASP A 121 26.89 14.63 -16.04
N LYS A 122 27.76 13.86 -15.39
CA LYS A 122 29.14 14.29 -15.16
C LYS A 122 30.00 14.21 -16.42
N LYS A 123 29.49 13.64 -17.51
CA LYS A 123 30.19 13.70 -18.79
C LYS A 123 30.15 15.11 -19.37
N TYR A 124 29.04 15.80 -19.17
CA TYR A 124 28.73 17.05 -19.86
C TYR A 124 28.93 18.29 -19.01
N PHE A 125 28.68 18.20 -17.71
CA PHE A 125 28.86 19.37 -16.86
C PHE A 125 30.30 19.54 -16.40
N VAL A 126 31.01 18.44 -16.16
CA VAL A 126 32.35 18.52 -15.60
C VAL A 126 33.38 18.84 -16.67
N GLN A 127 33.28 18.16 -17.82
CA GLN A 127 34.37 18.24 -18.81
C GLN A 127 34.35 19.56 -19.56
N HIS A 128 33.17 20.13 -19.79
CA HIS A 128 33.08 21.39 -20.52
C HIS A 128 33.39 22.59 -19.65
N PHE A 129 33.47 22.41 -18.33
CA PHE A 129 33.59 23.49 -17.36
C PHE A 129 34.76 23.18 -16.43
N GLU A 130 35.94 23.67 -16.77
CA GLU A 130 37.13 23.42 -15.96
C GLU A 130 37.87 24.70 -15.60
N GLY A 131 37.18 25.82 -15.51
CA GLY A 131 37.84 27.07 -15.19
C GLY A 131 38.42 27.74 -16.41
N GLU A 132 38.48 29.08 -16.33
CA GLU A 132 39.10 29.96 -17.34
C GLU A 132 38.42 29.83 -18.70
N ARG A 133 37.10 29.58 -18.69
CA ARG A 133 36.32 29.52 -19.90
C ARG A 133 35.97 30.93 -20.38
N GLU A 134 35.26 31.01 -21.50
CA GLU A 134 34.99 32.31 -22.10
C GLU A 134 33.74 32.24 -22.95
N VAL A 135 32.82 33.19 -22.74
CA VAL A 135 31.66 33.36 -23.59
C VAL A 135 31.83 34.65 -24.37
N ILE A 136 31.00 34.79 -25.40
CA ILE A 136 30.92 36.01 -26.18
C ILE A 136 29.44 36.39 -26.19
N VAL A 137 29.06 37.31 -25.31
CA VAL A 137 27.68 37.71 -25.16
C VAL A 137 27.53 39.12 -25.72
N GLU A 138 26.69 39.26 -26.75
CA GLU A 138 26.36 40.53 -27.40
C GLU A 138 27.63 41.20 -27.93
N GLY A 139 28.50 40.40 -28.53
CA GLY A 139 29.76 40.91 -29.04
C GLY A 139 30.87 40.99 -28.01
N LYS A 140 30.56 41.53 -26.83
CA LYS A 140 31.55 41.72 -25.78
C LYS A 140 31.90 40.36 -25.17
N SER A 141 33.17 39.99 -25.26
CA SER A 141 33.62 38.73 -24.71
C SER A 141 33.67 38.80 -23.18
N PHE A 142 33.41 37.67 -22.54
CA PHE A 142 33.40 37.56 -21.08
C PHE A 142 34.08 36.29 -20.64
N LYS A 143 35.02 36.42 -19.70
CA LYS A 143 35.78 35.30 -19.17
C LYS A 143 35.40 35.06 -17.73
N PHE A 144 35.17 33.79 -17.39
CA PHE A 144 34.79 33.41 -16.03
C PHE A 144 35.63 32.20 -15.62
N THR A 145 35.42 31.76 -14.38
CA THR A 145 36.17 30.64 -13.81
C THR A 145 35.25 29.80 -12.95
N VAL A 146 35.17 28.51 -13.24
CA VAL A 146 34.43 27.54 -12.44
C VAL A 146 35.37 26.39 -12.13
N HIS A 147 35.70 26.21 -10.85
CA HIS A 147 36.67 25.19 -10.47
C HIS A 147 36.13 24.12 -9.54
N ASN A 148 34.84 24.15 -9.18
CA ASN A 148 34.18 23.01 -8.55
C ASN A 148 32.69 23.08 -8.83
N ILE A 149 32.11 21.92 -9.12
CA ILE A 149 30.69 21.81 -9.46
C ILE A 149 30.06 20.78 -8.54
N VAL A 150 29.06 21.19 -7.78
CA VAL A 150 28.35 20.34 -6.84
C VAL A 150 26.98 20.05 -7.45
N MET A 151 26.80 18.85 -7.96
CA MET A 151 25.59 18.51 -8.70
C MET A 151 24.55 17.99 -7.71
N ALA A 152 23.61 18.86 -7.34
CA ALA A 152 22.59 18.50 -6.36
C ALA A 152 21.45 17.72 -7.01
N ALA A 153 20.36 17.53 -6.28
CA ALA A 153 19.18 16.86 -6.79
C ALA A 153 18.04 17.86 -6.92
N GLU A 154 17.20 17.65 -7.92
CA GLU A 154 16.17 18.63 -8.27
C GLU A 154 14.98 18.37 -7.36
N GLY A 155 14.86 19.16 -6.30
CA GLY A 155 13.77 19.01 -5.37
C GLY A 155 14.17 19.25 -3.93
N LEU A 156 15.46 19.10 -3.62
CA LEU A 156 15.92 19.18 -2.24
C LEU A 156 15.87 20.58 -1.66
N GLY A 157 15.61 21.60 -2.47
CA GLY A 157 15.44 22.93 -1.92
C GLY A 157 14.19 23.09 -1.09
N ALA A 158 13.18 22.27 -1.33
CA ALA A 158 11.97 22.34 -0.53
C ALA A 158 12.11 21.67 0.82
N LEU A 159 13.23 21.01 1.08
CA LEU A 159 13.38 20.28 2.33
C LEU A 159 13.59 21.22 3.52
N ASN A 160 14.11 22.43 3.28
CA ASN A 160 14.29 23.38 4.37
C ASN A 160 12.95 23.91 4.88
N PHE A 161 11.94 23.90 4.01
CA PHE A 161 10.62 24.42 4.38
C PHE A 161 9.66 23.29 4.72
N SER A 162 10.22 22.13 5.09
CA SER A 162 9.44 20.97 5.47
C SER A 162 9.45 20.84 6.98
N ASP A 163 8.26 20.77 7.56
CA ASP A 163 8.12 20.59 9.00
C ASP A 163 8.55 19.20 9.45
N SER A 164 8.53 18.22 8.57
CA SER A 164 8.94 16.86 8.88
C SER A 164 10.20 16.53 8.11
N LEU A 165 11.08 15.76 8.74
CA LEU A 165 12.31 15.31 8.12
C LEU A 165 12.11 14.06 7.29
N ASN A 166 10.89 13.53 7.26
CA ASN A 166 10.57 12.27 6.62
C ASN A 166 9.34 12.51 5.73
N CYS A 167 9.58 12.85 4.46
CA CYS A 167 8.50 13.34 3.62
C CYS A 167 8.76 12.96 2.17
N VAL A 168 7.82 13.34 1.31
CA VAL A 168 7.91 13.16 -0.14
C VAL A 168 7.90 14.53 -0.77
N ILE A 169 8.89 14.82 -1.60
CA ILE A 169 8.98 16.10 -2.28
C ILE A 169 8.48 15.94 -3.70
N VAL A 170 7.37 16.59 -4.02
CA VAL A 170 6.77 16.51 -5.34
C VAL A 170 7.12 17.78 -6.10
N ASP A 171 7.93 17.63 -7.14
CA ASP A 171 8.38 18.77 -7.95
C ASP A 171 7.42 18.89 -9.13
N ALA A 172 6.42 19.76 -8.99
CA ALA A 172 5.46 20.01 -10.06
C ALA A 172 6.14 20.88 -11.11
N GLY A 173 6.92 20.22 -11.96
CA GLY A 173 7.75 20.92 -12.93
C GLY A 173 7.00 21.41 -14.14
N SER A 174 7.69 21.51 -15.25
CA SER A 174 7.11 22.02 -16.48
C SER A 174 7.06 20.98 -17.59
N LYS A 175 8.02 20.09 -17.65
CA LYS A 175 7.97 18.94 -18.53
C LYS A 175 8.00 17.62 -17.79
N THR A 176 8.22 17.63 -16.48
CA THR A 176 8.42 16.39 -15.74
C THR A 176 8.08 16.61 -14.27
N LEU A 177 7.67 15.53 -13.62
CA LEU A 177 7.49 15.49 -12.17
C LEU A 177 8.66 14.76 -11.54
N ASN A 178 9.24 15.35 -10.52
CA ASN A 178 10.33 14.73 -9.80
C ASN A 178 9.84 14.40 -8.40
N VAL A 179 9.21 13.23 -8.27
CA VAL A 179 8.84 12.69 -6.97
C VAL A 179 10.11 12.18 -6.31
N LEU A 180 10.39 12.66 -5.10
CA LEU A 180 11.65 12.41 -4.44
C LEU A 180 11.36 11.93 -3.02
N TYR A 181 11.34 10.62 -2.84
CA TYR A 181 10.98 9.99 -1.57
C TYR A 181 12.15 10.08 -0.61
N LEU A 182 11.92 10.65 0.55
CA LEU A 182 12.99 11.07 1.44
C LEU A 182 12.71 10.53 2.84
N ILE A 183 13.76 10.05 3.51
CA ILE A 183 13.63 9.35 4.78
C ILE A 183 14.12 10.19 5.95
N ASN A 184 15.42 10.51 5.96
CA ASN A 184 16.01 11.10 7.15
C ASN A 184 16.93 12.22 6.71
N GLY A 185 16.45 13.05 5.80
CA GLY A 185 17.33 13.96 5.08
C GLY A 185 18.10 13.29 3.98
N SER A 186 17.76 12.06 3.64
CA SER A 186 18.44 11.29 2.61
C SER A 186 17.41 10.74 1.64
N ILE A 187 17.83 10.55 0.41
CA ILE A 187 16.92 10.26 -0.70
C ILE A 187 16.91 8.76 -0.94
N SER A 188 15.73 8.16 -0.88
CA SER A 188 15.58 6.76 -1.21
C SER A 188 15.62 6.60 -2.72
N LYS A 189 16.40 5.64 -3.19
CA LYS A 189 16.62 5.51 -4.63
C LYS A 189 15.55 4.65 -5.28
N MET A 190 15.00 3.67 -4.57
CA MET A 190 13.99 2.81 -5.16
C MET A 190 12.65 3.50 -5.30
N ASP A 191 12.32 4.39 -4.38
CA ASP A 191 10.99 4.98 -4.32
C ASP A 191 10.93 6.39 -4.88
N SER A 192 11.97 6.86 -5.55
CA SER A 192 11.98 8.16 -6.20
C SER A 192 11.63 7.98 -7.67
N HIS A 193 10.53 8.57 -8.09
CA HIS A 193 10.07 8.47 -9.46
C HIS A 193 10.74 9.54 -10.30
N THR A 194 10.43 9.56 -11.60
CA THR A 194 10.56 10.75 -12.42
C THR A 194 9.45 10.65 -13.45
N ILE A 195 8.31 11.26 -13.15
CA ILE A 195 7.12 11.09 -13.98
C ILE A 195 7.20 12.05 -15.15
N ASN A 196 7.01 11.53 -16.35
CA ASN A 196 7.05 12.36 -17.55
C ASN A 196 5.79 13.21 -17.62
N GLY A 197 5.90 14.36 -18.28
CA GLY A 197 4.78 15.26 -18.39
C GLY A 197 4.80 16.31 -17.29
N GLY A 198 4.52 17.56 -17.64
CA GLY A 198 4.58 18.63 -16.67
C GLY A 198 3.34 19.49 -16.69
N THR A 199 3.45 20.69 -16.14
CA THR A 199 2.31 21.60 -16.07
C THR A 199 2.06 22.34 -17.36
N ILE A 200 3.02 22.34 -18.29
CA ILE A 200 2.78 22.96 -19.59
C ILE A 200 1.81 22.12 -20.40
N ASP A 201 2.13 20.83 -20.56
CA ASP A 201 1.33 19.96 -21.40
C ASP A 201 0.03 19.55 -20.70
N ASN A 202 0.11 19.23 -19.42
CA ASN A 202 -0.99 18.62 -18.70
C ASN A 202 -1.56 19.58 -17.67
N SER A 203 -2.86 19.44 -17.42
CA SER A 203 -3.47 20.15 -16.32
C SER A 203 -3.06 19.50 -15.01
N ILE A 204 -3.13 20.28 -13.93
CA ILE A 204 -2.65 19.80 -12.63
C ILE A 204 -3.60 18.74 -12.07
N MET A 205 -4.90 18.89 -12.30
CA MET A 205 -5.87 17.89 -11.85
C MET A 205 -5.70 16.57 -12.59
N ASP A 206 -5.18 16.59 -13.82
CA ASP A 206 -4.80 15.38 -14.52
C ASP A 206 -3.35 14.99 -14.27
N LEU A 207 -2.61 15.80 -13.51
CA LEU A 207 -1.23 15.49 -13.17
C LEU A 207 -1.08 15.06 -11.73
N ALA A 208 -1.90 15.59 -10.83
CA ALA A 208 -1.93 15.10 -9.46
C ALA A 208 -2.51 13.71 -9.36
N LYS A 209 -3.39 13.34 -10.29
CA LYS A 209 -3.96 12.00 -10.27
C LYS A 209 -3.01 10.95 -10.82
N THR A 210 -2.01 11.34 -11.61
CA THR A 210 -0.98 10.39 -11.98
C THR A 210 0.08 10.27 -10.90
N PHE A 211 0.16 11.23 -9.98
CA PHE A 211 1.00 11.05 -8.80
C PHE A 211 0.41 10.00 -7.87
N ALA A 212 -0.92 9.95 -7.76
CA ALA A 212 -1.56 9.00 -6.87
C ALA A 212 -1.50 7.58 -7.39
N LYS A 213 -1.18 7.40 -8.68
CA LYS A 213 -1.06 6.05 -9.23
C LYS A 213 0.36 5.53 -9.08
N THR A 214 1.35 6.38 -9.33
CA THR A 214 2.75 5.96 -9.26
C THR A 214 3.18 5.76 -7.82
N CYS A 215 3.11 6.82 -7.03
CA CYS A 215 3.61 6.78 -5.66
C CYS A 215 2.44 6.42 -4.73
N SER A 216 1.95 5.19 -4.93
CA SER A 216 0.80 4.66 -4.22
C SER A 216 1.18 3.80 -3.04
N ASN A 217 2.47 3.76 -2.68
CA ASN A 217 2.91 3.19 -1.42
C ASN A 217 2.90 4.22 -0.30
N ILE A 218 2.09 5.25 -0.43
CA ILE A 218 2.04 6.38 0.49
C ILE A 218 0.64 6.44 1.09
N ASP A 219 0.55 6.24 2.39
CA ASP A 219 -0.70 6.44 3.09
C ASP A 219 -0.99 7.94 3.21
N TYR A 220 -2.23 8.26 3.52
CA TYR A 220 -2.72 9.62 3.35
C TYR A 220 -2.35 10.54 4.50
N ASP A 221 -1.67 10.05 5.52
CA ASP A 221 -1.23 10.88 6.62
C ASP A 221 0.25 11.21 6.53
N TYR A 222 0.89 10.89 5.40
CA TYR A 222 2.32 11.01 5.17
C TYR A 222 2.64 12.39 4.61
N PRO A 223 3.73 13.02 5.04
CA PRO A 223 3.97 14.42 4.64
C PRO A 223 4.42 14.51 3.19
N ILE A 224 3.78 15.42 2.44
CA ILE A 224 4.13 15.70 1.06
C ILE A 224 4.44 17.17 0.94
N VAL A 225 5.62 17.50 0.42
CA VAL A 225 6.04 18.89 0.25
C VAL A 225 6.02 19.21 -1.23
N CYS A 226 5.07 20.02 -1.65
CA CYS A 226 4.94 20.42 -3.04
C CYS A 226 5.89 21.57 -3.35
N THR A 227 6.69 21.40 -4.40
CA THR A 227 7.52 22.49 -4.87
C THR A 227 7.35 22.68 -6.37
N GLY A 228 8.12 23.58 -6.96
CA GLY A 228 7.95 23.93 -8.35
C GLY A 228 7.13 25.19 -8.51
N GLY A 229 6.95 25.59 -9.77
CA GLY A 229 6.26 26.82 -10.05
C GLY A 229 4.77 26.78 -9.79
N LYS A 230 4.18 25.60 -9.89
CA LYS A 230 2.75 25.42 -9.65
C LYS A 230 2.50 24.76 -8.31
N ALA A 231 3.27 25.13 -7.28
CA ALA A 231 3.25 24.41 -6.02
C ALA A 231 1.97 24.67 -5.25
N GLU A 232 1.56 25.94 -5.12
CA GLU A 232 0.37 26.25 -4.34
C GLU A 232 -0.92 25.87 -5.06
N GLU A 233 -0.87 25.53 -6.33
CA GLU A 233 -2.00 24.92 -7.00
C GLU A 233 -1.87 23.40 -7.01
N MET A 234 -0.67 22.88 -6.77
CA MET A 234 -0.49 21.43 -6.67
C MET A 234 -1.12 20.88 -5.40
N LYS A 235 -0.92 21.57 -4.27
CA LYS A 235 -1.48 21.08 -3.02
C LYS A 235 -2.98 21.27 -2.94
N GLU A 236 -3.55 22.16 -3.73
CA GLU A 236 -5.00 22.30 -3.74
C GLU A 236 -5.67 21.22 -4.57
N CYS A 237 -4.92 20.52 -5.41
CA CYS A 237 -5.45 19.42 -6.19
C CYS A 237 -5.00 18.06 -5.69
N LEU A 238 -4.09 18.02 -4.71
CA LEU A 238 -3.80 16.76 -4.02
C LEU A 238 -4.76 16.53 -2.87
N GLU A 239 -5.23 17.61 -2.24
CA GLU A 239 -6.20 17.48 -1.16
C GLU A 239 -7.55 17.00 -1.66
N ASN A 240 -7.87 17.28 -2.92
CA ASN A 240 -9.06 16.70 -3.51
C ASN A 240 -8.88 15.24 -3.87
N VAL A 241 -7.63 14.78 -3.97
CA VAL A 241 -7.39 13.35 -4.16
C VAL A 241 -7.57 12.60 -2.85
N GLY A 242 -7.09 13.19 -1.75
CA GLY A 242 -7.31 12.59 -0.45
C GLY A 242 -6.13 12.65 0.49
N TYR A 243 -5.05 13.30 0.07
CA TYR A 243 -3.91 13.48 0.95
C TYR A 243 -4.21 14.58 1.96
N SER A 244 -3.65 14.45 3.15
CA SER A 244 -4.04 15.27 4.27
C SER A 244 -2.96 16.21 4.78
N THR A 245 -1.72 15.74 4.92
CA THR A 245 -0.65 16.52 5.50
C THR A 245 0.27 17.11 4.44
N VAL A 246 -0.31 17.53 3.33
CA VAL A 246 0.46 18.11 2.24
C VAL A 246 0.57 19.62 2.46
N SER A 247 1.75 20.16 2.19
CA SER A 247 2.00 21.58 2.43
C SER A 247 3.06 22.06 1.45
N SER A 248 2.70 23.02 0.60
CA SER A 248 3.65 23.58 -0.33
C SER A 248 4.65 24.46 0.39
N ALA A 249 5.87 24.51 -0.14
CA ALA A 249 6.96 25.25 0.49
C ALA A 249 6.83 26.72 0.11
N GLU A 250 6.75 27.58 1.12
CA GLU A 250 6.65 29.02 0.89
C GLU A 250 7.96 29.69 1.26
N LEU A 251 8.46 30.53 0.37
CA LEU A 251 9.70 31.26 0.61
C LEU A 251 9.43 32.51 1.42
N GLY A 252 10.42 33.38 1.50
CA GLY A 252 10.30 34.63 2.22
C GLY A 252 9.49 35.67 1.47
N GLU A 253 9.88 36.94 1.63
CA GLU A 253 9.14 38.03 1.03
C GLU A 253 9.62 38.27 -0.40
N ASP A 254 8.65 38.47 -1.30
CA ASP A 254 8.87 38.83 -2.71
C ASP A 254 9.70 37.79 -3.46
N LYS A 255 9.54 36.52 -3.10
CA LYS A 255 10.15 35.41 -3.82
C LYS A 255 9.05 34.41 -4.11
N PRO A 256 8.63 34.23 -5.35
CA PRO A 256 7.53 33.32 -5.64
C PRO A 256 7.91 31.85 -5.53
N SER A 257 6.95 30.97 -5.85
CA SER A 257 7.09 29.55 -5.57
C SER A 257 8.05 28.84 -6.50
N TYR A 258 8.48 29.46 -7.59
CA TYR A 258 9.36 28.78 -8.52
C TYR A 258 10.83 28.96 -8.20
N TYR A 259 11.17 29.61 -7.09
CA TYR A 259 12.55 29.69 -6.65
C TYR A 259 12.89 28.72 -5.54
N VAL A 260 11.94 27.85 -5.16
CA VAL A 260 12.10 27.02 -3.96
C VAL A 260 13.19 25.99 -4.15
N ASN A 261 13.26 25.38 -5.34
CA ASN A 261 14.31 24.41 -5.63
C ASN A 261 15.69 25.03 -5.67
N SER A 262 15.79 26.34 -5.85
CA SER A 262 17.08 27.01 -5.96
C SER A 262 17.47 27.73 -4.69
N VAL A 263 16.53 28.43 -4.05
CA VAL A 263 16.85 29.17 -2.83
C VAL A 263 17.11 28.21 -1.68
N GLY A 264 16.34 27.13 -1.59
CA GLY A 264 16.48 26.21 -0.48
C GLY A 264 17.77 25.42 -0.51
N LEU A 265 18.33 25.17 -1.69
CA LEU A 265 19.63 24.54 -1.74
C LEU A 265 20.75 25.48 -1.32
N LEU A 266 20.53 26.79 -1.45
CA LEU A 266 21.52 27.74 -0.97
C LEU A 266 21.50 27.80 0.54
N LEU A 267 20.33 27.66 1.15
CA LEU A 267 20.18 27.70 2.59
C LEU A 267 20.56 26.39 3.27
N LYS A 268 20.93 25.37 2.52
CA LYS A 268 21.20 24.07 3.11
C LYS A 268 22.56 23.52 2.76
N TYR A 269 23.00 23.66 1.52
CA TYR A 269 24.17 22.98 0.99
C TYR A 269 25.21 23.99 0.52
N GLY A 270 26.23 23.47 -0.18
CA GLY A 270 27.31 24.30 -0.64
C GLY A 270 28.23 24.71 0.48
N ARG A 271 28.88 23.72 1.11
CA ARG A 271 29.73 24.00 2.25
C ARG A 271 31.18 24.14 1.81
N THR B 5 -36.10 -7.52 -11.95
CA THR B 5 -35.10 -6.81 -11.15
C THR B 5 -34.01 -7.76 -10.69
N LEU B 6 -32.77 -7.44 -11.03
CA LEU B 6 -31.64 -8.30 -10.79
C LEU B 6 -30.80 -7.76 -9.65
N THR B 7 -30.56 -8.57 -8.63
CA THR B 7 -29.71 -8.20 -7.51
C THR B 7 -28.32 -8.75 -7.77
N THR B 8 -27.35 -7.86 -7.90
CA THR B 8 -25.99 -8.25 -8.25
C THR B 8 -25.00 -7.58 -7.31
N VAL B 9 -23.80 -8.15 -7.27
CA VAL B 9 -22.72 -7.71 -6.40
C VAL B 9 -21.49 -7.42 -7.25
N ILE B 10 -20.95 -6.22 -7.10
CA ILE B 10 -19.89 -5.72 -7.95
C ILE B 10 -18.71 -5.31 -7.08
N ASP B 11 -17.65 -6.11 -7.11
CA ASP B 11 -16.46 -5.91 -6.28
C ASP B 11 -15.46 -5.09 -7.08
N ILE B 12 -15.56 -3.77 -6.97
CA ILE B 12 -14.64 -2.87 -7.65
C ILE B 12 -13.29 -2.96 -6.95
N GLY B 13 -12.28 -3.47 -7.65
CA GLY B 13 -10.94 -3.52 -7.13
C GLY B 13 -10.01 -2.57 -7.83
N ASN B 14 -8.72 -2.86 -7.74
CA ASN B 14 -7.71 -2.06 -8.41
C ASN B 14 -7.09 -2.78 -9.59
N PHE B 15 -6.88 -4.09 -9.48
CA PHE B 15 -6.41 -4.85 -10.63
C PHE B 15 -7.55 -5.18 -11.58
N SER B 16 -8.72 -5.49 -11.04
CA SER B 16 -9.85 -5.89 -11.84
C SER B 16 -11.12 -5.49 -11.14
N THR B 17 -12.25 -5.66 -11.81
CA THR B 17 -13.55 -5.35 -11.25
C THR B 17 -14.45 -6.55 -11.45
N LYS B 18 -14.83 -7.19 -10.36
CA LYS B 18 -15.55 -8.45 -10.41
C LYS B 18 -17.02 -8.21 -10.14
N TYR B 19 -17.87 -8.75 -11.00
CA TYR B 19 -19.31 -8.68 -10.82
C TYR B 19 -19.86 -10.09 -10.73
N ALA B 20 -20.88 -10.29 -9.89
CA ALA B 20 -21.52 -11.57 -9.76
C ALA B 20 -23.03 -11.37 -9.62
N TYR B 21 -23.79 -12.27 -10.22
CA TYR B 21 -25.24 -12.20 -10.16
C TYR B 21 -25.79 -13.62 -10.27
N LYS B 22 -27.07 -13.75 -9.94
CA LYS B 22 -27.74 -15.04 -9.87
C LYS B 22 -29.00 -14.99 -10.70
N ASP B 23 -28.96 -15.59 -11.89
CA ASP B 23 -30.13 -15.64 -12.75
C ASP B 23 -30.92 -16.94 -12.59
N ALA B 24 -30.28 -18.07 -12.84
CA ALA B 24 -30.83 -19.38 -12.56
C ALA B 24 -30.37 -19.80 -11.17
N ALA B 25 -30.48 -21.09 -10.85
CA ALA B 25 -29.87 -21.62 -9.64
C ALA B 25 -28.35 -21.49 -9.63
N GLN B 26 -27.71 -21.38 -10.79
CA GLN B 26 -26.28 -21.16 -10.88
C GLN B 26 -25.95 -19.70 -10.66
N ILE B 27 -24.66 -19.43 -10.46
CA ILE B 27 -24.15 -18.07 -10.35
C ILE B 27 -23.33 -17.75 -11.60
N LYS B 28 -23.82 -16.82 -12.41
CA LYS B 28 -23.07 -16.34 -13.55
C LYS B 28 -22.16 -15.21 -13.08
N VAL B 29 -20.89 -15.30 -13.46
CA VAL B 29 -19.87 -14.41 -12.89
C VAL B 29 -18.92 -14.00 -14.00
N GLY B 30 -18.23 -12.88 -13.79
CA GLY B 30 -17.29 -12.39 -14.78
C GLY B 30 -16.58 -11.16 -14.23
N SER B 31 -15.61 -10.69 -15.01
CA SER B 31 -14.85 -9.51 -14.63
C SER B 31 -14.31 -8.83 -15.89
N PHE B 32 -13.57 -7.75 -15.67
CA PHE B 32 -12.89 -6.99 -16.71
C PHE B 32 -11.81 -6.17 -16.02
N PRO B 33 -10.67 -5.93 -16.68
CA PRO B 33 -9.56 -5.28 -15.98
C PRO B 33 -9.82 -3.82 -15.67
N SER B 34 -9.31 -3.39 -14.53
CA SER B 34 -9.57 -2.07 -13.96
C SER B 34 -8.55 -1.05 -14.40
N ILE B 35 -8.32 -0.93 -15.70
CA ILE B 35 -7.42 0.06 -16.24
C ILE B 35 -8.26 0.97 -17.13
N LEU B 36 -8.30 2.25 -16.79
CA LEU B 36 -8.98 3.21 -17.64
C LEU B 36 -8.15 4.46 -17.80
N HIS B 37 -8.30 5.09 -18.96
CA HIS B 37 -7.50 6.21 -19.40
C HIS B 37 -8.43 7.27 -19.93
N SER B 38 -7.95 8.51 -20.03
CA SER B 38 -8.74 9.60 -20.58
C SER B 38 -8.97 9.38 -22.08
N TYR B 39 -9.77 10.26 -22.69
CA TYR B 39 -10.37 9.90 -23.98
C TYR B 39 -9.40 9.79 -25.14
N LYS B 40 -8.75 10.89 -25.58
CA LYS B 40 -7.77 10.88 -26.69
C LYS B 40 -8.30 10.21 -27.95
N PRO B 41 -9.11 10.90 -28.77
CA PRO B 41 -9.81 10.28 -29.90
C PRO B 41 -8.91 9.51 -30.87
N LEU B 42 -9.14 8.21 -30.92
CA LEU B 42 -8.27 7.25 -31.59
C LEU B 42 -8.93 6.85 -32.90
N GLU B 43 -8.15 6.24 -33.79
CA GLU B 43 -8.66 5.94 -35.13
C GLU B 43 -9.60 4.74 -35.12
N ASP B 44 -9.07 3.56 -34.79
CA ASP B 44 -9.88 2.34 -34.82
C ASP B 44 -9.36 1.41 -33.71
N TYR B 45 -9.99 1.51 -32.55
CA TYR B 45 -9.68 0.66 -31.41
C TYR B 45 -10.47 -0.63 -31.49
N GLU B 46 -9.88 -1.70 -30.95
CA GLU B 46 -10.47 -3.03 -31.05
C GLU B 46 -10.86 -3.60 -29.70
N GLY B 47 -9.95 -3.68 -28.74
CA GLY B 47 -10.24 -4.38 -27.50
C GLY B 47 -10.54 -3.48 -26.34
N MET B 48 -11.03 -2.28 -26.62
CA MET B 48 -11.42 -1.37 -25.56
C MET B 48 -12.73 -0.71 -25.98
N GLU B 49 -13.44 -0.16 -25.01
CA GLU B 49 -14.72 0.46 -25.29
C GLU B 49 -14.83 1.80 -24.60
N ARG B 50 -15.42 2.76 -25.29
CA ARG B 50 -15.61 4.10 -24.75
C ARG B 50 -16.80 4.11 -23.82
N VAL B 51 -16.64 4.74 -22.65
CA VAL B 51 -17.72 4.85 -21.67
C VAL B 51 -17.89 6.31 -21.32
N GLU B 52 -19.11 6.81 -21.43
CA GLU B 52 -19.46 8.16 -21.02
C GLU B 52 -20.51 8.12 -19.92
N TYR B 53 -20.17 8.61 -18.75
CA TYR B 53 -21.13 8.72 -17.65
C TYR B 53 -20.80 9.96 -16.84
N ASN B 54 -21.76 10.88 -16.75
CA ASN B 54 -21.74 12.03 -15.84
C ASN B 54 -20.55 12.95 -16.14
N GLY B 55 -20.46 13.39 -17.39
CA GLY B 55 -19.40 14.30 -17.77
C GLY B 55 -18.02 13.69 -17.86
N LEU B 56 -17.94 12.37 -18.00
CA LEU B 56 -16.66 11.68 -18.12
C LEU B 56 -16.61 10.98 -19.46
N ASP B 57 -15.38 10.71 -19.94
CA ASP B 57 -15.20 10.10 -21.24
C ASP B 57 -13.92 9.26 -21.18
N TYR B 58 -14.07 7.97 -20.87
CA TYR B 58 -12.95 7.10 -20.55
C TYR B 58 -13.03 5.82 -21.38
N TYR B 59 -11.86 5.24 -21.65
CA TYR B 59 -11.77 3.92 -22.26
C TYR B 59 -11.60 2.85 -21.19
N VAL B 60 -12.49 1.87 -21.18
CA VAL B 60 -12.38 0.71 -20.29
C VAL B 60 -12.36 -0.53 -21.16
N GLY B 61 -11.40 -1.41 -20.90
CA GLY B 61 -11.34 -2.65 -21.64
C GLY B 61 -9.98 -3.32 -21.46
N GLU B 62 -9.75 -4.32 -22.32
CA GLU B 62 -8.53 -5.12 -22.21
C GLU B 62 -7.31 -4.34 -22.67
N THR B 63 -7.43 -3.62 -23.77
CA THR B 63 -6.27 -3.03 -24.44
C THR B 63 -6.01 -1.60 -24.03
N VAL B 64 -6.59 -1.15 -22.91
CA VAL B 64 -6.28 0.17 -22.40
C VAL B 64 -4.88 0.23 -21.82
N LYS B 65 -4.31 -0.93 -21.46
CA LYS B 65 -2.93 -1.02 -21.04
C LYS B 65 -1.92 -0.69 -22.14
N ASN B 66 -2.36 -0.61 -23.41
CA ASN B 66 -1.47 -0.16 -24.46
C ASN B 66 -1.20 1.33 -24.38
N PHE B 67 -2.06 2.09 -23.70
CA PHE B 67 -1.80 3.51 -23.48
C PHE B 67 -0.67 3.75 -22.48
N TYR B 68 -0.22 2.72 -21.78
CA TYR B 68 0.73 2.85 -20.68
C TYR B 68 1.94 1.95 -20.96
N PHE B 69 2.52 2.09 -22.15
CA PHE B 69 3.54 1.16 -22.60
C PHE B 69 4.83 1.28 -21.79
N GLY B 70 5.48 2.43 -21.83
CA GLY B 70 6.74 2.57 -21.11
C GLY B 70 6.55 3.06 -19.69
N ARG B 71 5.31 3.17 -19.25
CA ARG B 71 4.94 3.75 -17.97
C ARG B 71 3.94 2.86 -17.26
N GLU B 72 4.27 1.57 -17.17
CA GLU B 72 3.35 0.55 -16.67
C GLU B 72 3.04 0.67 -15.19
N GLU B 73 3.76 1.49 -14.44
CA GLU B 73 3.40 1.76 -13.05
C GLU B 73 2.35 2.84 -12.90
N GLN B 74 1.70 3.26 -13.99
CA GLN B 74 0.70 4.30 -13.94
C GLN B 74 -0.67 3.79 -14.33
N MET B 75 -0.85 2.48 -14.48
CA MET B 75 -2.11 2.00 -15.02
C MET B 75 -3.09 1.55 -13.96
N TYR B 76 -2.74 1.64 -12.68
CA TYR B 76 -3.52 1.07 -11.61
C TYR B 76 -3.87 2.14 -10.59
N PHE B 77 -5.16 2.25 -10.26
CA PHE B 77 -5.60 3.13 -9.20
C PHE B 77 -5.04 2.67 -7.88
N GLY B 78 -4.28 3.53 -7.22
CA GLY B 78 -3.61 3.05 -6.03
C GLY B 78 -4.21 3.51 -4.73
N ASN B 79 -4.99 2.61 -4.10
CA ASN B 79 -5.49 2.74 -2.72
C ASN B 79 -6.29 4.03 -2.53
N THR B 80 -7.17 4.32 -3.50
CA THR B 80 -7.72 5.66 -3.60
C THR B 80 -9.24 5.59 -3.71
N ARG B 81 -9.91 5.47 -2.54
CA ARG B 81 -11.26 5.97 -2.25
C ARG B 81 -12.31 5.73 -3.32
N LYS B 82 -12.66 4.46 -3.55
CA LYS B 82 -13.44 3.99 -4.70
C LYS B 82 -14.72 4.78 -4.92
N GLY B 83 -14.93 5.21 -6.17
CA GLY B 83 -16.08 6.01 -6.51
C GLY B 83 -15.79 7.49 -6.61
N HIS B 84 -14.69 7.83 -7.28
CA HIS B 84 -14.31 9.20 -7.54
C HIS B 84 -15.06 9.79 -8.72
N MET B 85 -14.52 10.89 -9.25
CA MET B 85 -14.81 11.33 -10.60
C MET B 85 -14.03 10.53 -11.65
N GLU B 86 -13.46 9.38 -11.27
CA GLU B 86 -12.90 8.41 -12.20
C GLU B 86 -13.36 6.98 -11.93
N GLY B 87 -13.70 6.62 -10.69
CA GLY B 87 -14.06 5.26 -10.32
C GLY B 87 -15.51 4.90 -10.51
N GLN B 88 -16.36 5.87 -10.88
CA GLN B 88 -17.72 5.56 -11.25
C GLN B 88 -17.81 4.81 -12.57
N ILE B 89 -16.80 4.98 -13.43
CA ILE B 89 -16.83 4.39 -14.76
C ILE B 89 -16.67 2.88 -14.68
N ARG B 90 -15.93 2.40 -13.68
CA ARG B 90 -15.78 0.95 -13.51
C ARG B 90 -17.07 0.30 -13.05
N LEU B 91 -17.92 1.06 -12.37
CA LEU B 91 -19.17 0.49 -11.90
C LEU B 91 -20.23 0.48 -12.99
N VAL B 92 -20.34 1.59 -13.73
CA VAL B 92 -21.39 1.68 -14.73
C VAL B 92 -21.04 0.87 -15.98
N TYR B 93 -19.77 0.56 -16.19
CA TYR B 93 -19.43 -0.38 -17.24
C TYR B 93 -19.67 -1.82 -16.78
N ALA B 94 -19.59 -2.05 -15.47
CA ALA B 94 -19.96 -3.35 -14.95
C ALA B 94 -21.46 -3.57 -15.03
N LEU B 95 -22.25 -2.51 -14.94
CA LEU B 95 -23.69 -2.62 -15.16
C LEU B 95 -23.99 -2.91 -16.61
N TYR B 96 -23.22 -2.31 -17.52
CA TYR B 96 -23.43 -2.55 -18.95
C TYR B 96 -23.05 -3.96 -19.33
N THR B 97 -22.03 -4.53 -18.69
CA THR B 97 -21.57 -5.87 -19.03
C THR B 97 -22.61 -6.91 -18.61
N ILE B 98 -23.33 -6.66 -17.51
CA ILE B 98 -24.42 -7.53 -17.10
C ILE B 98 -25.56 -7.44 -18.10
N PHE B 99 -25.84 -6.24 -18.61
CA PHE B 99 -26.92 -6.05 -19.58
C PHE B 99 -26.63 -6.76 -20.89
N LYS B 100 -25.36 -6.88 -21.27
CA LYS B 100 -25.01 -7.65 -22.44
C LYS B 100 -25.12 -9.15 -22.23
N GLU B 101 -25.33 -9.61 -20.99
CA GLU B 101 -25.48 -11.02 -20.70
C GLU B 101 -26.91 -11.43 -20.39
N THR B 102 -27.71 -10.54 -19.79
CA THR B 102 -29.08 -10.85 -19.44
C THR B 102 -30.09 -10.01 -20.20
N GLY B 103 -29.93 -8.69 -20.18
CA GLY B 103 -30.96 -7.78 -20.60
C GLY B 103 -31.70 -7.12 -19.47
N ALA B 104 -31.09 -7.03 -18.29
CA ALA B 104 -31.72 -6.41 -17.13
C ALA B 104 -31.32 -4.95 -17.04
N ALA B 105 -32.28 -4.09 -16.71
CA ALA B 105 -32.03 -2.66 -16.57
C ALA B 105 -32.43 -2.14 -15.20
N GLU B 106 -32.81 -3.02 -14.28
CA GLU B 106 -33.15 -2.63 -12.92
C GLU B 106 -32.26 -3.43 -11.97
N PHE B 107 -31.38 -2.73 -11.26
CA PHE B 107 -30.32 -3.38 -10.50
C PHE B 107 -30.50 -3.12 -9.01
N ASN B 108 -30.13 -4.11 -8.21
CA ASN B 108 -29.97 -3.95 -6.77
C ASN B 108 -28.49 -4.17 -6.49
N LEU B 109 -27.77 -3.08 -6.23
CA LEU B 109 -26.31 -3.14 -6.15
C LEU B 109 -25.86 -3.56 -4.76
N ILE B 110 -25.03 -4.58 -4.70
CA ILE B 110 -24.33 -4.95 -3.47
C ILE B 110 -22.88 -4.54 -3.68
N LEU B 111 -22.55 -3.33 -3.29
CA LEU B 111 -21.20 -2.85 -3.48
C LEU B 111 -20.31 -3.31 -2.33
N THR B 112 -19.03 -3.49 -2.64
CA THR B 112 -18.05 -3.78 -1.63
C THR B 112 -17.18 -2.55 -1.40
N CYS B 113 -16.72 -2.40 -0.16
CA CYS B 113 -15.81 -1.32 0.19
C CYS B 113 -14.97 -1.79 1.37
N PRO B 114 -13.82 -1.19 1.59
CA PRO B 114 -13.09 -1.45 2.85
C PRO B 114 -13.90 -1.00 4.04
N TYR B 115 -13.68 -1.70 5.16
CA TYR B 115 -14.51 -1.48 6.35
C TYR B 115 -14.23 -0.13 6.98
N GLU B 116 -13.02 0.40 6.80
CA GLU B 116 -12.67 1.70 7.37
C GLU B 116 -13.45 2.82 6.70
N SER B 117 -13.73 2.69 5.41
CA SER B 117 -14.46 3.69 4.64
C SER B 117 -15.91 3.28 4.43
N MET B 118 -16.51 2.64 5.44
CA MET B 118 -17.88 2.14 5.30
C MET B 118 -18.89 3.27 5.25
N VAL B 119 -18.95 4.07 6.31
CA VAL B 119 -19.90 5.18 6.37
C VAL B 119 -19.45 6.40 5.58
N THR B 120 -18.23 6.37 5.02
CA THR B 120 -17.69 7.52 4.32
C THR B 120 -18.12 7.54 2.85
N ASP B 121 -18.21 6.36 2.22
CA ASP B 121 -18.46 6.25 0.79
C ASP B 121 -19.88 6.61 0.37
N LYS B 122 -20.78 6.90 1.32
CA LYS B 122 -22.17 7.17 0.98
C LYS B 122 -22.38 8.55 0.38
N LYS B 123 -21.35 9.39 0.35
CA LYS B 123 -21.44 10.66 -0.38
C LYS B 123 -21.43 10.43 -1.88
N TYR B 124 -20.67 9.42 -2.32
CA TYR B 124 -20.33 9.23 -3.73
C TYR B 124 -21.12 8.11 -4.39
N PHE B 125 -21.44 7.05 -3.65
CA PHE B 125 -22.19 5.95 -4.23
C PHE B 125 -23.69 6.20 -4.23
N VAL B 126 -24.20 6.86 -3.19
CA VAL B 126 -25.64 7.03 -3.05
C VAL B 126 -26.16 8.16 -3.93
N GLN B 127 -25.46 9.30 -3.90
CA GLN B 127 -26.00 10.52 -4.52
C GLN B 127 -25.92 10.46 -6.04
N HIS B 128 -24.88 9.81 -6.59
CA HIS B 128 -24.74 9.74 -8.03
C HIS B 128 -25.62 8.66 -8.65
N PHE B 129 -26.21 7.79 -7.84
CA PHE B 129 -26.96 6.63 -8.30
C PHE B 129 -28.32 6.62 -7.63
N GLU B 130 -29.33 7.19 -8.28
CA GLU B 130 -30.66 7.27 -7.72
C GLU B 130 -31.73 6.74 -8.68
N GLY B 131 -31.36 5.83 -9.58
CA GLY B 131 -32.33 5.31 -10.52
C GLY B 131 -32.45 6.19 -11.75
N GLU B 132 -32.80 5.54 -12.87
CA GLU B 132 -33.08 6.18 -14.16
C GLU B 132 -31.87 6.94 -14.70
N ARG B 133 -30.68 6.44 -14.41
CA ARG B 133 -29.44 7.01 -14.93
C ARG B 133 -29.21 6.55 -16.36
N GLU B 134 -28.12 7.02 -16.95
CA GLU B 134 -27.88 6.74 -18.36
C GLU B 134 -26.39 6.83 -18.66
N VAL B 135 -25.86 5.81 -19.32
CA VAL B 135 -24.50 5.82 -19.84
C VAL B 135 -24.57 5.88 -21.36
N ILE B 136 -23.43 6.21 -21.96
CA ILE B 136 -23.26 6.20 -23.40
C ILE B 136 -22.03 5.33 -23.64
N VAL B 137 -22.24 4.07 -23.97
CA VAL B 137 -21.16 3.12 -24.18
C VAL B 137 -21.07 2.82 -25.66
N GLU B 138 -19.91 3.14 -26.26
CA GLU B 138 -19.59 2.88 -27.66
C GLU B 138 -20.61 3.56 -28.58
N GLY B 139 -20.98 4.79 -28.23
CA GLY B 139 -21.96 5.53 -28.99
C GLY B 139 -23.40 5.23 -28.60
N LYS B 140 -23.73 3.94 -28.47
CA LYS B 140 -25.10 3.53 -28.15
C LYS B 140 -25.41 3.86 -26.69
N SER B 141 -26.41 4.70 -26.49
CA SER B 141 -26.80 5.07 -25.14
C SER B 141 -27.51 3.92 -24.44
N PHE B 142 -27.34 3.84 -23.12
CA PHE B 142 -27.92 2.79 -22.31
C PHE B 142 -28.47 3.37 -21.02
N LYS B 143 -29.72 3.05 -20.72
CA LYS B 143 -30.42 3.52 -19.53
C LYS B 143 -30.64 2.37 -18.56
N PHE B 144 -30.34 2.59 -17.29
CA PHE B 144 -30.51 1.58 -16.25
C PHE B 144 -31.19 2.22 -15.06
N THR B 145 -31.46 1.39 -14.04
CA THR B 145 -32.13 1.84 -12.83
C THR B 145 -31.53 1.15 -11.62
N VAL B 146 -31.10 1.94 -10.65
CA VAL B 146 -30.59 1.43 -9.37
C VAL B 146 -31.32 2.17 -8.27
N HIS B 147 -32.13 1.45 -7.49
CA HIS B 147 -32.95 2.09 -6.48
C HIS B 147 -32.67 1.64 -5.05
N ASN B 148 -31.70 0.76 -4.83
CA ASN B 148 -31.16 0.51 -3.50
C ASN B 148 -29.74 -0.03 -3.61
N ILE B 149 -28.86 0.46 -2.73
CA ILE B 149 -27.45 0.11 -2.73
C ILE B 149 -27.09 -0.40 -1.35
N VAL B 150 -26.61 -1.63 -1.28
CA VAL B 150 -26.22 -2.26 -0.03
C VAL B 150 -24.71 -2.32 -0.02
N MET B 151 -24.09 -1.47 0.78
CA MET B 151 -22.63 -1.31 0.77
C MET B 151 -22.03 -2.30 1.76
N ALA B 152 -21.53 -3.43 1.26
CA ALA B 152 -20.99 -4.47 2.11
C ALA B 152 -19.55 -4.15 2.51
N ALA B 153 -18.86 -5.13 3.09
CA ALA B 153 -17.47 -4.98 3.49
C ALA B 153 -16.61 -5.88 2.62
N GLU B 154 -15.39 -5.43 2.34
CA GLU B 154 -14.53 -6.10 1.38
C GLU B 154 -13.81 -7.22 2.11
N GLY B 155 -14.32 -8.44 1.98
CA GLY B 155 -13.72 -9.58 2.63
C GLY B 155 -14.74 -10.59 3.12
N LEU B 156 -15.98 -10.14 3.34
CA LEU B 156 -16.99 -11.00 3.94
C LEU B 156 -17.47 -12.12 3.02
N GLY B 157 -17.09 -12.10 1.75
CA GLY B 157 -17.44 -13.21 0.88
C GLY B 157 -16.72 -14.49 1.22
N ALA B 158 -15.57 -14.40 1.86
CA ALA B 158 -14.85 -15.60 2.26
C ALA B 158 -15.42 -16.25 3.50
N LEU B 159 -16.40 -15.61 4.16
CA LEU B 159 -16.93 -16.14 5.41
C LEU B 159 -17.80 -17.37 5.18
N ASN B 160 -18.39 -17.51 3.99
CA ASN B 160 -19.20 -18.69 3.70
C ASN B 160 -18.33 -19.93 3.57
N PHE B 161 -17.07 -19.76 3.20
CA PHE B 161 -16.17 -20.89 3.01
C PHE B 161 -15.26 -21.07 4.19
N SER B 162 -15.68 -20.56 5.35
CA SER B 162 -14.92 -20.66 6.58
C SER B 162 -15.55 -21.73 7.46
N ASP B 163 -14.74 -22.69 7.87
CA ASP B 163 -15.19 -23.75 8.75
C ASP B 163 -15.51 -23.25 10.15
N SER B 164 -14.91 -22.14 10.57
CA SER B 164 -15.14 -21.55 11.87
C SER B 164 -15.87 -20.23 11.71
N LEU B 165 -16.76 -19.94 12.65
CA LEU B 165 -17.50 -18.69 12.66
C LEU B 165 -16.71 -17.57 13.33
N ASN B 166 -15.52 -17.87 13.84
CA ASN B 166 -14.71 -16.95 14.62
C ASN B 166 -13.31 -16.97 14.03
N CYS B 167 -13.04 -16.06 13.09
CA CYS B 167 -11.82 -16.16 12.30
C CYS B 167 -11.36 -14.77 11.90
N VAL B 168 -10.23 -14.74 11.18
CA VAL B 168 -9.65 -13.53 10.62
C VAL B 168 -9.65 -13.70 9.10
N ILE B 169 -10.21 -12.74 8.39
CA ILE B 169 -10.26 -12.79 6.94
C ILE B 169 -9.17 -11.87 6.40
N VAL B 170 -8.19 -12.45 5.73
CA VAL B 170 -7.06 -11.71 5.16
C VAL B 170 -7.31 -11.57 3.66
N ASP B 171 -7.54 -10.34 3.23
CA ASP B 171 -7.81 -10.04 1.83
C ASP B 171 -6.49 -9.66 1.18
N ALA B 172 -5.83 -10.63 0.55
CA ALA B 172 -4.58 -10.39 -0.15
C ALA B 172 -4.90 -9.69 -1.47
N GLY B 173 -5.10 -8.37 -1.36
CA GLY B 173 -5.55 -7.59 -2.48
C GLY B 173 -4.46 -7.27 -3.49
N SER B 174 -4.62 -6.15 -4.17
CA SER B 174 -3.68 -5.73 -5.20
C SER B 174 -2.95 -4.45 -4.85
N LYS B 175 -3.61 -3.52 -4.15
CA LYS B 175 -2.95 -2.35 -3.61
C LYS B 175 -3.04 -2.28 -2.09
N THR B 176 -3.80 -3.17 -1.45
CA THR B 176 -4.05 -3.06 -0.02
C THR B 176 -4.42 -4.42 0.54
N LEU B 177 -4.13 -4.60 1.82
CA LEU B 177 -4.58 -5.76 2.59
C LEU B 177 -5.74 -5.35 3.47
N ASN B 178 -6.81 -6.12 3.45
CA ASN B 178 -7.97 -5.86 4.29
C ASN B 178 -8.06 -6.99 5.31
N VAL B 179 -7.34 -6.84 6.41
CA VAL B 179 -7.46 -7.74 7.54
C VAL B 179 -8.75 -7.41 8.25
N LEU B 180 -9.61 -8.41 8.43
CA LEU B 180 -10.98 -8.19 8.91
C LEU B 180 -11.22 -9.18 10.04
N TYR B 181 -11.03 -8.72 11.27
CA TYR B 181 -11.13 -9.55 12.46
C TYR B 181 -12.59 -9.75 12.81
N LEU B 182 -13.00 -11.01 12.91
CA LEU B 182 -14.40 -11.37 12.94
C LEU B 182 -14.65 -12.30 14.12
N ILE B 183 -15.77 -12.09 14.82
CA ILE B 183 -16.07 -12.79 16.07
C ILE B 183 -17.16 -13.83 15.90
N ASN B 184 -18.37 -13.38 15.56
CA ASN B 184 -19.52 -14.27 15.61
C ASN B 184 -20.37 -14.04 14.37
N GLY B 185 -19.71 -13.94 13.23
CA GLY B 185 -20.35 -13.43 12.04
C GLY B 185 -20.43 -11.93 12.01
N SER B 186 -19.75 -11.25 12.94
CA SER B 186 -19.77 -9.81 13.06
C SER B 186 -18.33 -9.30 13.09
N ILE B 187 -18.14 -8.09 12.62
CA ILE B 187 -16.81 -7.55 12.36
C ILE B 187 -16.40 -6.68 13.54
N SER B 188 -15.27 -7.00 14.14
CA SER B 188 -14.72 -6.17 15.20
C SER B 188 -14.07 -4.94 14.58
N LYS B 189 -14.38 -3.76 15.13
CA LYS B 189 -13.93 -2.53 14.51
C LYS B 189 -12.53 -2.13 14.97
N MET B 190 -12.16 -2.47 16.21
CA MET B 190 -10.85 -2.10 16.71
C MET B 190 -9.75 -2.95 16.11
N ASP B 191 -10.02 -4.21 15.83
CA ASP B 191 -8.98 -5.15 15.42
C ASP B 191 -8.96 -5.40 13.92
N SER B 192 -9.71 -4.63 13.13
CA SER B 192 -9.67 -4.75 11.68
C SER B 192 -8.70 -3.71 11.11
N HIS B 193 -7.66 -4.19 10.45
CA HIS B 193 -6.66 -3.33 9.88
C HIS B 193 -7.09 -2.88 8.49
N THR B 194 -6.27 -2.06 7.85
CA THR B 194 -6.26 -1.94 6.39
C THR B 194 -4.82 -1.64 6.02
N ILE B 195 -4.06 -2.67 5.71
CA ILE B 195 -2.63 -2.52 5.51
C ILE B 195 -2.39 -2.05 4.09
N ASN B 196 -1.60 -0.99 3.94
CA ASN B 196 -1.29 -0.47 2.62
C ASN B 196 -0.30 -1.39 1.92
N GLY B 197 -0.35 -1.38 0.59
CA GLY B 197 0.51 -2.25 -0.19
C GLY B 197 -0.18 -3.55 -0.55
N GLY B 198 -0.03 -3.99 -1.78
CA GLY B 198 -0.70 -5.20 -2.22
C GLY B 198 0.23 -6.16 -2.93
N THR B 199 -0.34 -7.09 -3.68
CA THR B 199 0.47 -8.09 -4.36
C THR B 199 1.10 -7.58 -5.65
N ILE B 200 0.65 -6.43 -6.17
CA ILE B 200 1.29 -5.84 -7.33
C ILE B 200 2.65 -5.29 -6.96
N ASP B 201 2.70 -4.44 -5.94
CA ASP B 201 3.94 -3.77 -5.57
C ASP B 201 4.86 -4.71 -4.81
N ASN B 202 4.30 -5.49 -3.89
CA ASN B 202 5.09 -6.27 -2.94
C ASN B 202 4.96 -7.76 -3.22
N SER B 203 6.02 -8.48 -2.92
CA SER B 203 5.97 -9.93 -2.94
C SER B 203 5.16 -10.41 -1.75
N ILE B 204 4.60 -11.63 -1.87
CA ILE B 204 3.73 -12.16 -0.83
C ILE B 204 4.52 -12.52 0.41
N MET B 205 5.75 -13.03 0.24
CA MET B 205 6.60 -13.36 1.38
C MET B 205 7.02 -12.10 2.14
N ASP B 206 7.09 -10.96 1.47
CA ASP B 206 7.29 -9.68 2.15
C ASP B 206 5.98 -9.02 2.54
N LEU B 207 4.85 -9.61 2.18
CA LEU B 207 3.54 -9.08 2.54
C LEU B 207 2.87 -9.90 3.63
N ALA B 208 3.11 -11.20 3.68
CA ALA B 208 2.64 -12.02 4.77
C ALA B 208 3.39 -11.72 6.06
N LYS B 209 4.63 -11.26 5.96
CA LYS B 209 5.39 -10.91 7.15
C LYS B 209 4.99 -9.58 7.74
N THR B 210 4.37 -8.70 6.95
CA THR B 210 3.79 -7.49 7.53
C THR B 210 2.42 -7.74 8.13
N PHE B 211 1.78 -8.85 7.75
CA PHE B 211 0.57 -9.26 8.45
C PHE B 211 0.90 -9.75 9.85
N ALA B 212 2.03 -10.43 10.02
CA ALA B 212 2.39 -10.96 11.33
C ALA B 212 2.84 -9.87 12.29
N LYS B 213 3.14 -8.68 11.79
CA LYS B 213 3.53 -7.59 12.66
C LYS B 213 2.32 -6.79 13.12
N THR B 214 1.39 -6.52 12.20
CA THR B 214 0.21 -5.73 12.54
C THR B 214 -0.75 -6.52 13.40
N CYS B 215 -1.23 -7.65 12.89
CA CYS B 215 -2.25 -8.43 13.59
C CYS B 215 -1.55 -9.50 14.41
N SER B 216 -0.80 -9.01 15.40
CA SER B 216 0.03 -9.83 16.28
C SER B 216 -0.66 -10.15 17.59
N ASN B 217 -1.93 -9.79 17.74
CA ASN B 217 -2.75 -10.27 18.85
C ASN B 217 -3.42 -11.60 18.51
N ILE B 218 -2.86 -12.36 17.59
CA ILE B 218 -3.42 -13.59 17.10
C ILE B 218 -2.45 -14.73 17.40
N ASP B 219 -2.90 -15.65 18.24
CA ASP B 219 -2.13 -16.86 18.47
C ASP B 219 -2.22 -17.78 17.26
N TYR B 220 -1.32 -18.74 17.21
CA TYR B 220 -1.08 -19.47 15.97
C TYR B 220 -2.07 -20.60 15.73
N ASP B 221 -3.01 -20.81 16.63
CA ASP B 221 -4.04 -21.82 16.44
C ASP B 221 -5.37 -21.21 16.03
N TYR B 222 -5.39 -19.92 15.71
CA TYR B 222 -6.58 -19.14 15.42
C TYR B 222 -6.88 -19.21 13.93
N PRO B 223 -8.15 -19.32 13.54
CA PRO B 223 -8.46 -19.55 12.12
C PRO B 223 -8.27 -18.30 11.29
N ILE B 224 -7.56 -18.45 10.17
CA ILE B 224 -7.33 -17.38 9.22
C ILE B 224 -7.83 -17.84 7.86
N VAL B 225 -8.71 -17.03 7.26
CA VAL B 225 -9.28 -17.35 5.96
C VAL B 225 -8.69 -16.40 4.94
N CYS B 226 -7.84 -16.91 4.07
CA CYS B 226 -7.20 -16.11 3.04
C CYS B 226 -8.12 -15.96 1.84
N THR B 227 -8.36 -14.73 1.42
CA THR B 227 -9.11 -14.49 0.19
C THR B 227 -8.35 -13.53 -0.71
N GLY B 228 -8.95 -13.15 -1.82
CA GLY B 228 -8.28 -12.34 -2.80
C GLY B 228 -7.73 -13.19 -3.93
N GLY B 229 -7.10 -12.51 -4.89
CA GLY B 229 -6.62 -13.20 -6.08
C GLY B 229 -5.41 -14.06 -5.83
N LYS B 230 -4.60 -13.72 -4.83
CA LYS B 230 -3.41 -14.49 -4.48
C LYS B 230 -3.64 -15.30 -3.22
N ALA B 231 -4.83 -15.88 -3.07
CA ALA B 231 -5.21 -16.52 -1.81
C ALA B 231 -4.46 -17.82 -1.58
N GLU B 232 -4.40 -18.69 -2.59
CA GLU B 232 -3.74 -19.97 -2.40
C GLU B 232 -2.22 -19.87 -2.38
N GLU B 233 -1.66 -18.72 -2.72
CA GLU B 233 -0.26 -18.46 -2.47
C GLU B 233 -0.07 -17.69 -1.17
N MET B 234 -1.14 -17.07 -0.65
CA MET B 234 -1.05 -16.39 0.63
C MET B 234 -0.93 -17.39 1.77
N LYS B 235 -1.73 -18.46 1.74
CA LYS B 235 -1.68 -19.44 2.82
C LYS B 235 -0.43 -20.29 2.77
N GLU B 236 0.24 -20.37 1.63
CA GLU B 236 1.50 -21.10 1.58
C GLU B 236 2.66 -20.29 2.14
N CYS B 237 2.49 -18.98 2.29
CA CYS B 237 3.51 -18.13 2.87
C CYS B 237 3.16 -17.66 4.27
N LEU B 238 1.95 -17.95 4.75
CA LEU B 238 1.64 -17.75 6.17
C LEU B 238 2.04 -18.97 6.99
N GLU B 239 1.98 -20.16 6.40
CA GLU B 239 2.39 -21.36 7.12
C GLU B 239 3.89 -21.39 7.35
N ASN B 240 4.67 -20.72 6.49
CA ASN B 240 6.09 -20.57 6.75
C ASN B 240 6.36 -19.54 7.83
N VAL B 241 5.40 -18.66 8.11
CA VAL B 241 5.53 -17.74 9.23
C VAL B 241 5.27 -18.46 10.54
N GLY B 242 4.27 -19.34 10.57
CA GLY B 242 4.03 -20.14 11.75
C GLY B 242 2.56 -20.32 12.10
N TYR B 243 1.67 -19.81 11.27
CA TYR B 243 0.25 -20.02 11.49
C TYR B 243 -0.13 -21.43 11.07
N SER B 244 -1.11 -22.00 11.75
CA SER B 244 -1.40 -23.42 11.62
C SER B 244 -2.76 -23.73 11.01
N THR B 245 -3.82 -23.03 11.42
CA THR B 245 -5.17 -23.34 10.98
C THR B 245 -5.64 -22.38 9.89
N VAL B 246 -4.74 -22.01 9.00
CA VAL B 246 -5.05 -21.10 7.91
C VAL B 246 -5.54 -21.91 6.71
N SER B 247 -6.57 -21.41 6.05
CA SER B 247 -7.17 -22.14 4.93
C SER B 247 -7.79 -21.12 3.97
N SER B 248 -7.29 -21.11 2.74
CA SER B 248 -7.84 -20.21 1.73
C SER B 248 -9.20 -20.70 1.28
N ALA B 249 -10.06 -19.75 0.91
CA ALA B 249 -11.43 -20.06 0.52
C ALA B 249 -11.45 -20.52 -0.93
N GLU B 250 -11.97 -21.72 -1.16
CA GLU B 250 -12.06 -22.26 -2.50
C GLU B 250 -13.51 -22.25 -2.97
N LEU B 251 -13.74 -21.73 -4.18
CA LEU B 251 -15.07 -21.66 -4.75
C LEU B 251 -15.43 -22.99 -5.40
N GLY B 252 -16.51 -22.98 -6.17
CA GLY B 252 -16.94 -24.17 -6.89
C GLY B 252 -16.12 -24.47 -8.12
N GLU B 253 -16.78 -24.99 -9.15
CA GLU B 253 -16.08 -25.39 -10.36
C GLU B 253 -15.94 -24.21 -11.30
N ASP B 254 -14.74 -24.07 -11.88
CA ASP B 254 -14.40 -23.08 -12.90
C ASP B 254 -14.60 -21.64 -12.43
N LYS B 255 -14.38 -21.40 -11.14
CA LYS B 255 -14.38 -20.05 -10.59
C LYS B 255 -13.10 -19.89 -9.79
N PRO B 256 -12.17 -19.06 -10.24
CA PRO B 256 -10.89 -18.94 -9.53
C PRO B 256 -10.97 -18.17 -8.24
N SER B 257 -9.82 -17.96 -7.60
CA SER B 257 -9.79 -17.45 -6.23
C SER B 257 -10.11 -15.96 -6.13
N TYR B 258 -10.13 -15.23 -7.24
CA TYR B 258 -10.38 -13.80 -7.16
C TYR B 258 -11.86 -13.44 -7.23
N TYR B 259 -12.75 -14.43 -7.26
CA TYR B 259 -14.18 -14.15 -7.18
C TYR B 259 -14.76 -14.37 -5.80
N VAL B 260 -13.92 -14.69 -4.81
CA VAL B 260 -14.40 -15.13 -3.51
C VAL B 260 -15.09 -14.00 -2.76
N ASN B 261 -14.53 -12.80 -2.84
CA ASN B 261 -15.14 -11.64 -2.20
C ASN B 261 -16.47 -11.25 -2.82
N SER B 262 -16.72 -11.67 -4.06
CA SER B 262 -17.94 -11.30 -4.75
C SER B 262 -18.98 -12.42 -4.76
N VAL B 263 -18.56 -13.66 -5.00
CA VAL B 263 -19.51 -14.77 -5.05
C VAL B 263 -20.05 -15.06 -3.65
N GLY B 264 -19.18 -14.99 -2.64
CA GLY B 264 -19.61 -15.33 -1.29
C GLY B 264 -20.58 -14.34 -0.68
N LEU B 265 -20.52 -13.08 -1.09
CA LEU B 265 -21.53 -12.13 -0.64
C LEU B 265 -22.87 -12.37 -1.30
N LEU B 266 -22.88 -12.97 -2.49
CA LEU B 266 -24.14 -13.32 -3.12
C LEU B 266 -24.79 -14.49 -2.41
N LEU B 267 -23.99 -15.43 -1.93
CA LEU B 267 -24.48 -16.60 -1.23
C LEU B 267 -24.86 -16.32 0.22
N LYS B 268 -24.66 -15.12 0.71
CA LYS B 268 -24.90 -14.84 2.11
C LYS B 268 -25.84 -13.67 2.34
N TYR B 269 -25.73 -12.61 1.57
CA TYR B 269 -26.39 -11.34 1.84
C TYR B 269 -27.31 -10.97 0.68
N GLY B 270 -27.81 -9.73 0.72
CA GLY B 270 -28.74 -9.26 -0.29
C GLY B 270 -30.10 -9.87 -0.11
N ARG B 271 -30.75 -9.58 1.00
CA ARG B 271 -32.05 -10.16 1.30
C ARG B 271 -33.16 -9.22 0.88
N THR C 5 38.08 -16.53 24.58
CA THR C 5 36.70 -16.97 24.33
C THR C 5 35.76 -16.33 25.32
N LEU C 6 34.76 -15.61 24.81
CA LEU C 6 33.85 -14.84 25.64
C LEU C 6 32.49 -15.52 25.69
N THR C 7 32.01 -15.79 26.89
CA THR C 7 30.70 -16.37 27.11
C THR C 7 29.72 -15.24 27.38
N THR C 8 28.74 -15.07 26.50
CA THR C 8 27.80 -13.97 26.60
C THR C 8 26.37 -14.46 26.45
N VAL C 9 25.44 -13.64 26.91
CA VAL C 9 24.02 -13.96 26.91
C VAL C 9 23.27 -12.86 26.18
N ILE C 10 22.47 -13.25 25.19
CA ILE C 10 21.83 -12.32 24.27
C ILE C 10 20.33 -12.57 24.31
N ASP C 11 19.59 -11.66 24.94
CA ASP C 11 18.14 -11.79 25.13
C ASP C 11 17.46 -11.07 23.97
N ILE C 12 17.22 -11.79 22.89
CA ILE C 12 16.53 -11.25 21.73
C ILE C 12 15.07 -11.07 22.10
N GLY C 13 14.60 -9.82 22.14
CA GLY C 13 13.22 -9.52 22.39
C GLY C 13 12.53 -8.98 21.17
N ASN C 14 11.42 -8.27 21.41
CA ASN C 14 10.67 -7.64 20.33
C ASN C 14 10.82 -6.12 20.33
N PHE C 15 10.87 -5.51 21.50
CA PHE C 15 11.13 -4.08 21.58
C PHE C 15 12.62 -3.79 21.44
N SER C 16 13.46 -4.63 22.03
CA SER C 16 14.89 -4.41 22.02
C SER C 16 15.59 -5.75 22.08
N THR C 17 16.91 -5.71 21.94
CA THR C 17 17.72 -6.92 22.02
C THR C 17 18.86 -6.67 23.00
N LYS C 18 18.83 -7.37 24.12
CA LYS C 18 19.74 -7.11 25.21
C LYS C 18 20.85 -8.15 25.20
N TYR C 19 22.09 -7.69 25.28
CA TYR C 19 23.25 -8.56 25.37
C TYR C 19 23.98 -8.25 26.67
N ALA C 20 24.52 -9.29 27.30
CA ALA C 20 25.30 -9.13 28.52
C ALA C 20 26.50 -10.06 28.47
N TYR C 21 27.63 -9.58 28.99
CA TYR C 21 28.85 -10.37 29.03
C TYR C 21 29.68 -9.92 30.21
N LYS C 22 30.67 -10.73 30.55
CA LYS C 22 31.49 -10.53 31.75
C LYS C 22 32.95 -10.55 31.33
N ASP C 23 33.57 -9.37 31.25
CA ASP C 23 34.99 -9.30 30.92
C ASP C 23 35.87 -9.21 32.16
N ALA C 24 35.67 -8.19 32.98
CA ALA C 24 36.31 -8.07 34.29
C ALA C 24 35.38 -8.68 35.32
N ALA C 25 35.60 -8.39 36.61
CA ALA C 25 34.64 -8.76 37.64
C ALA C 25 33.29 -8.07 37.46
N GLN C 26 33.24 -6.95 36.76
CA GLN C 26 31.98 -6.27 36.47
C GLN C 26 31.28 -6.94 35.29
N ILE C 27 30.01 -6.58 35.10
CA ILE C 27 29.23 -7.02 33.95
C ILE C 27 29.02 -5.84 33.02
N LYS C 28 29.60 -5.90 31.83
CA LYS C 28 29.36 -4.90 30.80
C LYS C 28 28.12 -5.31 30.01
N VAL C 29 27.20 -4.38 29.85
CA VAL C 29 25.88 -4.69 29.33
C VAL C 29 25.46 -3.59 28.36
N GLY C 30 24.53 -3.91 27.48
CA GLY C 30 24.04 -2.95 26.51
C GLY C 30 22.92 -3.55 25.69
N SER C 31 22.33 -2.71 24.85
CA SER C 31 21.24 -3.16 23.98
C SER C 31 21.19 -2.27 22.74
N PHE C 32 20.23 -2.56 21.88
CA PHE C 32 19.94 -1.79 20.68
C PHE C 32 18.52 -2.14 20.26
N PRO C 33 17.77 -1.21 19.68
CA PRO C 33 16.35 -1.47 19.41
C PRO C 33 16.13 -2.50 18.32
N SER C 34 15.09 -3.29 18.49
CA SER C 34 14.78 -4.44 17.65
C SER C 34 13.86 -4.08 16.50
N ILE C 35 14.22 -3.05 15.74
CA ILE C 35 13.48 -2.66 14.55
C ILE C 35 14.40 -2.83 13.37
N LEU C 36 14.02 -3.68 12.43
CA LEU C 36 14.78 -3.82 11.21
C LEU C 36 13.86 -3.87 10.01
N HIS C 37 14.38 -3.37 8.89
CA HIS C 37 13.64 -3.16 7.68
C HIS C 37 14.48 -3.70 6.52
N SER C 38 13.83 -3.96 5.39
CA SER C 38 14.53 -4.43 4.20
C SER C 38 15.44 -3.34 3.65
N TYR C 39 16.23 -3.67 2.62
CA TYR C 39 17.40 -2.86 2.33
C TYR C 39 17.10 -1.47 1.78
N LYS C 40 16.49 -1.32 0.58
CA LYS C 40 16.15 -0.02 -0.01
C LYS C 40 17.31 0.96 -0.04
N PRO C 41 18.23 0.86 -1.00
CA PRO C 41 19.48 1.63 -1.00
C PRO C 41 19.30 3.14 -0.87
N LEU C 42 19.80 3.66 0.25
CA LEU C 42 19.55 5.01 0.70
C LEU C 42 20.78 5.85 0.42
N GLU C 43 20.64 7.18 0.46
CA GLU C 43 21.75 8.04 0.07
C GLU C 43 22.82 8.13 1.17
N ASP C 44 22.46 8.68 2.32
CA ASP C 44 23.43 8.86 3.41
C ASP C 44 22.69 8.71 4.73
N TYR C 45 22.69 7.50 5.26
CA TYR C 45 22.10 7.20 6.55
C TYR C 45 23.10 7.45 7.66
N GLU C 46 22.57 7.83 8.83
CA GLU C 46 23.40 8.22 9.95
C GLU C 46 23.27 7.28 11.14
N GLY C 47 22.06 7.07 11.66
CA GLY C 47 21.91 6.33 12.89
C GLY C 47 21.46 4.90 12.71
N MET C 48 21.75 4.32 11.56
CA MET C 48 21.42 2.92 11.31
C MET C 48 22.60 2.29 10.60
N GLU C 49 22.67 0.97 10.64
CA GLU C 49 23.78 0.26 10.03
C GLU C 49 23.27 -0.91 9.22
N ARG C 50 23.89 -1.13 8.08
CA ARG C 50 23.53 -2.23 7.20
C ARG C 50 24.15 -3.53 7.70
N VAL C 51 23.36 -4.59 7.74
CA VAL C 51 23.83 -5.89 8.18
C VAL C 51 23.51 -6.91 7.09
N GLU C 52 24.52 -7.66 6.67
CA GLU C 52 24.34 -8.75 5.72
C GLU C 52 24.78 -10.06 6.36
N TYR C 53 23.85 -10.99 6.49
CA TYR C 53 24.16 -12.32 6.99
C TYR C 53 23.26 -13.33 6.33
N ASN C 54 23.86 -14.28 5.61
CA ASN C 54 23.18 -15.47 5.07
C ASN C 54 22.09 -15.08 4.08
N GLY C 55 22.47 -14.31 3.07
CA GLY C 55 21.54 -13.92 2.04
C GLY C 55 20.51 -12.89 2.46
N LEU C 56 20.77 -12.16 3.52
CA LEU C 56 19.87 -11.12 4.00
C LEU C 56 20.57 -9.77 3.93
N ASP C 57 19.78 -8.70 3.88
CA ASP C 57 20.34 -7.36 3.75
C ASP C 57 19.36 -6.40 4.43
N TYR C 58 19.63 -6.11 5.71
CA TYR C 58 18.71 -5.40 6.58
C TYR C 58 19.41 -4.24 7.27
N TYR C 59 18.64 -3.20 7.59
CA TYR C 59 19.13 -2.11 8.42
C TYR C 59 18.72 -2.33 9.86
N VAL C 60 19.70 -2.33 10.76
CA VAL C 60 19.46 -2.40 12.19
C VAL C 60 20.09 -1.18 12.84
N GLY C 61 19.33 -0.50 13.68
CA GLY C 61 19.87 0.65 14.39
C GLY C 61 18.77 1.49 14.99
N GLU C 62 19.14 2.68 15.41
CA GLU C 62 18.22 3.58 16.11
C GLU C 62 17.19 4.16 15.14
N THR C 63 17.63 4.60 13.97
CA THR C 63 16.81 5.40 13.08
C THR C 63 16.08 4.55 12.04
N VAL C 64 15.99 3.25 12.24
CA VAL C 64 15.22 2.41 11.33
C VAL C 64 13.73 2.66 11.52
N LYS C 65 13.32 3.20 12.66
CA LYS C 65 11.94 3.61 12.89
C LYS C 65 11.51 4.77 12.00
N ASN C 66 12.42 5.46 11.33
CA ASN C 66 12.03 6.47 10.36
C ASN C 66 11.44 5.86 9.10
N PHE C 67 11.72 4.59 8.83
CA PHE C 67 11.09 3.91 7.71
C PHE C 67 9.62 3.62 7.94
N TYR C 68 9.13 3.79 9.16
CA TYR C 68 7.79 3.38 9.55
C TYR C 68 7.05 4.59 10.13
N PHE C 69 7.05 5.70 9.39
CA PHE C 69 6.56 6.96 9.93
C PHE C 69 5.05 6.94 10.18
N GLY C 70 4.26 6.77 9.13
CA GLY C 70 2.83 6.79 9.31
C GLY C 70 2.24 5.43 9.60
N ARG C 71 3.10 4.44 9.78
CA ARG C 71 2.72 3.04 9.94
C ARG C 71 3.46 2.43 11.12
N GLU C 72 3.41 3.11 12.26
CA GLU C 72 4.21 2.76 13.43
C GLU C 72 3.80 1.44 14.09
N GLU C 73 2.65 0.87 13.71
CA GLU C 73 2.28 -0.45 14.20
C GLU C 73 2.91 -1.57 13.39
N GLN C 74 3.86 -1.28 12.51
CA GLN C 74 4.49 -2.29 11.68
C GLN C 74 5.97 -2.45 11.99
N MET C 75 6.46 -1.82 13.04
CA MET C 75 7.90 -1.82 13.26
C MET C 75 8.38 -2.89 14.22
N TYR C 76 7.49 -3.70 14.76
CA TYR C 76 7.80 -4.64 15.83
C TYR C 76 7.42 -6.05 15.43
N PHE C 77 8.37 -6.97 15.56
CA PHE C 77 8.09 -8.38 15.35
C PHE C 77 7.11 -8.87 16.39
N GLY C 78 5.97 -9.37 15.94
CA GLY C 78 4.96 -9.70 16.92
C GLY C 78 4.81 -11.17 17.21
N ASN C 79 5.40 -11.62 18.32
CA ASN C 79 5.18 -12.93 18.93
C ASN C 79 5.52 -14.06 17.95
N THR C 80 6.64 -13.92 17.26
CA THR C 80 6.89 -14.73 16.07
C THR C 80 8.27 -15.36 16.15
N ARG C 81 8.35 -16.50 16.86
CA ARG C 81 9.29 -17.61 16.65
C ARG C 81 10.73 -17.22 16.35
N LYS C 82 11.41 -16.65 17.36
CA LYS C 82 12.70 -15.97 17.22
C LYS C 82 13.74 -16.80 16.48
N GLY C 83 14.40 -16.16 15.50
CA GLY C 83 15.38 -16.85 14.69
C GLY C 83 14.85 -17.31 13.34
N HIS C 84 14.12 -16.42 12.67
CA HIS C 84 13.62 -16.67 11.33
C HIS C 84 14.67 -16.44 10.27
N MET C 85 14.20 -16.28 9.04
CA MET C 85 14.97 -15.61 7.99
C MET C 85 14.92 -14.09 8.11
N GLU C 86 14.51 -13.57 9.26
CA GLU C 86 14.65 -12.15 9.63
C GLU C 86 15.22 -11.92 11.01
N GLY C 87 15.05 -12.85 11.96
CA GLY C 87 15.48 -12.69 13.33
C GLY C 87 16.90 -13.10 13.61
N GLN C 88 17.60 -13.69 12.65
CA GLN C 88 19.03 -13.94 12.77
C GLN C 88 19.84 -12.67 12.77
N ILE C 89 19.32 -11.61 12.14
CA ILE C 89 20.06 -10.37 12.00
C ILE C 89 20.21 -9.66 13.33
N ARG C 90 19.22 -9.82 14.22
CA ARG C 90 19.33 -9.22 15.54
C ARG C 90 20.38 -9.89 16.39
N LEU C 91 20.65 -11.16 16.13
CA LEU C 91 21.64 -11.87 16.90
C LEU C 91 23.05 -11.59 16.41
N VAL C 92 23.25 -11.59 15.09
CA VAL C 92 24.59 -11.40 14.56
C VAL C 92 25.01 -9.94 14.63
N TYR C 93 24.07 -9.01 14.73
CA TYR C 93 24.44 -7.63 15.00
C TYR C 93 24.75 -7.45 16.47
N ALA C 94 24.15 -8.27 17.33
CA ALA C 94 24.52 -8.25 18.74
C ALA C 94 25.91 -8.83 18.96
N LEU C 95 26.32 -9.77 18.11
CA LEU C 95 27.69 -10.27 18.17
C LEU C 95 28.67 -9.20 17.70
N TYR C 96 28.28 -8.42 16.69
CA TYR C 96 29.14 -7.36 16.20
C TYR C 96 29.29 -6.24 17.22
N THR C 97 28.23 -5.96 17.97
CA THR C 97 28.28 -4.88 18.95
C THR C 97 29.21 -5.22 20.10
N ILE C 98 29.29 -6.51 20.46
CA ILE C 98 30.24 -6.95 21.46
C ILE C 98 31.67 -6.82 20.95
N PHE C 99 31.88 -7.13 19.66
CA PHE C 99 33.20 -7.03 19.06
C PHE C 99 33.70 -5.59 19.01
N LYS C 100 32.79 -4.63 18.87
CA LYS C 100 33.17 -3.23 18.93
C LYS C 100 33.49 -2.75 20.35
N GLU C 101 33.22 -3.56 21.36
CA GLU C 101 33.52 -3.22 22.74
C GLU C 101 34.70 -3.97 23.32
N THR C 102 34.94 -5.21 22.88
CA THR C 102 36.06 -6.00 23.39
C THR C 102 37.08 -6.32 22.32
N GLY C 103 36.64 -6.86 21.18
CA GLY C 103 37.54 -7.47 20.24
C GLY C 103 37.53 -8.97 20.27
N ALA C 104 36.46 -9.60 20.75
CA ALA C 104 36.36 -11.04 20.83
C ALA C 104 35.66 -11.58 19.59
N ALA C 105 36.16 -12.69 19.06
CA ALA C 105 35.58 -13.31 17.89
C ALA C 105 35.21 -14.77 18.13
N GLU C 106 35.31 -15.24 19.37
CA GLU C 106 34.90 -16.59 19.73
C GLU C 106 33.88 -16.49 20.86
N PHE C 107 32.66 -16.90 20.57
CA PHE C 107 31.53 -16.65 21.46
C PHE C 107 30.96 -17.95 21.99
N ASN C 108 30.50 -17.91 23.23
CA ASN C 108 29.67 -18.97 23.81
C ASN C 108 28.31 -18.35 24.06
N LEU C 109 27.33 -18.68 23.22
CA LEU C 109 26.05 -18.00 23.25
C LEU C 109 25.12 -18.62 24.28
N ILE C 110 24.59 -17.79 25.17
CA ILE C 110 23.51 -18.19 26.07
C ILE C 110 22.27 -17.49 25.53
N LEU C 111 21.54 -18.18 24.67
CA LEU C 111 20.35 -17.59 24.10
C LEU C 111 19.17 -17.79 25.03
N THR C 112 18.23 -16.86 24.97
CA THR C 112 16.98 -16.99 25.69
C THR C 112 15.86 -17.27 24.70
N CYS C 113 14.89 -18.04 25.17
CA CYS C 113 13.71 -18.34 24.36
C CYS C 113 12.56 -18.59 25.32
N PRO C 114 11.32 -18.46 24.87
CA PRO C 114 10.19 -18.90 25.69
C PRO C 114 10.25 -20.39 25.94
N TYR C 115 9.71 -20.80 27.09
CA TYR C 115 9.85 -22.19 27.53
C TYR C 115 9.05 -23.14 26.66
N GLU C 116 7.96 -22.64 26.07
CA GLU C 116 7.12 -23.49 25.22
C GLU C 116 7.86 -23.89 23.94
N SER C 117 8.71 -23.01 23.43
CA SER C 117 9.47 -23.26 22.21
C SER C 117 10.91 -23.63 22.52
N MET C 118 11.12 -24.38 23.60
CA MET C 118 12.48 -24.72 24.03
C MET C 118 13.15 -25.71 23.08
N VAL C 119 12.55 -26.88 22.91
CA VAL C 119 13.12 -27.90 22.03
C VAL C 119 12.81 -27.64 20.56
N THR C 120 12.01 -26.61 20.25
CA THR C 120 11.61 -26.37 18.87
C THR C 120 12.63 -25.49 18.15
N ASP C 121 13.24 -24.54 18.85
CA ASP C 121 14.12 -23.55 18.24
C ASP C 121 15.47 -24.11 17.80
N LYS C 122 15.76 -25.37 18.06
CA LYS C 122 17.07 -25.94 17.73
C LYS C 122 17.23 -26.23 16.23
N LYS C 123 16.16 -26.08 15.45
CA LYS C 123 16.30 -26.15 14.00
C LYS C 123 17.00 -24.93 13.44
N TYR C 124 16.75 -23.77 14.04
CA TYR C 124 17.15 -22.48 13.49
C TYR C 124 18.36 -21.87 14.17
N PHE C 125 18.53 -22.09 15.47
CA PHE C 125 19.68 -21.52 16.16
C PHE C 125 20.93 -22.39 16.02
N VAL C 126 20.76 -23.71 15.99
CA VAL C 126 21.91 -24.60 15.99
C VAL C 126 22.51 -24.72 14.58
N GLN C 127 21.66 -24.90 13.58
CA GLN C 127 22.14 -25.27 12.25
C GLN C 127 22.77 -24.07 11.53
N HIS C 128 22.24 -22.87 11.77
CA HIS C 128 22.79 -21.69 11.10
C HIS C 128 24.06 -21.17 11.77
N PHE C 129 24.40 -21.68 12.95
CA PHE C 129 25.50 -21.17 13.76
C PHE C 129 26.38 -22.34 14.17
N GLU C 130 27.41 -22.62 13.39
CA GLU C 130 28.32 -23.71 13.67
C GLU C 130 29.78 -23.29 13.69
N GLY C 131 30.06 -22.03 14.02
CA GLY C 131 31.43 -21.58 14.02
C GLY C 131 31.90 -21.13 12.66
N GLU C 132 32.84 -20.18 12.68
CA GLU C 132 33.53 -19.65 11.49
C GLU C 132 32.56 -19.00 10.51
N ARG C 133 31.49 -18.39 11.04
CA ARG C 133 30.53 -17.66 10.22
C ARG C 133 31.07 -16.28 9.90
N GLU C 134 30.29 -15.51 9.14
CA GLU C 134 30.76 -14.22 8.67
C GLU C 134 29.58 -13.30 8.38
N VAL C 135 29.65 -12.09 8.90
CA VAL C 135 28.69 -11.04 8.56
C VAL C 135 29.42 -9.98 7.76
N ILE C 136 28.62 -9.12 7.12
CA ILE C 136 29.12 -7.97 6.40
C ILE C 136 28.35 -6.79 6.97
N VAL C 137 28.96 -6.07 7.91
CA VAL C 137 28.31 -4.95 8.58
C VAL C 137 28.96 -3.67 8.09
N GLU C 138 28.14 -2.80 7.46
CA GLU C 138 28.56 -1.48 6.97
C GLU C 138 29.70 -1.62 5.96
N GLY C 139 29.60 -2.61 5.09
CA GLY C 139 30.64 -2.87 4.12
C GLY C 139 31.78 -3.73 4.63
N LYS C 140 32.29 -3.41 5.83
CA LYS C 140 33.41 -4.14 6.41
C LYS C 140 32.96 -5.52 6.87
N SER C 141 33.57 -6.55 6.30
CA SER C 141 33.22 -7.92 6.66
C SER C 141 33.77 -8.26 8.04
N PHE C 142 33.05 -9.11 8.76
CA PHE C 142 33.42 -9.53 10.11
C PHE C 142 33.19 -11.01 10.27
N LYS C 143 34.21 -11.72 10.76
CA LYS C 143 34.17 -13.15 10.98
C LYS C 143 34.19 -13.44 12.48
N PHE C 144 33.31 -14.35 12.91
CA PHE C 144 33.22 -14.73 14.30
C PHE C 144 33.13 -16.25 14.39
N THR C 145 33.08 -16.76 15.62
CA THR C 145 33.04 -18.19 15.86
C THR C 145 32.12 -18.47 17.05
N VAL C 146 31.14 -19.34 16.83
CA VAL C 146 30.23 -19.80 17.89
C VAL C 146 30.22 -21.32 17.83
N HIS C 147 30.73 -21.96 18.88
CA HIS C 147 30.85 -23.41 18.87
C HIS C 147 30.06 -24.12 19.97
N ASN C 148 29.31 -23.40 20.79
CA ASN C 148 28.29 -24.01 21.65
C ASN C 148 27.22 -22.98 21.98
N ILE C 149 25.97 -23.43 21.96
CA ILE C 149 24.81 -22.57 22.20
C ILE C 149 23.99 -23.19 23.32
N VAL C 150 23.81 -22.44 24.40
CA VAL C 150 23.05 -22.89 25.56
C VAL C 150 21.73 -22.13 25.54
N MET C 151 20.65 -22.80 25.17
CA MET C 151 19.37 -22.13 24.97
C MET C 151 18.62 -22.13 26.29
N ALA C 152 18.64 -21.00 26.98
CA ALA C 152 18.01 -20.89 28.29
C ALA C 152 16.51 -20.62 28.15
N ALA C 153 15.87 -20.27 29.26
CA ALA C 153 14.45 -19.94 29.26
C ALA C 153 14.28 -18.46 29.56
N GLU C 154 13.26 -17.87 28.97
CA GLU C 154 13.08 -16.42 29.03
C GLU C 154 12.36 -16.09 30.34
N GLY C 155 13.13 -15.69 31.35
CA GLY C 155 12.56 -15.36 32.63
C GLY C 155 13.44 -15.77 33.79
N LEU C 156 14.32 -16.74 33.58
CA LEU C 156 15.12 -17.29 34.68
C LEU C 156 16.18 -16.34 35.20
N GLY C 157 16.42 -15.22 34.53
CA GLY C 157 17.35 -14.25 35.06
C GLY C 157 16.84 -13.55 36.31
N ALA C 158 15.53 -13.51 36.50
CA ALA C 158 14.99 -12.90 37.70
C ALA C 158 15.07 -13.82 38.92
N LEU C 159 15.48 -15.06 38.74
CA LEU C 159 15.50 -16.01 39.84
C LEU C 159 16.62 -15.71 40.83
N ASN C 160 17.69 -15.05 40.38
CA ASN C 160 18.78 -14.70 41.29
C ASN C 160 18.36 -13.62 42.27
N PHE C 161 17.40 -12.79 41.88
CA PHE C 161 16.93 -11.70 42.72
C PHE C 161 15.64 -12.04 43.43
N SER C 162 15.38 -13.33 43.57
CA SER C 162 14.20 -13.83 44.24
C SER C 162 14.58 -14.30 45.63
N ASP C 163 13.88 -13.78 46.64
CA ASP C 163 14.12 -14.17 48.02
C ASP C 163 13.66 -15.59 48.30
N SER C 164 12.71 -16.11 47.52
CA SER C 164 12.21 -17.46 47.68
C SER C 164 12.64 -18.29 46.48
N LEU C 165 12.93 -19.56 46.74
CA LEU C 165 13.30 -20.50 45.71
C LEU C 165 12.07 -21.11 45.03
N ASN C 166 10.87 -20.77 45.51
CA ASN C 166 9.63 -21.38 45.07
C ASN C 166 8.68 -20.23 44.71
N CYS C 167 8.67 -19.82 43.44
CA CYS C 167 7.99 -18.59 43.08
C CYS C 167 7.47 -18.69 41.66
N VAL C 168 6.80 -17.61 41.22
CA VAL C 168 6.29 -17.46 39.86
C VAL C 168 7.00 -16.27 39.25
N ILE C 169 7.61 -16.46 38.09
CA ILE C 169 8.31 -15.38 37.41
C ILE C 169 7.41 -14.86 36.30
N VAL C 170 6.98 -13.61 36.41
CA VAL C 170 6.10 -12.97 35.44
C VAL C 170 6.94 -12.06 34.58
N ASP C 171 7.08 -12.41 33.30
CA ASP C 171 7.89 -11.63 32.36
C ASP C 171 6.95 -10.68 31.64
N ALA C 172 6.88 -9.44 32.14
CA ALA C 172 6.04 -8.41 31.52
C ALA C 172 6.75 -7.92 30.27
N GLY C 173 6.60 -8.69 29.20
CA GLY C 173 7.33 -8.44 27.98
C GLY C 173 6.76 -7.31 27.15
N SER C 174 6.96 -7.39 25.85
CA SER C 174 6.51 -6.36 24.93
C SER C 174 5.45 -6.84 23.96
N LYS C 175 5.52 -8.10 23.54
CA LYS C 175 4.45 -8.72 22.77
C LYS C 175 3.85 -9.92 23.48
N THR C 176 4.41 -10.36 24.60
CA THR C 176 3.96 -11.59 25.22
C THR C 176 4.33 -11.57 26.70
N LEU C 177 3.53 -12.29 27.49
CA LEU C 177 3.82 -12.56 28.89
C LEU C 177 4.35 -13.97 29.03
N ASN C 178 5.46 -14.12 29.74
CA ASN C 178 6.02 -15.44 29.99
C ASN C 178 5.89 -15.73 31.48
N VAL C 179 4.75 -16.26 31.86
CA VAL C 179 4.53 -16.74 33.21
C VAL C 179 5.27 -18.06 33.35
N LEU C 180 6.15 -18.16 34.33
CA LEU C 180 7.07 -19.29 34.46
C LEU C 180 6.99 -19.80 35.88
N TYR C 181 6.17 -20.82 36.09
CA TYR C 181 5.90 -21.38 37.42
C TYR C 181 7.07 -22.27 37.83
N LEU C 182 7.64 -21.97 38.99
CA LEU C 182 8.92 -22.52 39.38
C LEU C 182 8.80 -23.09 40.79
N ILE C 183 9.42 -24.25 41.00
CA ILE C 183 9.27 -25.01 42.24
C ILE C 183 10.52 -24.96 43.10
N ASN C 184 11.63 -25.49 42.61
CA ASN C 184 12.79 -25.70 43.45
C ASN C 184 14.04 -25.31 42.66
N GLY C 185 13.96 -24.18 41.99
CA GLY C 185 14.94 -23.85 40.98
C GLY C 185 14.69 -24.56 39.67
N SER C 186 13.54 -25.21 39.52
CA SER C 186 13.19 -25.96 38.33
C SER C 186 11.83 -25.51 37.85
N ILE C 187 11.61 -25.61 36.55
CA ILE C 187 10.46 -25.02 35.89
C ILE C 187 9.38 -26.08 35.71
N SER C 188 8.20 -25.83 36.24
CA SER C 188 7.08 -26.72 36.02
C SER C 188 6.53 -26.50 34.62
N LYS C 189 6.30 -27.60 33.90
CA LYS C 189 5.92 -27.47 32.50
C LYS C 189 4.41 -27.31 32.33
N MET C 190 3.62 -27.90 33.22
CA MET C 190 2.17 -27.78 33.09
C MET C 190 1.66 -26.41 33.47
N ASP C 191 2.30 -25.76 34.43
CA ASP C 191 1.78 -24.51 34.99
C ASP C 191 2.48 -23.28 34.46
N SER C 192 3.32 -23.42 33.44
CA SER C 192 3.97 -22.26 32.81
C SER C 192 3.17 -21.84 31.58
N HIS C 193 2.65 -20.62 31.61
CA HIS C 193 1.84 -20.09 30.54
C HIS C 193 2.75 -19.48 29.48
N THR C 194 2.16 -18.97 28.40
CA THR C 194 2.77 -17.95 27.57
C THR C 194 1.62 -17.10 27.06
N ILE C 195 1.33 -16.02 27.77
CA ILE C 195 0.13 -15.23 27.47
C ILE C 195 0.46 -14.28 26.34
N ASN C 196 -0.39 -14.25 25.32
CA ASN C 196 -0.18 -13.36 24.19
C ASN C 196 -0.52 -11.94 24.58
N GLY C 197 0.11 -10.98 23.91
CA GLY C 197 -0.11 -9.59 24.23
C GLY C 197 0.93 -9.08 25.21
N GLY C 198 1.45 -7.88 24.96
CA GLY C 198 2.48 -7.34 25.82
C GLY C 198 2.19 -5.92 26.26
N THR C 199 3.22 -5.21 26.71
CA THR C 199 3.04 -3.86 27.19
C THR C 199 2.96 -2.82 26.08
N ILE C 200 3.35 -3.19 24.86
CA ILE C 200 3.19 -2.27 23.73
C ILE C 200 1.71 -2.12 23.37
N ASP C 201 1.04 -3.25 23.14
CA ASP C 201 -0.34 -3.22 22.70
C ASP C 201 -1.29 -2.90 23.85
N ASN C 202 -1.06 -3.50 25.01
CA ASN C 202 -1.99 -3.47 26.12
C ASN C 202 -1.44 -2.64 27.26
N SER C 203 -2.34 -2.01 28.00
CA SER C 203 -1.97 -1.36 29.24
C SER C 203 -1.70 -2.42 30.30
N ILE C 204 -0.91 -2.05 31.31
CA ILE C 204 -0.50 -3.01 32.33
C ILE C 204 -1.67 -3.37 33.23
N MET C 205 -2.55 -2.41 33.52
CA MET C 205 -3.73 -2.68 34.33
C MET C 205 -4.70 -3.61 33.62
N ASP C 206 -4.70 -3.61 32.28
CA ASP C 206 -5.45 -4.59 31.52
C ASP C 206 -4.63 -5.82 31.19
N LEU C 207 -3.36 -5.85 31.59
CA LEU C 207 -2.50 -7.01 31.37
C LEU C 207 -2.24 -7.77 32.65
N ALA C 208 -2.19 -7.08 33.79
CA ALA C 208 -2.10 -7.76 35.07
C ALA C 208 -3.38 -8.49 35.42
N LYS C 209 -4.51 -8.01 34.91
CA LYS C 209 -5.78 -8.67 35.18
C LYS C 209 -5.97 -9.92 34.33
N THR C 210 -5.28 -10.04 33.21
CA THR C 210 -5.29 -11.30 32.48
C THR C 210 -4.31 -12.30 33.06
N PHE C 211 -3.35 -11.83 33.85
CA PHE C 211 -2.53 -12.77 34.62
C PHE C 211 -3.33 -13.43 35.73
N ALA C 212 -4.24 -12.68 36.36
CA ALA C 212 -5.03 -13.23 37.44
C ALA C 212 -6.09 -14.21 36.96
N LYS C 213 -6.38 -14.23 35.67
CA LYS C 213 -7.33 -15.19 35.15
C LYS C 213 -6.66 -16.49 34.74
N THR C 214 -5.50 -16.39 34.09
CA THR C 214 -4.79 -17.58 33.63
C THR C 214 -4.18 -18.33 34.79
N CYS C 215 -3.28 -17.68 35.52
CA CYS C 215 -2.56 -18.34 36.60
C CYS C 215 -3.31 -18.12 37.91
N SER C 216 -4.51 -18.70 37.95
CA SER C 216 -5.43 -18.58 39.06
C SER C 216 -5.36 -19.74 40.01
N ASN C 217 -4.40 -20.64 39.85
CA ASN C 217 -4.08 -21.64 40.85
C ASN C 217 -3.06 -21.13 41.86
N ILE C 218 -2.98 -19.82 42.03
CA ILE C 218 -2.00 -19.16 42.87
C ILE C 218 -2.74 -18.40 43.96
N ASP C 219 -2.54 -18.82 45.20
CA ASP C 219 -3.05 -18.06 46.33
C ASP C 219 -2.23 -16.79 46.52
N TYR C 220 -2.78 -15.87 47.29
CA TYR C 220 -2.28 -14.50 47.29
C TYR C 220 -1.08 -14.30 48.19
N ASP C 221 -0.62 -15.33 48.87
CA ASP C 221 0.57 -15.24 49.68
C ASP C 221 1.79 -15.87 49.02
N TYR C 222 1.67 -16.23 47.74
CA TYR C 222 2.67 -16.95 46.97
C TYR C 222 3.62 -15.97 46.30
N PRO C 223 4.92 -16.26 46.26
CA PRO C 223 5.87 -15.26 45.77
C PRO C 223 5.80 -15.11 44.25
N ILE C 224 5.72 -13.86 43.80
CA ILE C 224 5.72 -13.53 42.38
C ILE C 224 6.86 -12.57 42.11
N VAL C 225 7.73 -12.92 41.16
CA VAL C 225 8.88 -12.09 40.82
C VAL C 225 8.62 -11.48 39.46
N CYS C 226 8.36 -10.18 39.43
CA CYS C 226 8.10 -9.47 38.18
C CYS C 226 9.41 -9.11 37.50
N THR C 227 9.54 -9.48 36.23
CA THR C 227 10.69 -9.04 35.44
C THR C 227 10.23 -8.43 34.13
N GLY C 228 11.16 -8.08 33.27
CA GLY C 228 10.85 -7.38 32.04
C GLY C 228 11.06 -5.89 32.19
N GLY C 229 10.80 -5.18 31.09
CA GLY C 229 11.05 -3.75 31.07
C GLY C 229 10.08 -2.95 31.89
N LYS C 230 8.86 -3.45 32.05
CA LYS C 230 7.83 -2.77 32.84
C LYS C 230 7.64 -3.44 34.19
N ALA C 231 8.73 -3.88 34.82
CA ALA C 231 8.63 -4.71 36.02
C ALA C 231 8.15 -3.92 37.22
N GLU C 232 8.73 -2.74 37.46
CA GLU C 232 8.36 -1.97 38.64
C GLU C 232 7.00 -1.29 38.50
N GLU C 233 6.42 -1.28 37.30
CA GLU C 233 5.04 -0.89 37.14
C GLU C 233 4.13 -2.12 37.12
N MET C 234 4.69 -3.30 36.89
CA MET C 234 3.90 -4.53 36.94
C MET C 234 3.49 -4.85 38.37
N LYS C 235 4.43 -4.74 39.31
CA LYS C 235 4.12 -5.06 40.69
C LYS C 235 3.22 -4.03 41.35
N GLU C 236 3.18 -2.81 40.82
CA GLU C 236 2.26 -1.83 41.37
C GLU C 236 0.84 -2.04 40.89
N CYS C 237 0.64 -2.82 39.84
CA CYS C 237 -0.69 -3.14 39.35
C CYS C 237 -1.11 -4.57 39.67
N LEU C 238 -0.22 -5.39 40.22
CA LEU C 238 -0.63 -6.67 40.77
C LEU C 238 -1.08 -6.54 42.21
N GLU C 239 -0.52 -5.58 42.95
CA GLU C 239 -0.93 -5.37 44.32
C GLU C 239 -2.33 -4.77 44.41
N ASN C 240 -2.77 -4.07 43.36
CA ASN C 240 -4.15 -3.64 43.29
C ASN C 240 -5.08 -4.77 42.92
N VAL C 241 -4.56 -5.85 42.35
CA VAL C 241 -5.38 -7.03 42.12
C VAL C 241 -5.58 -7.80 43.41
N GLY C 242 -4.54 -7.92 44.22
CA GLY C 242 -4.69 -8.55 45.51
C GLY C 242 -3.54 -9.44 45.92
N TYR C 243 -2.50 -9.51 45.09
CA TYR C 243 -1.32 -10.28 45.46
C TYR C 243 -0.50 -9.51 46.47
N SER C 244 0.17 -10.24 47.36
CA SER C 244 0.79 -9.64 48.53
C SER C 244 2.30 -9.72 48.55
N THR C 245 2.89 -10.86 48.20
CA THR C 245 4.33 -11.05 48.32
C THR C 245 5.02 -10.91 46.96
N VAL C 246 4.56 -9.99 46.16
CA VAL C 246 5.12 -9.75 44.84
C VAL C 246 6.25 -8.74 44.97
N SER C 247 7.35 -8.98 44.25
CA SER C 247 8.52 -8.12 44.34
C SER C 247 9.26 -8.16 43.01
N SER C 248 9.38 -7.02 42.36
CA SER C 248 10.12 -6.95 41.11
C SER C 248 11.61 -7.06 41.36
N ALA C 249 12.32 -7.64 40.40
CA ALA C 249 13.74 -7.89 40.54
C ALA C 249 14.51 -6.62 40.21
N GLU C 250 15.32 -6.15 41.15
CA GLU C 250 16.13 -4.95 40.95
C GLU C 250 17.58 -5.34 40.76
N LEU C 251 18.20 -4.79 39.73
CA LEU C 251 19.61 -5.05 39.44
C LEU C 251 20.49 -4.15 40.28
N GLY C 252 21.78 -4.11 39.93
CA GLY C 252 22.72 -3.26 40.62
C GLY C 252 22.63 -1.80 40.22
N GLU C 253 23.77 -1.12 40.20
CA GLU C 253 23.79 0.30 39.90
C GLU C 253 23.84 0.53 38.40
N ASP C 254 23.02 1.49 37.94
CA ASP C 254 22.98 1.96 36.56
C ASP C 254 22.63 0.86 35.56
N LYS C 255 21.81 -0.10 35.99
CA LYS C 255 21.28 -1.13 35.10
C LYS C 255 19.77 -1.15 35.30
N PRO C 256 18.99 -0.73 34.32
CA PRO C 256 17.53 -0.68 34.50
C PRO C 256 16.86 -2.04 34.49
N SER C 257 15.54 -2.04 34.58
CA SER C 257 14.79 -3.27 34.82
C SER C 257 14.70 -4.17 33.60
N TYR C 258 15.06 -3.70 32.41
CA TYR C 258 14.94 -4.53 31.23
C TYR C 258 16.18 -5.37 30.94
N TYR C 259 17.18 -5.34 31.83
CA TYR C 259 18.32 -6.24 31.69
C TYR C 259 18.26 -7.44 32.61
N VAL C 260 17.15 -7.62 33.34
CA VAL C 260 17.08 -8.61 34.40
C VAL C 260 17.10 -10.02 33.82
N ASN C 261 16.39 -10.24 32.71
CA ASN C 261 16.39 -11.55 32.07
C ASN C 261 17.75 -11.91 31.48
N SER C 262 18.61 -10.94 31.24
CA SER C 262 19.89 -11.18 30.62
C SER C 262 21.04 -11.19 31.62
N VAL C 263 21.04 -10.23 32.56
CA VAL C 263 22.12 -10.16 33.54
C VAL C 263 22.03 -11.33 34.52
N GLY C 264 20.82 -11.69 34.93
CA GLY C 264 20.65 -12.74 35.91
C GLY C 264 21.02 -14.12 35.41
N LEU C 265 20.88 -14.36 34.10
CA LEU C 265 21.34 -15.62 33.56
C LEU C 265 22.85 -15.69 33.50
N LEU C 266 23.52 -14.54 33.42
CA LEU C 266 24.97 -14.54 33.47
C LEU C 266 25.48 -14.85 34.87
N LEU C 267 24.76 -14.37 35.88
CA LEU C 267 25.13 -14.62 37.27
C LEU C 267 24.74 -16.00 37.77
N LYS C 268 24.09 -16.81 36.96
CA LYS C 268 23.62 -18.09 37.44
C LYS C 268 24.09 -19.26 36.58
N TYR C 269 24.11 -19.11 35.27
CA TYR C 269 24.29 -20.22 34.35
C TYR C 269 25.53 -19.98 33.48
N GLY C 270 25.68 -20.82 32.46
CA GLY C 270 26.84 -20.75 31.58
C GLY C 270 28.09 -21.27 32.26
N ARG C 271 28.07 -22.55 32.60
CA ARG C 271 29.20 -23.14 33.32
C ARG C 271 30.15 -23.82 32.34
N THR D 5 -41.07 -3.66 46.89
CA THR D 5 -39.68 -3.93 47.23
C THR D 5 -39.41 -5.42 47.23
N LEU D 6 -38.46 -5.85 46.41
CA LEU D 6 -38.17 -7.27 46.21
C LEU D 6 -36.87 -7.64 46.90
N THR D 7 -36.93 -8.65 47.77
CA THR D 7 -35.76 -9.16 48.45
C THR D 7 -35.25 -10.36 47.66
N THR D 8 -34.03 -10.24 47.14
CA THR D 8 -33.47 -11.28 46.29
C THR D 8 -32.06 -11.62 46.73
N VAL D 9 -31.60 -12.79 46.29
CA VAL D 9 -30.29 -13.33 46.66
C VAL D 9 -29.53 -13.65 45.38
N ILE D 10 -28.31 -13.12 45.27
CA ILE D 10 -27.54 -13.17 44.04
C ILE D 10 -26.19 -13.80 44.36
N ASP D 11 -26.00 -15.04 43.93
CA ASP D 11 -24.79 -15.81 44.22
C ASP D 11 -23.82 -15.62 43.07
N ILE D 12 -23.00 -14.59 43.16
CA ILE D 12 -21.99 -14.30 42.15
C ILE D 12 -20.91 -15.37 42.25
N GLY D 13 -20.76 -16.20 41.23
CA GLY D 13 -19.72 -17.19 41.18
C GLY D 13 -18.68 -16.86 40.13
N ASN D 14 -17.95 -17.88 39.71
CA ASN D 14 -16.96 -17.75 38.67
C ASN D 14 -17.38 -18.38 37.35
N PHE D 15 -18.06 -19.51 37.40
CA PHE D 15 -18.61 -20.10 36.18
C PHE D 15 -19.90 -19.42 35.78
N SER D 16 -20.74 -19.07 36.75
CA SER D 16 -22.03 -18.48 36.48
C SER D 16 -22.41 -17.57 37.63
N THR D 17 -23.50 -16.84 37.45
CA THR D 17 -24.01 -15.96 38.49
C THR D 17 -25.48 -16.26 38.69
N LYS D 18 -25.81 -16.79 39.86
CA LYS D 18 -27.16 -17.28 40.14
C LYS D 18 -27.92 -16.26 40.97
N TYR D 19 -29.13 -15.94 40.53
CA TYR D 19 -30.01 -15.05 41.26
C TYR D 19 -31.28 -15.81 41.60
N ALA D 20 -31.83 -15.54 42.79
CA ALA D 20 -33.08 -16.15 43.21
C ALA D 20 -33.93 -15.11 43.92
N TYR D 21 -35.24 -15.18 43.70
CA TYR D 21 -36.16 -14.25 44.34
C TYR D 21 -37.50 -14.95 44.49
N LYS D 22 -38.36 -14.36 45.31
CA LYS D 22 -39.65 -14.94 45.68
C LYS D 22 -40.74 -13.92 45.41
N ASP D 23 -41.48 -14.11 44.32
CA ASP D 23 -42.59 -13.22 44.00
C ASP D 23 -43.93 -13.76 44.50
N ALA D 24 -44.31 -14.94 44.04
CA ALA D 24 -45.48 -15.67 44.55
C ALA D 24 -44.99 -16.60 45.65
N ALA D 25 -45.81 -17.59 46.03
CA ALA D 25 -45.35 -18.65 46.91
C ALA D 25 -44.22 -19.49 46.31
N GLN D 26 -44.08 -19.51 44.98
CA GLN D 26 -42.99 -20.20 44.34
C GLN D 26 -41.73 -19.34 44.36
N ILE D 27 -40.61 -19.98 44.02
CA ILE D 27 -39.33 -19.29 43.88
C ILE D 27 -38.97 -19.25 42.40
N LYS D 28 -38.93 -18.05 41.83
CA LYS D 28 -38.47 -17.87 40.47
C LYS D 28 -36.96 -17.68 40.50
N VAL D 29 -36.26 -18.43 39.66
CA VAL D 29 -34.82 -18.53 39.75
C VAL D 29 -34.24 -18.53 38.34
N GLY D 30 -32.98 -18.16 38.23
CA GLY D 30 -32.31 -18.12 36.93
C GLY D 30 -30.85 -17.77 37.11
N SER D 31 -30.13 -17.80 36.00
CA SER D 31 -28.70 -17.47 36.01
C SER D 31 -28.29 -16.99 34.63
N PHE D 32 -27.00 -16.68 34.50
CA PHE D 32 -26.37 -16.27 33.26
C PHE D 32 -24.87 -16.48 33.43
N PRO D 33 -24.14 -16.84 32.37
CA PRO D 33 -22.74 -17.19 32.55
C PRO D 33 -21.86 -16.00 32.90
N SER D 34 -20.87 -16.28 33.73
CA SER D 34 -20.00 -15.27 34.33
C SER D 34 -18.76 -15.01 33.49
N ILE D 35 -18.95 -14.75 32.20
CA ILE D 35 -17.85 -14.40 31.31
C ILE D 35 -18.10 -13.00 30.81
N LEU D 36 -17.19 -12.09 31.10
CA LEU D 36 -17.29 -10.74 30.58
C LEU D 36 -15.95 -10.27 30.06
N HIS D 37 -16.01 -9.42 29.04
CA HIS D 37 -14.86 -8.96 28.29
C HIS D 37 -14.98 -7.45 28.15
N SER D 38 -13.86 -6.79 27.83
CA SER D 38 -13.86 -5.36 27.60
C SER D 38 -14.63 -5.02 26.33
N TYR D 39 -14.80 -3.71 26.06
CA TYR D 39 -15.86 -3.31 25.14
C TYR D 39 -15.62 -3.70 23.68
N LYS D 40 -14.60 -3.16 22.99
CA LYS D 40 -14.29 -3.49 21.60
C LYS D 40 -15.49 -3.37 20.67
N PRO D 41 -15.85 -2.15 20.22
CA PRO D 41 -17.11 -1.91 19.48
C PRO D 41 -17.30 -2.80 18.26
N LEU D 42 -18.33 -3.64 18.33
CA LEU D 42 -18.56 -4.73 17.40
C LEU D 42 -19.70 -4.31 16.47
N GLU D 43 -19.85 -5.03 15.36
CA GLU D 43 -20.83 -4.61 14.35
C GLU D 43 -22.25 -4.94 14.76
N ASP D 44 -22.56 -6.24 14.88
CA ASP D 44 -23.93 -6.66 15.22
C ASP D 44 -23.83 -7.93 16.05
N TYR D 45 -23.82 -7.76 17.37
CA TYR D 45 -23.81 -8.87 18.30
C TYR D 45 -25.23 -9.34 18.59
N GLU D 46 -25.35 -10.64 18.87
CA GLU D 46 -26.66 -11.26 19.04
C GLU D 46 -26.88 -11.77 20.46
N GLY D 47 -26.00 -12.64 20.97
CA GLY D 47 -26.28 -13.29 22.23
C GLY D 47 -25.52 -12.70 23.41
N MET D 48 -25.15 -11.43 23.31
CA MET D 48 -24.48 -10.77 24.41
C MET D 48 -25.07 -9.38 24.53
N GLU D 49 -24.88 -8.76 25.69
CA GLU D 49 -25.45 -7.45 25.93
C GLU D 49 -24.42 -6.54 26.57
N ARG D 50 -24.41 -5.29 26.15
CA ARG D 50 -23.49 -4.30 26.68
C ARG D 50 -24.01 -3.78 28.02
N VAL D 51 -23.11 -3.70 29.00
CA VAL D 51 -23.47 -3.19 30.33
C VAL D 51 -22.51 -2.06 30.68
N GLU D 52 -23.06 -0.92 31.05
CA GLU D 52 -22.27 0.21 31.53
C GLU D 52 -22.68 0.56 32.95
N TYR D 53 -21.74 0.42 33.89
CA TYR D 53 -21.98 0.84 35.26
C TYR D 53 -20.69 1.36 35.85
N ASN D 54 -20.71 2.63 36.28
CA ASN D 54 -19.65 3.26 37.08
C ASN D 54 -18.33 3.29 36.31
N GLY D 55 -18.37 3.87 35.11
CA GLY D 55 -17.18 4.00 34.32
C GLY D 55 -16.66 2.73 33.70
N LEU D 56 -17.50 1.71 33.58
CA LEU D 56 -17.13 0.44 32.97
C LEU D 56 -17.98 0.21 31.74
N ASP D 57 -17.47 -0.62 30.83
CA ASP D 57 -18.17 -0.88 29.57
C ASP D 57 -17.81 -2.30 29.15
N TYR D 58 -18.67 -3.26 29.51
CA TYR D 58 -18.38 -4.67 29.39
C TYR D 58 -19.53 -5.40 28.70
N TYR D 59 -19.20 -6.48 28.00
CA TYR D 59 -20.20 -7.38 27.45
C TYR D 59 -20.45 -8.55 28.38
N VAL D 60 -21.70 -8.75 28.77
CA VAL D 60 -22.10 -9.89 29.56
C VAL D 60 -23.18 -10.64 28.79
N GLY D 61 -23.02 -11.95 28.67
CA GLY D 61 -24.02 -12.75 28.01
C GLY D 61 -23.48 -14.12 27.65
N GLU D 62 -24.24 -14.80 26.79
CA GLU D 62 -23.91 -16.17 26.42
C GLU D 62 -22.70 -16.23 25.50
N THR D 63 -22.65 -15.33 24.51
CA THR D 63 -21.70 -15.44 23.42
C THR D 63 -20.44 -14.62 23.66
N VAL D 64 -20.19 -14.20 24.90
CA VAL D 64 -18.95 -13.51 25.22
C VAL D 64 -17.77 -14.48 25.18
N LYS D 65 -18.03 -15.78 25.32
CA LYS D 65 -17.01 -16.80 25.15
C LYS D 65 -16.46 -16.89 23.73
N ASN D 66 -17.11 -16.26 22.75
CA ASN D 66 -16.54 -16.20 21.41
C ASN D 66 -15.34 -15.27 21.35
N PHE D 67 -15.22 -14.33 22.29
CA PHE D 67 -14.04 -13.48 22.35
C PHE D 67 -12.79 -14.22 22.80
N TYR D 68 -12.93 -15.45 23.30
CA TYR D 68 -11.85 -16.21 23.92
C TYR D 68 -11.70 -17.54 23.20
N PHE D 69 -11.59 -17.51 21.88
CA PHE D 69 -11.65 -18.72 21.08
C PHE D 69 -10.43 -19.62 21.30
N GLY D 70 -9.25 -19.14 20.98
CA GLY D 70 -8.07 -19.97 21.13
C GLY D 70 -7.42 -19.84 22.49
N ARG D 71 -8.05 -19.11 23.39
CA ARG D 71 -7.52 -18.75 24.69
C ARG D 71 -8.56 -18.99 25.77
N GLU D 72 -9.15 -20.19 25.76
CA GLU D 72 -10.29 -20.50 26.60
C GLU D 72 -9.97 -20.59 28.08
N GLU D 73 -8.69 -20.60 28.46
CA GLU D 73 -8.32 -20.52 29.87
C GLU D 73 -8.29 -19.10 30.39
N GLN D 74 -8.80 -18.12 29.65
CA GLN D 74 -8.78 -16.73 30.06
C GLN D 74 -10.18 -16.18 30.27
N MET D 75 -11.20 -17.03 30.23
CA MET D 75 -12.55 -16.49 30.25
C MET D 75 -13.19 -16.49 31.63
N TYR D 76 -12.49 -16.95 32.66
CA TYR D 76 -13.05 -17.15 33.98
C TYR D 76 -12.26 -16.39 35.02
N PHE D 77 -12.96 -15.61 35.83
CA PHE D 77 -12.35 -14.91 36.95
C PHE D 77 -11.85 -15.94 37.96
N GLY D 78 -10.56 -15.92 38.24
CA GLY D 78 -10.05 -16.98 39.07
C GLY D 78 -9.74 -16.58 40.49
N ASN D 79 -10.66 -16.93 41.40
CA ASN D 79 -10.48 -16.88 42.85
C ASN D 79 -10.13 -15.46 43.31
N THR D 80 -10.83 -14.48 42.78
CA THR D 80 -10.36 -13.09 42.87
C THR D 80 -11.48 -12.20 43.38
N ARG D 81 -11.65 -12.16 44.72
CA ARG D 81 -12.15 -11.04 45.52
C ARG D 81 -13.37 -10.31 44.96
N LYS D 82 -14.52 -11.00 44.92
CA LYS D 82 -15.72 -10.60 44.19
C LYS D 82 -16.15 -9.16 44.47
N GLY D 83 -16.41 -8.41 43.41
CA GLY D 83 -16.77 -7.02 43.54
C GLY D 83 -15.63 -6.05 43.28
N HIS D 84 -14.88 -6.31 42.23
CA HIS D 84 -13.79 -5.44 41.80
C HIS D 84 -14.29 -4.25 41.00
N MET D 85 -13.38 -3.63 40.27
CA MET D 85 -13.71 -2.79 39.14
C MET D 85 -14.03 -3.60 37.88
N GLU D 86 -14.27 -4.92 38.03
CA GLU D 86 -14.83 -5.76 36.99
C GLU D 86 -15.99 -6.63 37.45
N GLY D 87 -16.08 -6.99 38.73
CA GLY D 87 -17.08 -7.88 39.25
C GLY D 87 -18.38 -7.22 39.66
N GLN D 88 -18.44 -5.89 39.65
CA GLN D 88 -19.71 -5.19 39.85
C GLN D 88 -20.66 -5.39 38.70
N ILE D 89 -20.14 -5.66 37.51
CA ILE D 89 -20.96 -5.76 36.31
C ILE D 89 -21.83 -7.01 36.37
N ARG D 90 -21.32 -8.08 37.00
CA ARG D 90 -22.11 -9.30 37.13
C ARG D 90 -23.27 -9.11 38.08
N LEU D 91 -23.15 -8.20 39.03
CA LEU D 91 -24.22 -7.97 39.98
C LEU D 91 -25.30 -7.06 39.40
N VAL D 92 -24.88 -5.98 38.74
CA VAL D 92 -25.86 -5.04 38.23
C VAL D 92 -26.55 -5.56 36.98
N TYR D 93 -25.94 -6.51 36.28
CA TYR D 93 -26.67 -7.18 35.21
C TYR D 93 -27.62 -8.21 35.76
N ALA D 94 -27.32 -8.76 36.94
CA ALA D 94 -28.27 -9.64 37.60
C ALA D 94 -29.46 -8.87 38.13
N LEU D 95 -29.26 -7.61 38.50
CA LEU D 95 -30.40 -6.77 38.88
C LEU D 95 -31.25 -6.43 37.67
N TYR D 96 -30.61 -6.23 36.51
CA TYR D 96 -31.37 -5.94 35.30
C TYR D 96 -32.16 -7.15 34.83
N THR D 97 -31.62 -8.36 35.03
CA THR D 97 -32.31 -9.55 34.57
C THR D 97 -33.57 -9.81 35.39
N ILE D 98 -33.54 -9.45 36.68
CA ILE D 98 -34.73 -9.54 37.52
C ILE D 98 -35.78 -8.52 37.06
N PHE D 99 -35.34 -7.33 36.68
CA PHE D 99 -36.25 -6.29 36.21
C PHE D 99 -36.94 -6.68 34.92
N LYS D 100 -36.28 -7.46 34.07
CA LYS D 100 -36.92 -7.97 32.86
C LYS D 100 -37.91 -9.09 33.14
N GLU D 101 -37.95 -9.60 34.37
CA GLU D 101 -38.90 -10.65 34.74
C GLU D 101 -40.04 -10.15 35.61
N THR D 102 -39.82 -9.15 36.45
CA THR D 102 -40.85 -8.63 37.32
C THR D 102 -41.22 -7.19 37.00
N GLY D 103 -40.24 -6.30 36.93
CA GLY D 103 -40.48 -4.89 36.93
C GLY D 103 -40.20 -4.21 38.25
N ALA D 104 -39.34 -4.80 39.08
CA ALA D 104 -39.00 -4.23 40.38
C ALA D 104 -37.74 -3.40 40.27
N ALA D 105 -37.73 -2.24 40.93
CA ALA D 105 -36.58 -1.36 40.92
C ALA D 105 -36.07 -1.05 42.31
N GLU D 106 -36.61 -1.71 43.34
CA GLU D 106 -36.16 -1.55 44.71
C GLU D 106 -35.78 -2.92 45.25
N PHE D 107 -34.49 -3.10 45.52
CA PHE D 107 -33.95 -4.42 45.82
C PHE D 107 -33.43 -4.48 47.24
N ASN D 108 -33.57 -5.66 47.86
CA ASN D 108 -32.90 -5.98 49.10
C ASN D 108 -31.94 -7.11 48.78
N LEU D 109 -30.65 -6.80 48.70
CA LEU D 109 -29.66 -7.76 48.19
C LEU D 109 -29.19 -8.68 49.30
N ILE D 110 -29.28 -9.98 49.05
CA ILE D 110 -28.65 -10.98 49.91
C ILE D 110 -27.46 -11.50 49.12
N LEU D 111 -26.31 -10.89 49.32
CA LEU D 111 -25.13 -11.30 48.59
C LEU D 111 -24.47 -12.48 49.30
N THR D 112 -23.81 -13.31 48.52
CA THR D 112 -22.99 -14.38 49.06
C THR D 112 -21.53 -14.06 48.88
N CYS D 113 -20.72 -14.51 49.82
CA CYS D 113 -19.29 -14.34 49.76
C CYS D 113 -18.65 -15.49 50.52
N PRO D 114 -17.38 -15.80 50.25
CA PRO D 114 -16.67 -16.75 51.10
C PRO D 114 -16.54 -16.21 52.52
N TYR D 115 -16.50 -17.15 53.48
CA TYR D 115 -16.55 -16.76 54.88
C TYR D 115 -15.26 -16.06 55.32
N GLU D 116 -14.14 -16.36 54.65
CA GLU D 116 -12.87 -15.74 55.00
C GLU D 116 -12.88 -14.25 54.67
N SER D 117 -13.57 -13.87 53.60
CA SER D 117 -13.65 -12.48 53.17
C SER D 117 -14.98 -11.85 53.56
N MET D 118 -15.49 -12.21 54.74
CA MET D 118 -16.80 -11.72 55.18
C MET D 118 -16.77 -10.24 55.51
N VAL D 119 -15.94 -9.85 56.48
CA VAL D 119 -15.85 -8.45 56.88
C VAL D 119 -14.98 -7.62 55.94
N THR D 120 -14.36 -8.25 54.95
CA THR D 120 -13.44 -7.53 54.06
C THR D 120 -14.20 -6.91 52.89
N ASP D 121 -15.22 -7.58 52.38
CA ASP D 121 -15.93 -7.16 51.17
C ASP D 121 -16.79 -5.92 51.34
N LYS D 122 -16.93 -5.39 52.56
CA LYS D 122 -17.81 -4.26 52.81
C LYS D 122 -17.23 -2.93 52.31
N LYS D 123 -15.98 -2.92 51.84
CA LYS D 123 -15.44 -1.74 51.18
C LYS D 123 -16.07 -1.56 49.80
N TYR D 124 -16.34 -2.66 49.11
CA TYR D 124 -16.70 -2.67 47.69
C TYR D 124 -18.17 -2.88 47.44
N PHE D 125 -18.85 -3.66 48.27
CA PHE D 125 -20.28 -3.89 48.06
C PHE D 125 -21.13 -2.78 48.66
N VAL D 126 -20.72 -2.22 49.79
CA VAL D 126 -21.55 -1.25 50.50
C VAL D 126 -21.43 0.13 49.87
N GLN D 127 -20.20 0.55 49.58
CA GLN D 127 -19.97 1.94 49.20
C GLN D 127 -20.43 2.23 47.77
N HIS D 128 -20.33 1.25 46.88
CA HIS D 128 -20.74 1.45 45.50
C HIS D 128 -22.24 1.33 45.31
N PHE D 129 -22.95 0.84 46.32
CA PHE D 129 -24.38 0.52 46.23
C PHE D 129 -25.10 1.18 47.39
N GLU D 130 -25.62 2.39 47.17
CA GLU D 130 -26.31 3.13 48.21
C GLU D 130 -27.69 3.61 47.77
N GLY D 131 -28.32 2.93 46.83
CA GLY D 131 -29.62 3.36 46.36
C GLY D 131 -29.51 4.39 45.27
N GLU D 132 -30.54 4.39 44.39
CA GLU D 132 -30.72 5.36 43.31
C GLU D 132 -29.56 5.32 42.32
N ARG D 133 -28.99 4.14 42.12
CA ARG D 133 -27.93 3.96 41.14
C ARG D 133 -28.52 3.81 39.75
N GLU D 134 -27.66 3.65 38.75
CA GLU D 134 -28.12 3.63 37.37
C GLU D 134 -27.14 2.86 36.50
N VAL D 135 -27.67 1.93 35.71
CA VAL D 135 -26.88 1.24 34.69
C VAL D 135 -27.38 1.69 33.32
N ILE D 136 -26.57 1.39 32.31
CA ILE D 136 -26.91 1.63 30.92
C ILE D 136 -26.72 0.29 30.23
N VAL D 137 -27.81 -0.45 30.04
CA VAL D 137 -27.76 -1.78 29.45
C VAL D 137 -28.37 -1.70 28.06
N GLU D 138 -27.55 -2.02 27.05
CA GLU D 138 -27.95 -2.07 25.63
C GLU D 138 -28.48 -0.71 25.18
N GLY D 139 -27.81 0.35 25.62
CA GLY D 139 -28.25 1.70 25.29
C GLY D 139 -29.30 2.26 26.22
N LYS D 140 -30.33 1.47 26.52
CA LYS D 140 -31.44 1.90 27.37
C LYS D 140 -30.96 1.99 28.82
N SER D 141 -31.04 3.18 29.39
CA SER D 141 -30.62 3.37 30.77
C SER D 141 -31.65 2.77 31.72
N PHE D 142 -31.17 2.28 32.86
CA PHE D 142 -32.00 1.65 33.87
C PHE D 142 -31.58 2.11 35.26
N LYS D 143 -32.56 2.56 36.05
CA LYS D 143 -32.34 3.04 37.40
C LYS D 143 -32.95 2.07 38.40
N PHE D 144 -32.19 1.74 39.44
CA PHE D 144 -32.64 0.83 40.49
C PHE D 144 -32.31 1.44 41.84
N THR D 145 -32.71 0.73 42.89
CA THR D 145 -32.49 1.19 44.27
C THR D 145 -32.16 0.00 45.15
N VAL D 146 -31.04 0.09 45.85
CA VAL D 146 -30.62 -0.91 46.82
C VAL D 146 -30.28 -0.17 48.11
N HIS D 147 -31.06 -0.41 49.16
CA HIS D 147 -30.88 0.32 50.41
C HIS D 147 -30.53 -0.54 51.61
N ASN D 148 -30.38 -1.86 51.45
CA ASN D 148 -29.75 -2.70 52.46
C ASN D 148 -29.16 -3.94 51.80
N ILE D 149 -27.96 -4.31 52.25
CA ILE D 149 -27.23 -5.44 51.69
C ILE D 149 -26.88 -6.39 52.83
N VAL D 150 -27.34 -7.62 52.74
CA VAL D 150 -27.09 -8.65 53.74
C VAL D 150 -26.09 -9.62 53.15
N MET D 151 -24.84 -9.54 53.61
CA MET D 151 -23.76 -10.31 53.01
C MET D 151 -23.68 -11.67 53.71
N ALA D 152 -24.24 -12.69 53.08
CA ALA D 152 -24.28 -14.02 53.67
C ALA D 152 -22.96 -14.77 53.46
N ALA D 153 -22.95 -16.06 53.74
CA ALA D 153 -21.77 -16.89 53.54
C ALA D 153 -22.05 -17.88 52.42
N GLU D 154 -21.01 -18.21 51.68
CA GLU D 154 -21.17 -19.01 50.46
C GLU D 154 -21.18 -20.47 50.88
N GLY D 155 -22.37 -21.05 50.99
CA GLY D 155 -22.50 -22.43 51.38
C GLY D 155 -23.70 -22.69 52.27
N LEU D 156 -24.19 -21.65 52.95
CA LEU D 156 -25.26 -21.83 53.92
C LEU D 156 -26.61 -22.15 53.30
N GLY D 157 -26.74 -22.06 51.98
CA GLY D 157 -27.99 -22.47 51.36
C GLY D 157 -28.23 -23.96 51.42
N ALA D 158 -27.18 -24.75 51.55
CA ALA D 158 -27.35 -26.19 51.66
C ALA D 158 -27.77 -26.63 53.05
N LEU D 159 -27.82 -25.71 54.02
CA LEU D 159 -28.13 -26.10 55.38
C LEU D 159 -29.61 -26.43 55.55
N ASN D 160 -30.48 -25.89 54.70
CA ASN D 160 -31.90 -26.21 54.79
C ASN D 160 -32.17 -27.65 54.37
N PHE D 161 -31.31 -28.19 53.52
CA PHE D 161 -31.50 -29.56 53.01
C PHE D 161 -30.61 -30.54 53.74
N SER D 162 -30.19 -30.18 54.94
CA SER D 162 -29.35 -31.01 55.78
C SER D 162 -30.20 -31.65 56.86
N ASP D 163 -30.15 -32.97 56.95
CA ASP D 163 -30.88 -33.70 57.97
C ASP D 163 -30.32 -33.48 59.36
N SER D 164 -29.06 -33.10 59.47
CA SER D 164 -28.41 -32.84 60.74
C SER D 164 -28.09 -31.37 60.85
N LEU D 165 -28.21 -30.83 62.06
CA LEU D 165 -27.89 -29.44 62.32
C LEU D 165 -26.41 -29.24 62.59
N ASN D 166 -25.63 -30.32 62.59
CA ASN D 166 -24.23 -30.32 62.97
C ASN D 166 -23.47 -31.04 61.86
N CYS D 167 -22.98 -30.29 60.87
CA CYS D 167 -22.47 -30.92 59.66
C CYS D 167 -21.36 -30.06 59.06
N VAL D 168 -20.79 -30.55 57.96
CA VAL D 168 -19.79 -29.84 57.17
C VAL D 168 -20.37 -29.61 55.79
N ILE D 169 -20.35 -28.37 55.35
CA ILE D 169 -20.88 -28.02 54.03
C ILE D 169 -19.71 -27.86 53.07
N VAL D 170 -19.62 -28.73 52.08
CA VAL D 170 -18.55 -28.72 51.10
C VAL D 170 -19.09 -28.09 49.83
N ASP D 171 -18.58 -26.93 49.48
CA ASP D 171 -19.03 -26.19 48.30
C ASP D 171 -18.07 -26.56 47.17
N ALA D 172 -18.46 -27.53 46.35
CA ALA D 172 -17.67 -27.95 45.20
C ALA D 172 -17.84 -26.90 44.11
N GLY D 173 -17.08 -25.82 44.25
CA GLY D 173 -17.23 -24.67 43.37
C GLY D 173 -16.59 -24.85 42.01
N SER D 174 -16.18 -23.75 41.42
CA SER D 174 -15.58 -23.76 40.10
C SER D 174 -14.14 -23.32 40.10
N LYS D 175 -13.76 -22.39 40.97
CA LYS D 175 -12.37 -22.05 41.17
C LYS D 175 -11.91 -22.30 42.59
N THR D 176 -12.81 -22.67 43.51
CA THR D 176 -12.46 -22.77 44.91
C THR D 176 -13.42 -23.72 45.62
N LEU D 177 -12.94 -24.34 46.68
CA LEU D 177 -13.76 -25.13 47.60
C LEU D 177 -14.00 -24.32 48.86
N ASN D 178 -15.25 -24.25 49.27
CA ASN D 178 -15.60 -23.55 50.50
C ASN D 178 -16.08 -24.60 51.50
N VAL D 179 -15.15 -25.19 52.22
CA VAL D 179 -15.46 -26.07 53.33
C VAL D 179 -15.90 -25.20 54.49
N LEU D 180 -17.09 -25.48 55.02
CA LEU D 180 -17.73 -24.60 56.00
C LEU D 180 -18.19 -25.47 57.17
N TYR D 181 -17.35 -25.55 58.20
CA TYR D 181 -17.60 -26.40 59.35
C TYR D 181 -18.62 -25.74 60.27
N LEU D 182 -19.69 -26.46 60.55
CA LEU D 182 -20.87 -25.89 61.15
C LEU D 182 -21.28 -26.73 62.36
N ILE D 183 -21.69 -26.05 63.44
CA ILE D 183 -21.95 -26.70 64.72
C ILE D 183 -23.44 -26.77 65.03
N ASN D 184 -24.08 -25.62 65.18
CA ASN D 184 -25.44 -25.59 65.72
C ASN D 184 -26.25 -24.60 64.92
N GLY D 185 -26.11 -24.65 63.60
CA GLY D 185 -26.59 -23.58 62.75
C GLY D 185 -25.65 -22.39 62.72
N SER D 186 -24.46 -22.54 63.28
CA SER D 186 -23.48 -21.46 63.35
C SER D 186 -22.16 -21.96 62.81
N ILE D 187 -21.38 -21.05 62.25
CA ILE D 187 -20.20 -21.40 61.48
C ILE D 187 -18.97 -21.28 62.36
N SER D 188 -18.21 -22.36 62.49
CA SER D 188 -16.96 -22.32 63.21
C SER D 188 -15.90 -21.63 62.35
N LYS D 189 -15.17 -20.70 62.94
CA LYS D 189 -14.25 -19.90 62.16
C LYS D 189 -12.89 -20.56 62.02
N MET D 190 -12.46 -21.35 63.02
CA MET D 190 -11.16 -21.99 62.94
C MET D 190 -11.15 -23.16 61.97
N ASP D 191 -12.26 -23.88 61.85
CA ASP D 191 -12.30 -25.11 61.09
C ASP D 191 -12.93 -24.95 59.71
N SER D 192 -13.18 -23.72 59.27
CA SER D 192 -13.69 -23.48 57.94
C SER D 192 -12.53 -23.15 57.00
N HIS D 193 -12.34 -23.99 55.99
CA HIS D 193 -11.27 -23.81 55.03
C HIS D 193 -11.71 -22.88 53.93
N THR D 194 -10.82 -22.59 52.99
CA THR D 194 -11.19 -22.15 51.65
C THR D 194 -10.12 -22.71 50.72
N ILE D 195 -10.38 -23.88 50.16
CA ILE D 195 -9.38 -24.60 49.40
C ILE D 195 -9.35 -24.04 47.99
N ASN D 196 -8.16 -23.69 47.51
CA ASN D 196 -8.03 -23.17 46.17
C ASN D 196 -8.18 -24.28 45.15
N GLY D 197 -8.63 -23.92 43.95
CA GLY D 197 -8.84 -24.91 42.91
C GLY D 197 -10.28 -25.38 42.90
N GLY D 198 -10.86 -25.50 41.72
CA GLY D 198 -12.25 -25.90 41.62
C GLY D 198 -12.48 -27.01 40.63
N THR D 199 -13.71 -27.19 40.19
CA THR D 199 -14.04 -28.27 39.27
C THR D 199 -13.69 -27.95 37.82
N ILE D 200 -13.41 -26.69 37.49
CA ILE D 200 -12.94 -26.35 36.15
C ILE D 200 -11.53 -26.86 35.93
N ASP D 201 -10.63 -26.49 36.82
CA ASP D 201 -9.22 -26.84 36.66
C ASP D 201 -8.96 -28.30 37.02
N ASN D 202 -9.55 -28.77 38.10
CA ASN D 202 -9.24 -30.06 38.68
C ASN D 202 -10.39 -31.04 38.51
N SER D 203 -10.04 -32.30 38.38
CA SER D 203 -11.04 -33.36 38.42
C SER D 203 -11.53 -33.52 39.85
N ILE D 204 -12.75 -34.07 39.99
CA ILE D 204 -13.36 -34.18 41.31
C ILE D 204 -12.66 -35.25 42.14
N MET D 205 -12.21 -36.33 41.51
CA MET D 205 -11.48 -37.38 42.22
C MET D 205 -10.13 -36.88 42.71
N ASP D 206 -9.54 -35.90 42.05
CA ASP D 206 -8.36 -35.22 42.55
C ASP D 206 -8.69 -34.02 43.41
N LEU D 207 -9.97 -33.69 43.55
CA LEU D 207 -10.40 -32.59 44.39
C LEU D 207 -11.05 -33.05 45.68
N ALA D 208 -11.73 -34.19 45.66
CA ALA D 208 -12.24 -34.78 46.88
C ALA D 208 -11.12 -35.33 47.75
N LYS D 209 -10.00 -35.72 47.16
CA LYS D 209 -8.88 -36.21 47.93
C LYS D 209 -8.09 -35.09 48.59
N THR D 210 -8.18 -33.87 48.10
CA THR D 210 -7.60 -32.75 48.83
C THR D 210 -8.52 -32.26 49.92
N PHE D 211 -9.81 -32.60 49.86
CA PHE D 211 -10.68 -32.35 51.00
C PHE D 211 -10.33 -33.25 52.17
N ALA D 212 -9.95 -34.50 51.89
CA ALA D 212 -9.63 -35.43 52.95
C ALA D 212 -8.31 -35.13 53.62
N LYS D 213 -7.47 -34.29 53.01
CA LYS D 213 -6.21 -33.92 53.64
C LYS D 213 -6.38 -32.69 54.51
N THR D 214 -7.13 -31.70 54.04
CA THR D 214 -7.31 -30.46 54.78
C THR D 214 -8.21 -30.68 55.99
N CYS D 215 -9.44 -31.11 55.73
CA CYS D 215 -10.42 -31.24 56.81
C CYS D 215 -10.39 -32.69 57.31
N SER D 216 -9.24 -33.02 57.91
CA SER D 216 -8.94 -34.35 58.40
C SER D 216 -9.20 -34.49 59.89
N ASN D 217 -9.78 -33.48 60.52
CA ASN D 217 -10.31 -33.62 61.88
C ASN D 217 -11.75 -34.12 61.88
N ILE D 218 -12.15 -34.82 60.82
CA ILE D 218 -13.51 -35.28 60.63
C ILE D 218 -13.50 -36.80 60.56
N ASP D 219 -14.14 -37.43 61.53
CA ASP D 219 -14.33 -38.87 61.47
C ASP D 219 -15.38 -39.20 60.42
N TYR D 220 -15.42 -40.48 60.03
CA TYR D 220 -16.13 -40.86 58.82
C TYR D 220 -17.62 -41.05 59.03
N ASP D 221 -18.12 -40.86 60.24
CA ASP D 221 -19.55 -40.95 60.49
C ASP D 221 -20.19 -39.57 60.64
N TYR D 222 -19.46 -38.51 60.32
CA TYR D 222 -19.84 -37.12 60.50
C TYR D 222 -20.56 -36.62 59.26
N PRO D 223 -21.64 -35.84 59.41
CA PRO D 223 -22.45 -35.47 58.25
C PRO D 223 -21.76 -34.45 57.37
N ILE D 224 -21.73 -34.72 56.07
CA ILE D 224 -21.17 -33.82 55.07
C ILE D 224 -22.24 -33.52 54.04
N VAL D 225 -22.51 -32.24 53.82
CA VAL D 225 -23.52 -31.82 52.87
C VAL D 225 -22.82 -31.20 51.67
N CYS D 226 -22.84 -31.90 50.55
CA CYS D 226 -22.21 -31.43 49.33
C CYS D 226 -23.13 -30.47 48.59
N THR D 227 -22.60 -29.29 48.28
CA THR D 227 -23.34 -28.36 47.43
C THR D 227 -22.48 -27.87 46.29
N GLY D 228 -23.00 -26.95 45.49
CA GLY D 228 -22.32 -26.52 44.29
C GLY D 228 -22.86 -27.21 43.06
N GLY D 229 -22.29 -26.84 41.92
CA GLY D 229 -22.78 -27.37 40.67
C GLY D 229 -22.44 -28.82 40.43
N LYS D 230 -21.36 -29.29 41.01
CA LYS D 230 -20.93 -30.68 40.88
C LYS D 230 -21.22 -31.47 42.15
N ALA D 231 -22.37 -31.22 42.78
CA ALA D 231 -22.65 -31.77 44.09
C ALA D 231 -22.92 -33.27 44.04
N GLU D 232 -23.76 -33.71 43.11
CA GLU D 232 -24.10 -35.13 43.06
C GLU D 232 -22.99 -35.98 42.48
N GLU D 233 -21.97 -35.37 41.91
CA GLU D 233 -20.75 -36.10 41.57
C GLU D 233 -19.70 -35.95 42.67
N MET D 234 -19.86 -34.96 43.55
CA MET D 234 -18.95 -34.81 44.67
C MET D 234 -19.15 -35.91 45.69
N LYS D 235 -20.42 -36.23 46.01
CA LYS D 235 -20.68 -37.26 47.00
C LYS D 235 -20.40 -38.65 46.48
N GLU D 236 -20.36 -38.85 45.17
CA GLU D 236 -19.99 -40.16 44.65
C GLU D 236 -18.50 -40.38 44.67
N CYS D 237 -17.70 -39.33 44.85
CA CYS D 237 -16.26 -39.46 44.95
C CYS D 237 -15.74 -39.23 46.36
N LEU D 238 -16.61 -38.83 47.29
CA LEU D 238 -16.24 -38.84 48.70
C LEU D 238 -16.51 -40.19 49.33
N GLU D 239 -17.52 -40.91 48.85
CA GLU D 239 -17.81 -42.24 49.38
C GLU D 239 -16.73 -43.25 48.97
N ASN D 240 -16.03 -43.00 47.87
CA ASN D 240 -14.88 -43.82 47.54
C ASN D 240 -13.66 -43.46 48.38
N VAL D 241 -13.66 -42.28 49.01
CA VAL D 241 -12.60 -41.95 49.96
C VAL D 241 -12.85 -42.65 51.28
N GLY D 242 -14.10 -42.71 51.73
CA GLY D 242 -14.42 -43.45 52.93
C GLY D 242 -15.43 -42.78 53.84
N TYR D 243 -15.95 -41.64 53.43
CA TYR D 243 -17.00 -40.99 54.20
C TYR D 243 -18.31 -41.72 54.00
N SER D 244 -19.15 -41.72 55.04
CA SER D 244 -20.32 -42.57 55.06
C SER D 244 -21.65 -41.82 55.06
N THR D 245 -21.78 -40.77 55.84
CA THR D 245 -23.05 -40.06 55.99
C THR D 245 -23.08 -38.78 55.14
N VAL D 246 -22.51 -38.84 53.97
CA VAL D 246 -22.47 -37.69 53.07
C VAL D 246 -23.71 -37.72 52.18
N SER D 247 -24.31 -36.54 51.98
CA SER D 247 -25.54 -36.45 51.21
C SER D 247 -25.61 -35.08 50.55
N SER D 248 -25.64 -35.07 49.23
CA SER D 248 -25.75 -33.82 48.50
C SER D 248 -27.16 -33.24 48.64
N ALA D 249 -27.23 -31.92 48.62
CA ALA D 249 -28.49 -31.22 48.82
C ALA D 249 -29.26 -31.20 47.51
N GLU D 250 -30.49 -31.73 47.53
CA GLU D 250 -31.33 -31.75 46.35
C GLU D 250 -32.46 -30.73 46.50
N LEU D 251 -32.65 -29.91 45.48
CA LEU D 251 -33.71 -28.91 45.48
C LEU D 251 -35.03 -29.53 45.07
N GLY D 252 -36.01 -28.68 44.79
CA GLY D 252 -37.31 -29.13 44.34
C GLY D 252 -37.34 -29.56 42.89
N GLU D 253 -38.46 -29.31 42.22
CA GLU D 253 -38.63 -29.73 40.85
C GLU D 253 -38.05 -28.70 39.90
N ASP D 254 -37.32 -29.19 38.88
CA ASP D 254 -36.76 -28.40 37.78
C ASP D 254 -35.81 -27.31 38.26
N LYS D 255 -35.09 -27.58 39.35
CA LYS D 255 -34.03 -26.69 39.82
C LYS D 255 -32.79 -27.55 40.03
N PRO D 256 -31.76 -27.38 39.22
CA PRO D 256 -30.57 -28.25 39.35
C PRO D 256 -29.72 -27.92 40.56
N SER D 257 -28.59 -28.63 40.68
CA SER D 257 -27.80 -28.60 41.90
C SER D 257 -27.01 -27.31 42.08
N TYR D 258 -26.90 -26.47 41.05
CA TYR D 258 -26.11 -25.26 41.19
C TYR D 258 -26.90 -24.07 41.70
N TYR D 259 -28.17 -24.26 42.07
CA TYR D 259 -28.93 -23.20 42.69
C TYR D 259 -29.04 -23.36 44.19
N VAL D 260 -28.36 -24.35 44.78
CA VAL D 260 -28.57 -24.71 46.19
C VAL D 260 -28.06 -23.61 47.10
N ASN D 261 -26.90 -23.03 46.78
CA ASN D 261 -26.36 -21.94 47.59
C ASN D 261 -27.21 -20.69 47.53
N SER D 262 -28.06 -20.54 46.51
CA SER D 262 -28.87 -19.35 46.35
C SER D 262 -30.31 -19.56 46.78
N VAL D 263 -30.92 -20.69 46.43
CA VAL D 263 -32.30 -20.94 46.80
C VAL D 263 -32.43 -21.17 48.29
N GLY D 264 -31.47 -21.89 48.89
CA GLY D 264 -31.55 -22.22 50.29
C GLY D 264 -31.38 -21.02 51.22
N LEU D 265 -30.64 -20.01 50.78
CA LEU D 265 -30.56 -18.79 51.58
C LEU D 265 -31.84 -17.99 51.52
N LEU D 266 -32.62 -18.14 50.45
CA LEU D 266 -33.92 -17.48 50.37
C LEU D 266 -34.91 -18.15 51.31
N LEU D 267 -34.82 -19.46 51.46
CA LEU D 267 -35.70 -20.21 52.34
C LEU D 267 -35.31 -20.13 53.81
N LYS D 268 -34.23 -19.46 54.14
CA LYS D 268 -33.76 -19.45 55.52
C LYS D 268 -33.57 -18.05 56.07
N TYR D 269 -33.05 -17.13 55.28
CA TYR D 269 -32.58 -15.84 55.76
C TYR D 269 -33.33 -14.71 55.05
N GLY D 270 -32.84 -13.48 55.26
CA GLY D 270 -33.49 -12.31 54.69
C GLY D 270 -34.77 -11.98 55.42
N ARG D 271 -34.67 -11.64 56.69
CA ARG D 271 -35.85 -11.37 57.49
C ARG D 271 -36.12 -9.87 57.54
N THR E 5 -7.12 -5.63 -63.51
CA THR E 5 -7.18 -4.47 -62.63
C THR E 5 -6.03 -4.48 -61.65
N LEU E 6 -5.23 -3.42 -61.66
CA LEU E 6 -4.01 -3.35 -60.86
C LEU E 6 -4.21 -2.41 -59.69
N THR E 7 -3.97 -2.90 -58.49
CA THR E 7 -4.03 -2.09 -57.27
C THR E 7 -2.62 -1.59 -56.96
N THR E 8 -2.45 -0.28 -56.98
CA THR E 8 -1.13 0.30 -56.79
C THR E 8 -1.21 1.45 -55.78
N VAL E 9 -0.04 1.79 -55.24
CA VAL E 9 0.09 2.81 -54.21
C VAL E 9 1.10 3.84 -54.68
N ILE E 10 0.70 5.11 -54.65
CA ILE E 10 1.46 6.20 -55.24
C ILE E 10 1.69 7.26 -54.17
N ASP E 11 2.91 7.34 -53.67
CA ASP E 11 3.29 8.25 -52.59
C ASP E 11 3.80 9.54 -53.20
N ILE E 12 2.90 10.47 -53.47
CA ILE E 12 3.27 11.77 -54.02
C ILE E 12 3.97 12.56 -52.93
N GLY E 13 5.25 12.85 -53.14
CA GLY E 13 6.01 13.66 -52.23
C GLY E 13 6.35 15.01 -52.82
N ASN E 14 7.38 15.63 -52.27
CA ASN E 14 7.88 16.90 -52.76
C ASN E 14 9.20 16.78 -53.48
N PHE E 15 10.09 15.92 -53.00
CA PHE E 15 11.34 15.67 -53.73
C PHE E 15 11.11 14.70 -54.87
N SER E 16 10.27 13.69 -54.66
CA SER E 16 10.05 12.67 -55.66
C SER E 16 8.65 12.13 -55.50
N THR E 17 8.23 11.29 -56.43
CA THR E 17 6.92 10.66 -56.40
C THR E 17 7.10 9.17 -56.57
N LYS E 18 6.80 8.41 -55.53
CA LYS E 18 7.08 6.99 -55.49
C LYS E 18 5.80 6.21 -55.77
N TYR E 19 5.88 5.26 -56.69
CA TYR E 19 4.77 4.38 -56.98
C TYR E 19 5.21 2.95 -56.73
N ALA E 20 4.29 2.13 -56.22
CA ALA E 20 4.57 0.72 -55.99
C ALA E 20 3.35 -0.10 -56.39
N TYR E 21 3.60 -1.27 -56.95
CA TYR E 21 2.54 -2.17 -57.36
C TYR E 21 3.05 -3.59 -57.29
N LYS E 22 2.11 -4.54 -57.36
CA LYS E 22 2.40 -5.95 -57.18
C LYS E 22 1.82 -6.71 -58.36
N ASP E 23 2.69 -7.11 -59.29
CA ASP E 23 2.24 -7.90 -60.44
C ASP E 23 2.41 -9.40 -60.22
N ALA E 24 3.63 -9.84 -59.99
CA ALA E 24 3.94 -11.21 -59.58
C ALA E 24 3.96 -11.25 -58.06
N ALA E 25 4.55 -12.32 -57.49
CA ALA E 25 4.80 -12.34 -56.05
C ALA E 25 5.78 -11.25 -55.60
N GLN E 26 6.61 -10.73 -56.50
CA GLN E 26 7.51 -9.63 -56.18
C GLN E 26 6.76 -8.30 -56.24
N ILE E 27 7.42 -7.27 -55.72
CA ILE E 27 6.90 -5.91 -55.79
C ILE E 27 7.77 -5.12 -56.75
N LYS E 28 7.18 -4.70 -57.87
CA LYS E 28 7.87 -3.82 -58.82
C LYS E 28 7.63 -2.39 -58.37
N VAL E 29 8.71 -1.62 -58.30
CA VAL E 29 8.66 -0.30 -57.67
C VAL E 29 9.51 0.66 -58.50
N GLY E 30 9.23 1.95 -58.36
CA GLY E 30 9.97 2.96 -59.09
C GLY E 30 9.52 4.34 -58.68
N SER E 31 10.20 5.35 -59.20
CA SER E 31 9.86 6.73 -58.91
C SER E 31 10.33 7.61 -60.05
N PHE E 32 10.09 8.92 -59.88
CA PHE E 32 10.52 9.96 -60.81
C PHE E 32 10.50 11.27 -60.04
N PRO E 33 11.40 12.20 -60.35
CA PRO E 33 11.51 13.41 -59.51
C PRO E 33 10.32 14.33 -59.67
N SER E 34 9.97 14.97 -58.57
CA SER E 34 8.77 15.79 -58.44
C SER E 34 9.03 17.24 -58.77
N ILE E 35 9.63 17.51 -59.92
CA ILE E 35 9.87 18.87 -60.39
C ILE E 35 9.09 19.03 -61.68
N LEU E 36 8.16 19.97 -61.69
CA LEU E 36 7.44 20.26 -62.92
C LEU E 36 7.32 21.76 -63.10
N HIS E 37 7.29 22.16 -64.36
CA HIS E 37 7.34 23.55 -64.79
C HIS E 37 6.26 23.75 -65.84
N SER E 38 5.88 25.01 -66.08
CA SER E 38 4.90 25.34 -67.10
C SER E 38 5.47 25.05 -68.48
N TYR E 39 4.62 25.21 -69.51
CA TYR E 39 4.92 24.57 -70.78
C TYR E 39 6.11 25.15 -71.52
N LYS E 40 6.07 26.42 -72.00
CA LYS E 40 7.19 27.06 -72.71
C LYS E 40 7.73 26.23 -73.87
N PRO E 41 7.07 26.25 -75.03
CA PRO E 41 7.40 25.34 -76.15
C PRO E 41 8.86 25.37 -76.58
N LEU E 42 9.52 24.23 -76.38
CA LEU E 42 10.95 24.08 -76.49
C LEU E 42 11.27 23.38 -77.80
N GLU E 43 12.52 23.43 -78.24
CA GLU E 43 12.86 22.90 -79.56
C GLU E 43 12.95 21.37 -79.55
N ASP E 44 13.89 20.82 -78.80
CA ASP E 44 14.08 19.36 -78.78
C ASP E 44 14.56 18.97 -77.38
N TYR E 45 13.61 18.62 -76.53
CA TYR E 45 13.90 18.15 -75.19
C TYR E 45 14.16 16.66 -75.18
N GLU E 46 15.00 16.22 -74.25
CA GLU E 46 15.44 14.83 -74.20
C GLU E 46 14.97 14.11 -72.95
N GLY E 47 15.28 14.62 -71.76
CA GLY E 47 15.03 13.88 -70.55
C GLY E 47 13.80 14.34 -69.78
N MET E 48 12.85 14.94 -70.48
CA MET E 48 11.61 15.37 -69.85
C MET E 48 10.48 15.02 -70.80
N GLU E 49 9.27 14.96 -70.25
CA GLU E 49 8.12 14.59 -71.06
C GLU E 49 6.97 15.54 -70.78
N ARG E 50 6.25 15.89 -71.83
CA ARG E 50 5.10 16.77 -71.71
C ARG E 50 3.89 15.99 -71.23
N VAL E 51 3.17 16.55 -70.26
CA VAL E 51 1.96 15.91 -69.73
C VAL E 51 0.82 16.91 -69.81
N GLU E 52 -0.29 16.48 -70.41
CA GLU E 52 -1.50 17.28 -70.47
C GLU E 52 -2.63 16.54 -69.78
N TYR E 53 -3.16 17.12 -68.71
CA TYR E 53 -4.32 16.56 -68.03
C TYR E 53 -5.16 17.69 -67.48
N ASN E 54 -6.42 17.76 -67.92
CA ASN E 54 -7.45 18.63 -67.36
C ASN E 54 -7.06 20.11 -67.48
N GLY E 55 -6.78 20.53 -68.70
CA GLY E 55 -6.44 21.92 -68.95
C GLY E 55 -5.08 22.35 -68.46
N LEU E 56 -4.17 21.41 -68.23
CA LEU E 56 -2.82 21.72 -67.79
C LEU E 56 -1.82 21.25 -68.84
N ASP E 57 -0.64 21.84 -68.82
CA ASP E 57 0.38 21.51 -69.82
C ASP E 57 1.74 21.73 -69.15
N TYR E 58 2.30 20.64 -68.62
CA TYR E 58 3.48 20.70 -67.76
C TYR E 58 4.52 19.69 -68.23
N TYR E 59 5.79 20.02 -67.97
CA TYR E 59 6.88 19.08 -68.20
C TYR E 59 7.23 18.36 -66.90
N VAL E 60 7.20 17.03 -66.93
CA VAL E 60 7.62 16.20 -65.82
C VAL E 60 8.73 15.31 -66.29
N GLY E 61 9.83 15.25 -65.55
CA GLY E 61 10.91 14.36 -65.91
C GLY E 61 12.18 14.73 -65.16
N GLU E 62 13.29 14.15 -65.64
CA GLU E 62 14.57 14.32 -64.97
C GLU E 62 15.13 15.72 -65.20
N THR E 63 15.04 16.22 -66.43
CA THR E 63 15.75 17.42 -66.82
C THR E 63 14.90 18.67 -66.70
N VAL E 64 13.79 18.61 -65.96
CA VAL E 64 13.00 19.80 -65.72
C VAL E 64 13.73 20.75 -64.77
N LYS E 65 14.68 20.23 -63.98
CA LYS E 65 15.53 21.05 -63.13
C LYS E 65 16.45 21.97 -63.92
N ASN E 66 16.60 21.78 -65.23
CA ASN E 66 17.35 22.73 -66.04
C ASN E 66 16.61 24.03 -66.24
N PHE E 67 15.29 24.04 -66.07
CA PHE E 67 14.53 25.28 -66.12
C PHE E 67 14.77 26.18 -64.92
N TYR E 68 15.43 25.68 -63.89
CA TYR E 68 15.58 26.37 -62.61
C TYR E 68 17.07 26.48 -62.28
N PHE E 69 17.85 26.99 -63.22
CA PHE E 69 19.31 26.95 -63.09
C PHE E 69 19.81 27.86 -61.98
N GLY E 70 19.58 29.16 -62.09
CA GLY E 70 20.08 30.07 -61.08
C GLY E 70 19.11 30.29 -59.94
N ARG E 71 18.01 29.56 -59.95
CA ARG E 71 16.89 29.74 -59.03
C ARG E 71 16.46 28.39 -58.47
N GLU E 72 17.43 27.62 -57.97
CA GLU E 72 17.21 26.24 -57.56
C GLU E 72 16.34 26.10 -56.32
N GLU E 73 16.04 27.18 -55.60
CA GLU E 73 15.10 27.12 -54.50
C GLU E 73 13.65 27.25 -54.95
N GLN E 74 13.38 27.17 -56.25
CA GLN E 74 12.04 27.31 -56.78
C GLN E 74 11.55 26.04 -57.43
N MET E 75 12.27 24.94 -57.31
CA MET E 75 11.91 23.76 -58.08
C MET E 75 11.08 22.75 -57.30
N TYR E 76 10.77 23.03 -56.05
CA TYR E 76 10.14 22.07 -55.15
C TYR E 76 8.85 22.64 -54.58
N PHE E 77 7.77 21.88 -54.71
CA PHE E 77 6.51 22.23 -54.09
C PHE E 77 6.66 22.22 -52.58
N GLY E 78 6.41 23.35 -51.95
CA GLY E 78 6.70 23.40 -50.54
C GLY E 78 5.49 23.32 -49.64
N ASN E 79 5.24 22.13 -49.09
CA ASN E 79 4.29 21.88 -48.01
C ASN E 79 2.88 22.33 -48.39
N THR E 80 2.47 22.00 -49.61
CA THR E 80 1.32 22.66 -50.20
C THR E 80 0.34 21.62 -50.75
N ARG E 81 -0.50 21.08 -49.87
CA ARG E 81 -1.86 20.57 -50.13
C ARG E 81 -2.02 19.73 -51.39
N LYS E 82 -1.41 18.54 -51.40
CA LYS E 82 -1.21 17.70 -52.59
C LYS E 82 -2.49 17.47 -53.39
N GLY E 83 -2.40 17.68 -54.70
CA GLY E 83 -3.55 17.55 -55.56
C GLY E 83 -4.20 18.88 -55.91
N HIS E 84 -3.38 19.85 -56.27
CA HIS E 84 -3.85 21.15 -56.73
C HIS E 84 -4.26 21.13 -58.19
N MET E 85 -4.34 22.32 -58.76
CA MET E 85 -4.27 22.50 -60.21
C MET E 85 -2.85 22.42 -60.75
N GLU E 86 -1.90 21.92 -59.94
CA GLU E 86 -0.56 21.55 -60.38
C GLU E 86 -0.11 20.17 -59.93
N GLY E 87 -0.62 19.64 -58.82
CA GLY E 87 -0.20 18.38 -58.26
C GLY E 87 -0.91 17.16 -58.80
N GLN E 88 -1.94 17.35 -59.62
CA GLN E 88 -2.56 16.23 -60.33
C GLN E 88 -1.65 15.64 -61.38
N ILE E 89 -0.71 16.44 -61.90
CA ILE E 89 0.15 16.00 -62.99
C ILE E 89 1.14 14.95 -62.50
N ARG E 90 1.55 15.04 -61.24
CA ARG E 90 2.45 14.05 -60.68
C ARG E 90 1.78 12.70 -60.51
N LEU E 91 0.46 12.71 -60.32
CA LEU E 91 -0.25 11.46 -60.14
C LEU E 91 -0.55 10.79 -61.47
N VAL E 92 -1.00 11.57 -62.46
CA VAL E 92 -1.38 10.98 -63.73
C VAL E 92 -0.17 10.62 -64.56
N TYR E 93 0.99 11.22 -64.29
CA TYR E 93 2.20 10.73 -64.92
C TYR E 93 2.72 9.49 -64.22
N ALA E 94 2.40 9.33 -62.94
CA ALA E 94 2.73 8.08 -62.26
C ALA E 94 1.85 6.94 -62.75
N LEU E 95 0.62 7.25 -63.17
CA LEU E 95 -0.22 6.23 -63.78
C LEU E 95 0.31 5.84 -65.15
N TYR E 96 0.84 6.81 -65.90
CA TYR E 96 1.41 6.52 -67.21
C TYR E 96 2.68 5.70 -67.10
N THR E 97 3.47 5.93 -66.06
CA THR E 97 4.73 5.20 -65.91
C THR E 97 4.47 3.74 -65.60
N ILE E 98 3.39 3.45 -64.87
CA ILE E 98 3.00 2.07 -64.62
C ILE E 98 2.54 1.40 -65.92
N PHE E 99 1.82 2.15 -66.76
CA PHE E 99 1.34 1.61 -68.02
C PHE E 99 2.48 1.28 -68.98
N LYS E 100 3.59 2.02 -68.89
CA LYS E 100 4.77 1.69 -69.69
C LYS E 100 5.52 0.48 -69.15
N GLU E 101 5.15 -0.03 -67.98
CA GLU E 101 5.79 -1.22 -67.41
C GLU E 101 4.92 -2.45 -67.47
N THR E 102 3.59 -2.30 -67.39
CA THR E 102 2.70 -3.45 -67.42
C THR E 102 1.78 -3.44 -68.63
N GLY E 103 1.09 -2.34 -68.87
CA GLY E 103 0.00 -2.31 -69.80
C GLY E 103 -1.37 -2.31 -69.16
N ALA E 104 -1.46 -1.87 -67.90
CA ALA E 104 -2.73 -1.84 -67.18
C ALA E 104 -3.37 -0.47 -67.32
N ALA E 105 -4.69 -0.45 -67.53
CA ALA E 105 -5.43 0.79 -67.66
C ALA E 105 -6.56 0.90 -66.66
N GLU E 106 -6.65 -0.03 -65.71
CA GLU E 106 -7.65 0.02 -64.66
C GLU E 106 -6.93 -0.03 -63.32
N PHE E 107 -7.01 1.06 -62.57
CA PHE E 107 -6.19 1.24 -61.39
C PHE E 107 -7.05 1.29 -60.13
N ASN E 108 -6.51 0.77 -59.04
CA ASN E 108 -7.06 0.97 -57.71
C ASN E 108 -6.02 1.76 -56.94
N LEU E 109 -6.27 3.04 -56.74
CA LEU E 109 -5.26 3.95 -56.20
C LEU E 109 -5.25 3.89 -54.68
N ILE E 110 -4.07 3.65 -54.12
CA ILE E 110 -3.85 3.80 -52.68
C ILE E 110 -3.00 5.06 -52.54
N LEU E 111 -3.66 6.19 -52.36
CA LEU E 111 -2.94 7.44 -52.22
C LEU E 111 -2.50 7.64 -50.78
N THR E 112 -1.38 8.33 -50.62
CA THR E 112 -0.92 8.74 -49.31
C THR E 112 -1.14 10.24 -49.13
N CYS E 113 -1.40 10.62 -47.89
CA CYS E 113 -1.57 12.02 -47.55
C CYS E 113 -1.16 12.18 -46.10
N PRO E 114 -0.81 13.39 -45.67
CA PRO E 114 -0.64 13.63 -44.24
C PRO E 114 -1.95 13.43 -43.49
N TYR E 115 -1.82 13.02 -42.22
CA TYR E 115 -2.98 12.63 -41.45
C TYR E 115 -3.86 13.82 -41.10
N GLU E 116 -3.26 15.01 -41.02
CA GLU E 116 -4.03 16.20 -40.70
C GLU E 116 -4.99 16.57 -41.83
N SER E 117 -4.60 16.31 -43.07
CA SER E 117 -5.40 16.62 -44.25
C SER E 117 -6.08 15.37 -44.79
N MET E 118 -6.50 14.47 -43.90
CA MET E 118 -7.09 13.20 -44.33
C MET E 118 -8.47 13.40 -44.96
N VAL E 119 -9.41 13.96 -44.20
CA VAL E 119 -10.76 14.18 -44.71
C VAL E 119 -10.86 15.42 -45.58
N THR E 120 -9.79 16.19 -45.71
CA THR E 120 -9.84 17.44 -46.47
C THR E 120 -9.57 17.20 -47.95
N ASP E 121 -8.67 16.27 -48.28
CA ASP E 121 -8.22 16.05 -49.65
C ASP E 121 -9.26 15.39 -50.55
N LYS E 122 -10.42 15.01 -50.03
CA LYS E 122 -11.42 14.32 -50.84
C LYS E 122 -12.16 15.25 -51.79
N LYS E 123 -11.95 16.56 -51.70
CA LYS E 123 -12.49 17.47 -52.70
C LYS E 123 -11.74 17.34 -54.02
N TYR E 124 -10.43 17.08 -53.96
CA TYR E 124 -9.54 17.17 -55.10
C TYR E 124 -9.15 15.81 -55.68
N PHE E 125 -9.02 14.79 -54.84
CA PHE E 125 -8.64 13.48 -55.35
C PHE E 125 -9.85 12.70 -55.87
N VAL E 126 -11.01 12.85 -55.23
CA VAL E 126 -12.16 12.04 -55.59
C VAL E 126 -12.85 12.59 -56.83
N GLN E 127 -13.06 13.91 -56.87
CA GLN E 127 -13.93 14.48 -57.89
C GLN E 127 -13.25 14.52 -59.26
N HIS E 128 -11.93 14.72 -59.28
CA HIS E 128 -11.21 14.78 -60.55
C HIS E 128 -10.92 13.41 -61.13
N PHE E 129 -11.14 12.34 -60.36
CA PHE E 129 -10.76 10.98 -60.73
C PHE E 129 -11.97 10.07 -60.52
N GLU E 130 -12.76 9.87 -61.58
CA GLU E 130 -13.95 9.04 -61.50
C GLU E 130 -13.98 7.98 -62.59
N GLY E 131 -12.83 7.54 -63.08
CA GLY E 131 -12.83 6.54 -64.13
C GLY E 131 -12.96 7.16 -65.50
N GLU E 132 -12.37 6.45 -66.48
CA GLU E 132 -12.43 6.78 -67.91
C GLU E 132 -11.85 8.16 -68.22
N ARG E 133 -10.83 8.54 -67.45
CA ARG E 133 -10.13 9.80 -67.69
C ARG E 133 -9.12 9.62 -68.82
N GLU E 134 -8.41 10.70 -69.15
CA GLU E 134 -7.52 10.68 -70.29
C GLU E 134 -6.43 11.72 -70.13
N VAL E 135 -5.18 11.29 -70.33
CA VAL E 135 -4.04 12.21 -70.38
C VAL E 135 -3.53 12.24 -71.81
N ILE E 136 -2.71 13.24 -72.09
CA ILE E 136 -2.01 13.37 -73.36
C ILE E 136 -0.54 13.52 -73.00
N VAL E 137 0.20 12.42 -73.06
CA VAL E 137 1.61 12.40 -72.68
C VAL E 137 2.44 12.26 -73.95
N GLU E 138 3.28 13.27 -74.22
CA GLU E 138 4.22 13.31 -75.34
C GLU E 138 3.45 13.19 -76.67
N GLY E 139 2.32 13.88 -76.76
CA GLY E 139 1.49 13.82 -77.94
C GLY E 139 0.52 12.65 -77.96
N LYS E 140 1.01 11.45 -77.64
CA LYS E 140 0.19 10.25 -77.66
C LYS E 140 -0.80 10.27 -76.49
N SER E 141 -2.09 10.25 -76.82
CA SER E 141 -3.11 10.24 -75.79
C SER E 141 -3.17 8.89 -75.09
N PHE E 142 -3.53 8.93 -73.81
CA PHE E 142 -3.62 7.72 -72.98
C PHE E 142 -4.86 7.78 -72.11
N LYS E 143 -5.65 6.72 -72.15
CA LYS E 143 -6.88 6.61 -71.38
C LYS E 143 -6.72 5.56 -70.28
N PHE E 144 -7.14 5.90 -69.07
CA PHE E 144 -7.06 5.01 -67.94
C PHE E 144 -8.38 5.03 -67.19
N THR E 145 -8.46 4.20 -66.14
CA THR E 145 -9.68 4.08 -65.35
C THR E 145 -9.32 3.92 -63.88
N VAL E 146 -9.88 4.78 -63.04
CA VAL E 146 -9.72 4.70 -61.59
C VAL E 146 -11.11 4.76 -60.98
N HIS E 147 -11.54 3.67 -60.35
CA HIS E 147 -12.90 3.61 -59.82
C HIS E 147 -12.98 3.41 -58.30
N ASN E 148 -11.86 3.37 -57.59
CA ASN E 148 -11.86 3.50 -56.14
C ASN E 148 -10.51 4.04 -55.68
N ILE E 149 -10.55 4.95 -54.71
CA ILE E 149 -9.35 5.61 -54.19
C ILE E 149 -9.35 5.42 -52.68
N VAL E 150 -8.29 4.80 -52.18
CA VAL E 150 -8.13 4.54 -50.75
C VAL E 150 -7.04 5.48 -50.25
N MET E 151 -7.45 6.52 -49.54
CA MET E 151 -6.52 7.58 -49.14
C MET E 151 -5.91 7.20 -47.80
N ALA E 152 -4.68 6.69 -47.84
CA ALA E 152 -4.01 6.23 -46.62
C ALA E 152 -3.36 7.39 -45.89
N ALA E 153 -2.52 7.09 -44.90
CA ALA E 153 -1.80 8.10 -44.15
C ALA E 153 -0.32 8.00 -44.46
N GLU E 154 0.36 9.14 -44.45
CA GLU E 154 1.74 9.20 -44.90
C GLU E 154 2.63 8.81 -43.73
N GLY E 155 3.07 7.56 -43.73
CA GLY E 155 3.91 7.06 -42.66
C GLY E 155 3.62 5.63 -42.28
N LEU E 156 2.41 5.16 -42.57
CA LEU E 156 1.99 3.83 -42.13
C LEU E 156 2.70 2.68 -42.85
N GLY E 157 3.45 2.97 -43.92
CA GLY E 157 4.22 1.92 -44.55
C GLY E 157 5.35 1.41 -43.72
N ALA E 158 5.85 2.21 -42.77
CA ALA E 158 6.91 1.76 -41.90
C ALA E 158 6.41 0.87 -40.77
N LEU E 159 5.10 0.71 -40.63
CA LEU E 159 4.56 -0.06 -39.52
C LEU E 159 4.78 -1.56 -39.71
N ASN E 160 4.93 -2.02 -40.95
CA ASN E 160 5.19 -3.44 -41.19
C ASN E 160 6.60 -3.83 -40.73
N PHE E 161 7.52 -2.87 -40.73
CA PHE E 161 8.89 -3.13 -40.35
C PHE E 161 9.18 -2.70 -38.93
N SER E 162 8.13 -2.60 -38.12
CA SER E 162 8.22 -2.21 -36.73
C SER E 162 8.09 -3.46 -35.86
N ASP E 163 9.07 -3.66 -34.99
CA ASP E 163 9.05 -4.79 -34.07
C ASP E 163 7.98 -4.64 -33.00
N SER E 164 7.55 -3.41 -32.70
CA SER E 164 6.53 -3.14 -31.72
C SER E 164 5.30 -2.61 -32.42
N LEU E 165 4.13 -2.98 -31.89
CA LEU E 165 2.86 -2.52 -32.41
C LEU E 165 2.47 -1.17 -31.83
N ASN E 166 3.28 -0.64 -30.91
CA ASN E 166 2.97 0.57 -30.17
C ASN E 166 4.18 1.48 -30.28
N CYS E 167 4.19 2.37 -31.26
CA CYS E 167 5.41 3.10 -31.60
C CYS E 167 5.05 4.47 -32.16
N VAL E 168 6.09 5.24 -32.47
CA VAL E 168 5.99 6.54 -33.11
C VAL E 168 6.70 6.46 -34.45
N ILE E 169 6.00 6.82 -35.52
CA ILE E 169 6.56 6.79 -36.85
C ILE E 169 6.98 8.19 -37.23
N VAL E 170 8.27 8.41 -37.41
CA VAL E 170 8.82 9.72 -37.76
C VAL E 170 9.15 9.70 -39.24
N ASP E 171 8.42 10.49 -40.02
CA ASP E 171 8.61 10.57 -41.46
C ASP E 171 9.55 11.73 -41.73
N ALA E 172 10.83 11.43 -41.88
CA ALA E 172 11.84 12.44 -42.19
C ALA E 172 11.70 12.80 -43.66
N GLY E 173 10.73 13.66 -43.95
CA GLY E 173 10.39 13.98 -45.31
C GLY E 173 11.34 14.96 -45.98
N SER E 174 10.82 15.72 -46.91
CA SER E 174 11.63 16.68 -47.66
C SER E 174 11.21 18.12 -47.43
N LYS E 175 9.93 18.37 -47.22
CA LYS E 175 9.47 19.68 -46.79
C LYS E 175 8.77 19.64 -45.45
N THR E 176 8.53 18.46 -44.88
CA THR E 176 7.72 18.35 -43.68
C THR E 176 8.06 17.06 -42.94
N LEU E 177 7.88 17.09 -41.63
CA LEU E 177 7.96 15.91 -40.79
C LEU E 177 6.56 15.44 -40.43
N ASN E 178 6.30 14.16 -40.60
CA ASN E 178 5.01 13.59 -40.25
C ASN E 178 5.22 12.66 -39.07
N VAL E 179 5.20 13.21 -37.88
CA VAL E 179 5.22 12.43 -36.65
C VAL E 179 3.83 11.82 -36.47
N LEU E 180 3.78 10.50 -36.34
CA LEU E 180 2.52 9.77 -36.37
C LEU E 180 2.49 8.84 -35.17
N TYR E 181 1.86 9.29 -34.08
CA TYR E 181 1.83 8.56 -32.83
C TYR E 181 0.81 7.45 -32.91
N LEU E 182 1.24 6.24 -32.64
CA LEU E 182 0.48 5.05 -32.96
C LEU E 182 0.40 4.16 -31.73
N ILE E 183 -0.77 3.57 -31.49
CA ILE E 183 -1.05 2.82 -30.26
C ILE E 183 -1.12 1.33 -30.51
N ASN E 184 -2.09 0.89 -31.30
CA ASN E 184 -2.38 -0.53 -31.40
C ASN E 184 -2.62 -0.89 -32.85
N GLY E 185 -1.76 -0.36 -33.73
CA GLY E 185 -2.06 -0.36 -35.14
C GLY E 185 -3.01 0.72 -35.55
N SER E 186 -3.31 1.66 -34.66
CA SER E 186 -4.23 2.75 -34.90
C SER E 186 -3.56 4.05 -34.54
N ILE E 187 -3.97 5.12 -35.22
CA ILE E 187 -3.28 6.39 -35.16
C ILE E 187 -3.98 7.30 -34.16
N SER E 188 -3.23 7.78 -33.17
CA SER E 188 -3.78 8.75 -32.24
C SER E 188 -3.82 10.11 -32.91
N LYS E 189 -4.96 10.79 -32.78
CA LYS E 189 -5.15 12.04 -33.50
C LYS E 189 -4.61 13.24 -32.73
N MET E 190 -4.63 13.19 -31.40
CA MET E 190 -4.14 14.32 -30.62
C MET E 190 -2.62 14.41 -30.63
N ASP E 191 -1.94 13.28 -30.68
CA ASP E 191 -0.50 13.25 -30.50
C ASP E 191 0.26 13.10 -31.82
N SER E 192 -0.41 13.22 -32.96
CA SER E 192 0.25 13.18 -34.25
C SER E 192 0.52 14.60 -34.72
N HIS E 193 1.79 14.93 -34.89
CA HIS E 193 2.19 16.26 -35.31
C HIS E 193 2.17 16.33 -36.83
N THR E 194 2.49 17.51 -37.37
CA THR E 194 2.99 17.64 -38.73
C THR E 194 3.96 18.81 -38.70
N ILE E 195 5.23 18.52 -38.50
CA ILE E 195 6.22 19.57 -38.28
C ILE E 195 6.65 20.12 -39.62
N ASN E 196 6.62 21.44 -39.77
CA ASN E 196 7.03 22.06 -41.02
C ASN E 196 8.55 22.02 -41.13
N GLY E 197 9.03 22.02 -42.36
CA GLY E 197 10.46 21.94 -42.60
C GLY E 197 10.91 20.51 -42.83
N GLY E 198 11.77 20.29 -43.82
CA GLY E 198 12.20 18.95 -44.13
C GLY E 198 13.70 18.84 -44.26
N THR E 199 14.17 17.78 -44.91
CA THR E 199 15.60 17.56 -45.05
C THR E 199 16.23 18.38 -46.16
N ILE E 200 15.43 18.96 -47.05
CA ILE E 200 15.98 19.85 -48.07
C ILE E 200 16.45 21.16 -47.43
N ASP E 201 15.56 21.81 -46.69
CA ASP E 201 15.87 23.11 -46.13
C ASP E 201 16.78 22.99 -44.90
N ASN E 202 16.51 22.02 -44.05
CA ASN E 202 17.14 21.92 -42.75
C ASN E 202 18.06 20.71 -42.68
N SER E 203 19.13 20.85 -41.90
CA SER E 203 19.96 19.71 -41.59
C SER E 203 19.23 18.79 -40.62
N ILE E 204 19.63 17.51 -40.62
CA ILE E 204 18.94 16.52 -39.81
C ILE E 204 19.22 16.74 -38.32
N MET E 205 20.44 17.14 -37.99
CA MET E 205 20.77 17.43 -36.60
C MET E 205 20.02 18.64 -36.07
N ASP E 206 19.63 19.57 -36.94
CA ASP E 206 18.74 20.65 -36.56
C ASP E 206 17.27 20.29 -36.77
N LEU E 207 16.99 19.12 -37.30
CA LEU E 207 15.62 18.66 -37.50
C LEU E 207 15.21 17.59 -36.51
N ALA E 208 16.16 16.75 -36.08
CA ALA E 208 15.89 15.80 -35.02
C ALA E 208 15.72 16.49 -33.68
N LYS E 209 16.34 17.65 -33.49
CA LYS E 209 16.19 18.38 -32.25
C LYS E 209 14.88 19.12 -32.16
N THR E 210 14.23 19.41 -33.29
CA THR E 210 12.87 19.94 -33.22
C THR E 210 11.85 18.84 -33.04
N PHE E 211 12.21 17.59 -33.32
CA PHE E 211 11.35 16.47 -32.95
C PHE E 211 11.31 16.29 -31.45
N ALA E 212 12.44 16.50 -30.77
CA ALA E 212 12.51 16.31 -29.33
C ALA E 212 11.79 17.41 -28.57
N LYS E 213 11.47 18.52 -29.22
CA LYS E 213 10.73 19.59 -28.56
C LYS E 213 9.23 19.40 -28.71
N THR E 214 8.79 19.02 -29.91
CA THR E 214 7.36 18.84 -30.17
C THR E 214 6.83 17.59 -29.47
N CYS E 215 7.37 16.44 -29.82
CA CYS E 215 6.87 15.17 -29.31
C CYS E 215 7.68 14.80 -28.07
N SER E 216 7.52 15.64 -27.04
CA SER E 216 8.24 15.53 -25.79
C SER E 216 7.44 14.82 -24.71
N ASN E 217 6.28 14.26 -25.05
CA ASN E 217 5.58 13.34 -24.18
C ASN E 217 6.03 11.90 -24.37
N ILE E 218 7.25 11.71 -24.86
CA ILE E 218 7.80 10.41 -25.21
C ILE E 218 9.03 10.18 -24.34
N ASP E 219 8.96 9.17 -23.48
CA ASP E 219 10.12 8.75 -22.74
C ASP E 219 11.09 8.02 -23.66
N TYR E 220 12.32 7.86 -23.19
CA TYR E 220 13.42 7.49 -24.09
C TYR E 220 13.51 6.00 -24.34
N ASP E 221 12.63 5.20 -23.75
CA ASP E 221 12.60 3.78 -24.00
C ASP E 221 11.47 3.38 -24.94
N TYR E 222 10.81 4.36 -25.55
CA TYR E 222 9.63 4.19 -26.37
C TYR E 222 10.03 3.97 -27.82
N PRO E 223 9.38 3.06 -28.55
CA PRO E 223 9.86 2.71 -29.90
C PRO E 223 9.56 3.81 -30.91
N ILE E 224 10.59 4.17 -31.68
CA ILE E 224 10.47 5.16 -32.74
C ILE E 224 10.93 4.51 -34.04
N VAL E 225 10.07 4.56 -35.05
CA VAL E 225 10.38 3.96 -36.35
C VAL E 225 10.61 5.10 -37.34
N CYS E 226 11.86 5.29 -37.74
CA CYS E 226 12.22 6.33 -38.69
C CYS E 226 11.96 5.87 -40.11
N THR E 227 11.21 6.66 -40.87
CA THR E 227 11.04 6.38 -42.28
C THR E 227 11.34 7.62 -43.11
N GLY E 228 11.12 7.54 -44.41
CA GLY E 228 11.50 8.62 -45.30
C GLY E 228 12.83 8.35 -45.97
N GLY E 229 13.23 9.29 -46.82
CA GLY E 229 14.44 9.11 -47.59
C GLY E 229 15.71 9.23 -46.77
N LYS E 230 15.67 10.00 -45.69
CA LYS E 230 16.81 10.18 -44.81
C LYS E 230 16.66 9.39 -43.53
N ALA E 231 16.13 8.17 -43.62
CA ALA E 231 15.75 7.42 -42.44
C ALA E 231 16.97 6.91 -41.67
N GLU E 232 17.93 6.31 -42.37
CA GLU E 232 19.08 5.76 -41.69
C GLU E 232 20.07 6.81 -41.22
N GLU E 233 19.90 8.06 -41.64
CA GLU E 233 20.62 9.17 -41.02
C GLU E 233 19.77 9.85 -39.96
N MET E 234 18.46 9.62 -39.97
CA MET E 234 17.60 10.16 -38.92
C MET E 234 17.83 9.46 -37.60
N LYS E 235 17.95 8.14 -37.62
CA LYS E 235 18.15 7.40 -36.37
C LYS E 235 19.55 7.57 -35.82
N GLU E 236 20.51 7.96 -36.65
CA GLU E 236 21.84 8.23 -36.11
C GLU E 236 21.94 9.58 -35.45
N CYS E 237 20.97 10.46 -35.68
CA CYS E 237 20.94 11.76 -35.03
C CYS E 237 19.86 11.86 -33.96
N LEU E 238 19.00 10.84 -33.83
CA LEU E 238 18.12 10.77 -32.66
C LEU E 238 18.80 10.08 -31.49
N GLU E 239 19.72 9.15 -31.77
CA GLU E 239 20.45 8.50 -30.69
C GLU E 239 21.42 9.44 -30.01
N ASN E 240 21.88 10.47 -30.72
CA ASN E 240 22.67 11.50 -30.07
C ASN E 240 21.81 12.45 -29.25
N VAL E 241 20.51 12.47 -29.50
CA VAL E 241 19.60 13.25 -28.65
C VAL E 241 19.34 12.50 -27.35
N GLY E 242 19.18 11.18 -27.42
CA GLY E 242 19.03 10.39 -26.22
C GLY E 242 17.99 9.29 -26.31
N TYR E 243 17.37 9.12 -27.47
CA TYR E 243 16.43 8.03 -27.66
C TYR E 243 17.19 6.73 -27.84
N SER E 244 16.57 5.65 -27.37
CA SER E 244 17.28 4.38 -27.24
C SER E 244 16.77 3.28 -28.14
N THR E 245 15.46 3.10 -28.27
CA THR E 245 14.87 2.00 -29.01
C THR E 245 14.40 2.45 -30.39
N VAL E 246 15.15 3.32 -31.02
CA VAL E 246 14.81 3.83 -32.33
C VAL E 246 15.44 2.93 -33.40
N SER E 247 14.68 2.64 -34.45
CA SER E 247 15.13 1.74 -35.48
C SER E 247 14.48 2.13 -36.79
N SER E 248 15.29 2.49 -37.78
CA SER E 248 14.77 2.83 -39.10
C SER E 248 14.30 1.57 -39.82
N ALA E 249 13.27 1.75 -40.65
CA ALA E 249 12.66 0.63 -41.36
C ALA E 249 13.50 0.30 -42.58
N GLU E 250 13.95 -0.95 -42.67
CA GLU E 250 14.74 -1.40 -43.81
C GLU E 250 13.90 -2.30 -44.69
N LEU E 251 13.91 -2.04 -45.99
CA LEU E 251 13.18 -2.84 -46.96
C LEU E 251 13.98 -4.07 -47.34
N GLY E 252 13.53 -4.76 -48.39
CA GLY E 252 14.23 -5.92 -48.90
C GLY E 252 15.46 -5.59 -49.71
N GLU E 253 15.73 -6.40 -50.72
CA GLU E 253 16.92 -6.21 -51.52
C GLU E 253 16.68 -5.21 -52.63
N ASP E 254 17.66 -4.31 -52.82
CA ASP E 254 17.70 -3.32 -53.90
C ASP E 254 16.49 -2.38 -53.87
N LYS E 255 16.00 -2.06 -52.67
CA LYS E 255 14.96 -1.05 -52.49
C LYS E 255 15.45 -0.11 -51.40
N PRO E 256 15.77 1.13 -51.73
CA PRO E 256 16.31 2.04 -50.71
C PRO E 256 15.27 2.54 -49.73
N SER E 257 15.69 3.43 -48.83
CA SER E 257 14.87 3.82 -47.70
C SER E 257 13.72 4.74 -48.05
N TYR E 258 13.69 5.30 -49.26
CA TYR E 258 12.62 6.22 -49.61
C TYR E 258 11.41 5.53 -50.22
N TYR E 259 11.39 4.21 -50.29
CA TYR E 259 10.20 3.49 -50.73
C TYR E 259 9.40 2.91 -49.58
N VAL E 260 9.79 3.19 -48.33
CA VAL E 260 9.21 2.52 -47.17
C VAL E 260 7.76 2.91 -46.98
N ASN E 261 7.45 4.20 -47.17
CA ASN E 261 6.06 4.68 -47.04
C ASN E 261 5.16 4.11 -48.12
N SER E 262 5.72 3.65 -49.24
CA SER E 262 4.93 3.16 -50.35
C SER E 262 4.89 1.63 -50.41
N VAL E 263 6.01 0.97 -50.19
CA VAL E 263 6.05 -0.48 -50.26
C VAL E 263 5.31 -1.10 -49.08
N GLY E 264 5.46 -0.50 -47.90
CA GLY E 264 4.84 -1.05 -46.71
C GLY E 264 3.33 -0.95 -46.69
N LEU E 265 2.78 0.06 -47.35
CA LEU E 265 1.32 0.11 -47.47
C LEU E 265 0.80 -0.93 -48.44
N LEU E 266 1.61 -1.36 -49.39
CA LEU E 266 1.20 -2.44 -50.28
C LEU E 266 1.18 -3.77 -49.55
N LEU E 267 2.13 -3.97 -48.63
CA LEU E 267 2.20 -5.20 -47.85
C LEU E 267 1.20 -5.26 -46.70
N LYS E 268 0.42 -4.22 -46.49
CA LYS E 268 -0.46 -4.19 -45.34
C LYS E 268 -1.91 -3.93 -45.70
N TYR E 269 -2.16 -3.02 -46.64
CA TYR E 269 -3.50 -2.50 -46.90
C TYR E 269 -3.91 -2.79 -48.34
N GLY E 270 -5.02 -2.18 -48.76
CA GLY E 270 -5.54 -2.40 -50.08
C GLY E 270 -6.20 -3.76 -50.21
N ARG E 271 -7.26 -3.97 -49.44
CA ARG E 271 -7.91 -5.27 -49.44
C ARG E 271 -9.10 -5.27 -50.40
MG MG F . 12.77 22.82 -12.13
PB ADP G . 11.04 24.14 -14.53
O1B ADP G . 11.32 23.96 -15.99
O2B ADP G . 11.03 22.86 -13.74
O3B ADP G . 11.83 25.24 -13.87
PA ADP G . 9.05 25.58 -13.29
O1A ADP G . 9.56 26.97 -13.50
O2A ADP G . 9.33 24.87 -11.99
O3A ADP G . 9.54 24.68 -14.50
O5' ADP G . 7.47 25.60 -13.54
C5' ADP G . 6.96 26.33 -14.64
C4' ADP G . 5.80 27.18 -14.17
O4' ADP G . 6.30 28.15 -13.26
C3' ADP G . 5.16 27.95 -15.31
O3' ADP G . 3.89 27.38 -15.62
C2' ADP G . 4.97 29.35 -14.79
O2' ADP G . 3.60 29.54 -14.47
C1' ADP G . 5.77 29.43 -13.51
N9 ADP G . 6.93 30.30 -13.76
C8 ADP G . 8.20 29.87 -13.84
N7 ADP G . 9.06 30.89 -14.08
C5 ADP G . 8.32 32.02 -14.13
C6 ADP G . 8.60 33.45 -14.35
N6 ADP G . 9.86 33.89 -14.55
N1 ADP G . 7.55 34.30 -14.34
C2 ADP G . 6.30 33.87 -14.13
N3 ADP G . 5.98 32.58 -13.93
C4 ADP G . 6.92 31.63 -13.92
MG MG H . -10.48 -6.66 -3.94
PB ADP I . -8.21 -6.50 -6.22
O1B ADP I . -7.61 -5.23 -6.77
O2B ADP I . -8.26 -6.58 -4.72
O3B ADP I . -9.48 -6.92 -6.88
PA ADP I . -7.64 -9.12 -6.89
O1A ADP I . -8.32 -9.20 -8.23
O2A ADP I . -8.33 -9.58 -5.65
O3A ADP I . -7.15 -7.61 -6.68
O5' ADP I . -6.23 -9.87 -7.01
C5' ADP I . -5.44 -9.67 -8.17
C4' ADP I . -4.99 -11.02 -8.69
O4' ADP I . -6.13 -11.75 -9.11
C3' ADP I . -4.09 -10.89 -9.90
O3' ADP I . -2.75 -11.19 -9.55
C2' ADP I . -4.59 -11.91 -10.88
O2' ADP I . -3.70 -13.03 -10.89
C1' ADP I . -5.93 -12.38 -10.37
N9 ADP I . -6.98 -11.86 -11.25
C8 ADP I . -7.83 -10.88 -10.92
N7 ADP I . -8.68 -10.61 -11.93
C5 ADP I . -8.37 -11.44 -12.94
C6 ADP I . -8.88 -11.68 -14.30
N6 ADP I . -9.91 -10.96 -14.80
N1 ADP I . -8.27 -12.64 -15.04
C2 ADP I . -7.24 -13.35 -14.56
N3 ADP I . -6.73 -13.18 -13.33
C4 ADP I . -7.24 -12.26 -12.49
MG MG J . 12.23 -10.48 26.46
PB ADP K . 11.12 -7.81 25.02
O1B ADP K . 10.64 -7.73 23.59
O2B ADP K . 10.55 -8.95 25.81
O3B ADP K . 12.60 -7.65 25.19
PA ADP K . 11.26 -5.82 26.93
O1A ADP K . 12.45 -5.06 26.43
O2A ADP K . 11.43 -6.87 28.00
O3A ADP K . 10.52 -6.48 25.68
O5' ADP K . 10.16 -4.78 27.41
C5' ADP K . 9.93 -3.62 26.61
C4' ADP K . 9.91 -2.40 27.50
O4' ADP K . 11.22 -2.24 28.04
C3' ADP K . 9.60 -1.14 26.72
O3' ADP K . 8.29 -0.70 27.04
C2' ADP K . 10.61 -0.12 27.20
O2' ADP K . 9.97 0.79 28.09
C1' ADP K . 11.65 -0.89 27.98
N9 ADP K . 12.90 -0.90 27.18
C8 ADP K . 13.39 -1.99 26.56
N7 ADP K . 14.54 -1.70 25.92
C5 ADP K . 14.79 -0.40 26.13
C6 ADP K . 15.85 0.54 25.74
N6 ADP K . 16.89 0.13 24.97
N1 ADP K . 15.75 1.82 26.16
C2 ADP K . 14.73 2.22 26.93
N3 ADP K . 13.73 1.42 27.33
C4 ADP K . 13.71 0.12 26.97
MG MG L . -20.67 -20.51 44.33
PB ADP M . -19.55 -21.12 41.35
O1B ADP M . -18.52 -20.31 40.64
O2B ADP M . -19.20 -21.51 42.76
O3B ADP M . -20.95 -20.60 41.23
PA ADP M . -20.91 -23.37 40.51
O1A ADP M . -21.87 -22.74 39.54
O2A ADP M . -21.35 -23.64 41.92
O3A ADP M . -19.58 -22.49 40.54
O5' ADP M . -20.37 -24.73 39.86
C5' ADP M . -20.01 -24.73 38.49
C4' ADP M . -20.65 -25.95 37.83
O4' ADP M . -22.06 -25.80 37.87
C3' ADP M . -20.26 -26.06 36.37
O3' ADP M . -19.34 -27.13 36.19
C2' ADP M . -21.55 -26.38 35.65
O2' ADP M . -21.55 -27.76 35.29
C1' ADP M . -22.66 -26.12 36.63
N9 ADP M . -23.38 -24.91 36.20
C8 ADP M . -23.32 -23.74 36.84
N7 ADP M . -24.09 -22.81 36.22
C5 ADP M . -24.66 -23.40 35.16
C6 ADP M . -25.59 -23.00 34.09
N6 ADP M . -26.06 -21.73 34.02
N1 ADP M . -25.93 -23.92 33.17
C2 ADP M . -25.46 -25.18 33.24
N3 ADP M . -24.62 -25.62 34.18
C4 ADP M . -24.19 -24.79 35.15
MG MG N . 6.83 10.90 -48.40
PB ADP O . 9.06 12.74 -49.84
O1B ADP O . 8.79 14.05 -50.52
O2B ADP O . 8.47 12.60 -48.47
O3B ADP O . 8.84 11.53 -50.71
PA ADP O . 11.45 11.38 -49.54
O1A ADP O . 11.63 10.86 -50.94
O2A ADP O . 10.83 10.51 -48.49
O3A ADP O . 10.65 12.75 -49.62
O5' ADP O . 12.87 11.88 -49.02
C5' ADP O . 13.70 12.62 -49.90
C4' ADP O . 15.10 12.05 -49.85
O4' ADP O . 15.06 10.72 -50.36
C3' ADP O . 16.07 12.83 -50.72
O3' ADP O . 16.95 13.59 -49.90
C2' ADP O . 16.85 11.79 -51.47
O2' ADP O . 18.15 11.69 -50.90
C1' ADP O . 16.12 10.48 -51.27
N9 ADP O . 15.49 10.10 -52.54
C8 ADP O . 14.18 10.14 -52.77
N7 ADP O . 13.89 9.73 -54.03
C5 ADP O . 15.05 9.42 -54.62
C6 ADP O . 15.46 8.93 -55.94
N6 ADP O . 14.54 8.68 -56.92
N1 ADP O . 16.78 8.73 -56.16
C2 ADP O . 17.69 8.98 -55.21
N3 ADP O . 17.39 9.43 -53.99
C4 ADP O . 16.11 9.67 -53.64
#